data_3TA7
# 
_entry.id   3TA7 
# 
_audit_conform.dict_name       mmcif_pdbx.dic 
_audit_conform.dict_version    5.387 
_audit_conform.dict_location   http://mmcif.pdb.org/dictionaries/ascii/mmcif_pdbx.dic 
# 
loop_
_database_2.database_id 
_database_2.database_code 
_database_2.pdbx_database_accession 
_database_2.pdbx_DOI 
PDB   3TA7         pdb_00003ta7 10.2210/pdb3ta7/pdb 
RCSB  RCSB067231   ?            ?                   
WWPDB D_1000067231 ?            ?                   
# 
loop_
_pdbx_audit_revision_history.ordinal 
_pdbx_audit_revision_history.data_content_type 
_pdbx_audit_revision_history.major_revision 
_pdbx_audit_revision_history.minor_revision 
_pdbx_audit_revision_history.revision_date 
1 'Structure model' 1 0 2011-10-12 
2 'Structure model' 1 1 2012-02-01 
3 'Structure model' 1 2 2014-04-09 
4 'Structure model' 1 3 2024-02-28 
# 
_pdbx_audit_revision_details.ordinal             1 
_pdbx_audit_revision_details.revision_ordinal    1 
_pdbx_audit_revision_details.data_content_type   'Structure model' 
_pdbx_audit_revision_details.provider            repository 
_pdbx_audit_revision_details.type                'Initial release' 
_pdbx_audit_revision_details.description         ? 
_pdbx_audit_revision_details.details             ? 
# 
loop_
_pdbx_audit_revision_group.ordinal 
_pdbx_audit_revision_group.revision_ordinal 
_pdbx_audit_revision_group.data_content_type 
_pdbx_audit_revision_group.group 
1 2 'Structure model' 'Database references'  
2 3 'Structure model' 'Source and taxonomy'  
3 4 'Structure model' 'Data collection'      
4 4 'Structure model' 'Database references'  
5 4 'Structure model' 'Derived calculations' 
# 
loop_
_pdbx_audit_revision_category.ordinal 
_pdbx_audit_revision_category.revision_ordinal 
_pdbx_audit_revision_category.data_content_type 
_pdbx_audit_revision_category.category 
1 4 'Structure model' chem_comp_atom         
2 4 'Structure model' chem_comp_bond         
3 4 'Structure model' database_2             
4 4 'Structure model' pdbx_struct_conn_angle 
5 4 'Structure model' struct_conn            
6 4 'Structure model' struct_ref_seq_dif     
7 4 'Structure model' struct_site            
# 
loop_
_pdbx_audit_revision_item.ordinal 
_pdbx_audit_revision_item.revision_ordinal 
_pdbx_audit_revision_item.data_content_type 
_pdbx_audit_revision_item.item 
1  4 'Structure model' '_database_2.pdbx_DOI'                        
2  4 'Structure model' '_database_2.pdbx_database_accession'         
3  4 'Structure model' '_pdbx_struct_conn_angle.ptnr1_auth_comp_id'  
4  4 'Structure model' '_pdbx_struct_conn_angle.ptnr1_auth_seq_id'   
5  4 'Structure model' '_pdbx_struct_conn_angle.ptnr1_label_asym_id' 
6  4 'Structure model' '_pdbx_struct_conn_angle.ptnr1_label_atom_id' 
7  4 'Structure model' '_pdbx_struct_conn_angle.ptnr1_label_comp_id' 
8  4 'Structure model' '_pdbx_struct_conn_angle.ptnr1_label_seq_id'  
9  4 'Structure model' '_pdbx_struct_conn_angle.ptnr3_auth_comp_id'  
10 4 'Structure model' '_pdbx_struct_conn_angle.ptnr3_auth_seq_id'   
11 4 'Structure model' '_pdbx_struct_conn_angle.ptnr3_label_asym_id' 
12 4 'Structure model' '_pdbx_struct_conn_angle.ptnr3_label_atom_id' 
13 4 'Structure model' '_pdbx_struct_conn_angle.ptnr3_label_comp_id' 
14 4 'Structure model' '_pdbx_struct_conn_angle.ptnr3_label_seq_id'  
15 4 'Structure model' '_pdbx_struct_conn_angle.value'               
16 4 'Structure model' '_struct_conn.pdbx_dist_value'                
17 4 'Structure model' '_struct_conn.ptnr1_auth_comp_id'             
18 4 'Structure model' '_struct_conn.ptnr1_auth_seq_id'              
19 4 'Structure model' '_struct_conn.ptnr1_label_asym_id'            
20 4 'Structure model' '_struct_conn.ptnr1_label_atom_id'            
21 4 'Structure model' '_struct_conn.ptnr1_label_comp_id'            
22 4 'Structure model' '_struct_conn.ptnr1_label_seq_id'             
23 4 'Structure model' '_struct_conn.ptnr2_auth_comp_id'             
24 4 'Structure model' '_struct_conn.ptnr2_auth_seq_id'              
25 4 'Structure model' '_struct_conn.ptnr2_label_asym_id'            
26 4 'Structure model' '_struct_conn.ptnr2_label_atom_id'            
27 4 'Structure model' '_struct_conn.ptnr2_label_comp_id'            
28 4 'Structure model' '_struct_ref_seq_dif.details'                 
29 4 'Structure model' '_struct_site.pdbx_auth_asym_id'              
30 4 'Structure model' '_struct_site.pdbx_auth_comp_id'              
31 4 'Structure model' '_struct_site.pdbx_auth_seq_id'               
# 
_pdbx_database_status.status_code                     REL 
_pdbx_database_status.entry_id                        3TA7 
_pdbx_database_status.recvd_initial_deposition_date   2011-08-03 
_pdbx_database_status.deposit_site                    RCSB 
_pdbx_database_status.process_site                    RCSB 
_pdbx_database_status.status_code_sf                  REL 
_pdbx_database_status.status_code_mr                  ? 
_pdbx_database_status.SG_entry                        ? 
_pdbx_database_status.status_code_cs                  ? 
_pdbx_database_status.methods_development_category    ? 
_pdbx_database_status.pdb_format_compatible           Y 
_pdbx_database_status.status_code_nmr_data            ? 
# 
loop_
_pdbx_database_related.db_name 
_pdbx_database_related.db_id 
_pdbx_database_related.details 
_pdbx_database_related.content_type 
PDB 3P4H . unspecified 
PDB 3TA5 . unspecified 
# 
loop_
_audit_author.name 
_audit_author.pdbx_ordinal 
'Das, U.'    1 
'Smith, P.'  2 
'Shuman, S.' 3 
# 
_citation.id                        primary 
_citation.title                     
;Structural insights to the metal specificity of an archaeal member of the LigD 3'-phosphoesterase DNA repair enzyme family.
;
_citation.journal_abbrev            'Nucleic Acids Res.' 
_citation.journal_volume            40 
_citation.page_first                828 
_citation.page_last                 836 
_citation.year                      2012 
_citation.journal_id_ASTM           NARHAD 
_citation.country                   UK 
_citation.journal_id_ISSN           0305-1048 
_citation.journal_id_CSD            0389 
_citation.book_publisher            ? 
_citation.pdbx_database_id_PubMed   21965539 
_citation.pdbx_database_id_DOI      10.1093/nar/gkr767 
# 
loop_
_citation_author.citation_id 
_citation_author.name 
_citation_author.ordinal 
_citation_author.identifier_ORCID 
primary 'Das, U.'    1 ? 
primary 'Smith, P.'  2 ? 
primary 'Shuman, S.' 3 ? 
# 
loop_
_entity.id 
_entity.type 
_entity.src_method 
_entity.pdbx_description 
_entity.formula_weight 
_entity.pdbx_number_of_molecules 
_entity.pdbx_ec 
_entity.pdbx_mutation 
_entity.pdbx_fragment 
_entity.details 
1 polymer     man 'ATP-dependent DNA ligase, N-terminal domain protein' 13850.097 1   ? ? ? ? 
2 non-polymer syn 'ZINC ION'                                            65.409    1   ? ? ? ? 
3 non-polymer syn 'PHOSPHATE ION'                                       94.971    1   ? ? ? ? 
4 non-polymer syn 'DI(HYDROXYETHYL)ETHER'                               106.120   1   ? ? ? ? 
5 water       nat water                                                 18.015    207 ? ? ? ? 
# 
_entity_poly.entity_id                      1 
_entity_poly.type                           'polypeptide(L)' 
_entity_poly.nstd_linkage                   no 
_entity_poly.nstd_monomer                   no 
_entity_poly.pdbx_seq_one_letter_code       
;SMPRFVVQEHHARRLHWDLRLEMDNVLKSWALPKGVPEKRGVKRLAIETEDHDLSYIDFEGRIPEGMYGAGEVKIWDSGE
YELLERTENKIKFLAKGRKMNGEYVLIKTKVGWLLMKA
;
_entity_poly.pdbx_seq_one_letter_code_can   
;SMPRFVVQEHHARRLHWDLRLEMDNVLKSWALPKGVPEKRGVKRLAIETEDHDLSYIDFEGRIPEGMYGAGEVKIWDSGE
YELLERTENKIKFLAKGRKMNGEYVLIKTKVGWLLMKA
;
_entity_poly.pdbx_strand_id                 A 
_entity_poly.pdbx_target_identifier         ? 
# 
loop_
_pdbx_entity_nonpoly.entity_id 
_pdbx_entity_nonpoly.name 
_pdbx_entity_nonpoly.comp_id 
2 'ZINC ION'              ZN  
3 'PHOSPHATE ION'         PO4 
4 'DI(HYDROXYETHYL)ETHER' PEG 
5 water                   HOH 
# 
loop_
_entity_poly_seq.entity_id 
_entity_poly_seq.num 
_entity_poly_seq.mon_id 
_entity_poly_seq.hetero 
1 1   SER n 
1 2   MET n 
1 3   PRO n 
1 4   ARG n 
1 5   PHE n 
1 6   VAL n 
1 7   VAL n 
1 8   GLN n 
1 9   GLU n 
1 10  HIS n 
1 11  HIS n 
1 12  ALA n 
1 13  ARG n 
1 14  ARG n 
1 15  LEU n 
1 16  HIS n 
1 17  TRP n 
1 18  ASP n 
1 19  LEU n 
1 20  ARG n 
1 21  LEU n 
1 22  GLU n 
1 23  MET n 
1 24  ASP n 
1 25  ASN n 
1 26  VAL n 
1 27  LEU n 
1 28  LYS n 
1 29  SER n 
1 30  TRP n 
1 31  ALA n 
1 32  LEU n 
1 33  PRO n 
1 34  LYS n 
1 35  GLY n 
1 36  VAL n 
1 37  PRO n 
1 38  GLU n 
1 39  LYS n 
1 40  ARG n 
1 41  GLY n 
1 42  VAL n 
1 43  LYS n 
1 44  ARG n 
1 45  LEU n 
1 46  ALA n 
1 47  ILE n 
1 48  GLU n 
1 49  THR n 
1 50  GLU n 
1 51  ASP n 
1 52  HIS n 
1 53  ASP n 
1 54  LEU n 
1 55  SER n 
1 56  TYR n 
1 57  ILE n 
1 58  ASP n 
1 59  PHE n 
1 60  GLU n 
1 61  GLY n 
1 62  ARG n 
1 63  ILE n 
1 64  PRO n 
1 65  GLU n 
1 66  GLY n 
1 67  MET n 
1 68  TYR n 
1 69  GLY n 
1 70  ALA n 
1 71  GLY n 
1 72  GLU n 
1 73  VAL n 
1 74  LYS n 
1 75  ILE n 
1 76  TRP n 
1 77  ASP n 
1 78  SER n 
1 79  GLY n 
1 80  GLU n 
1 81  TYR n 
1 82  GLU n 
1 83  LEU n 
1 84  LEU n 
1 85  GLU n 
1 86  ARG n 
1 87  THR n 
1 88  GLU n 
1 89  ASN n 
1 90  LYS n 
1 91  ILE n 
1 92  LYS n 
1 93  PHE n 
1 94  LEU n 
1 95  ALA n 
1 96  LYS n 
1 97  GLY n 
1 98  ARG n 
1 99  LYS n 
1 100 MET n 
1 101 ASN n 
1 102 GLY n 
1 103 GLU n 
1 104 TYR n 
1 105 VAL n 
1 106 LEU n 
1 107 ILE n 
1 108 LYS n 
1 109 THR n 
1 110 LYS n 
1 111 VAL n 
1 112 GLY n 
1 113 TRP n 
1 114 LEU n 
1 115 LEU n 
1 116 MET n 
1 117 LYS n 
1 118 ALA n 
# 
_entity_src_gen.entity_id                          1 
_entity_src_gen.pdbx_src_id                        1 
_entity_src_gen.pdbx_alt_source_flag               sample 
_entity_src_gen.pdbx_seq_type                      ? 
_entity_src_gen.pdbx_beg_seq_num                   ? 
_entity_src_gen.pdbx_end_seq_num                   ? 
_entity_src_gen.gene_src_common_name               ? 
_entity_src_gen.gene_src_genus                     ? 
_entity_src_gen.pdbx_gene_src_gene                 Kcr_0736 
_entity_src_gen.gene_src_species                   ? 
_entity_src_gen.gene_src_strain                    ? 
_entity_src_gen.gene_src_tissue                    ? 
_entity_src_gen.gene_src_tissue_fraction           ? 
_entity_src_gen.gene_src_details                   ? 
_entity_src_gen.pdbx_gene_src_fragment             ? 
_entity_src_gen.pdbx_gene_src_scientific_name      'Candidatus Korarchaeum cryptofilum OPF8' 
_entity_src_gen.pdbx_gene_src_ncbi_taxonomy_id     374847 
_entity_src_gen.pdbx_gene_src_variant              ? 
_entity_src_gen.pdbx_gene_src_cell_line            ? 
_entity_src_gen.pdbx_gene_src_atcc                 ? 
_entity_src_gen.pdbx_gene_src_organ                ? 
_entity_src_gen.pdbx_gene_src_organelle            ? 
_entity_src_gen.pdbx_gene_src_cell                 ? 
_entity_src_gen.pdbx_gene_src_cellular_location    ? 
_entity_src_gen.host_org_common_name               ? 
_entity_src_gen.pdbx_host_org_scientific_name      'Escherichia coli' 
_entity_src_gen.pdbx_host_org_ncbi_taxonomy_id     469008 
_entity_src_gen.host_org_genus                     ? 
_entity_src_gen.pdbx_host_org_gene                 ? 
_entity_src_gen.pdbx_host_org_organ                ? 
_entity_src_gen.host_org_species                   ? 
_entity_src_gen.pdbx_host_org_tissue               ? 
_entity_src_gen.pdbx_host_org_tissue_fraction      ? 
_entity_src_gen.pdbx_host_org_strain               'BL21(DE3)' 
_entity_src_gen.pdbx_host_org_variant              ? 
_entity_src_gen.pdbx_host_org_cell_line            ? 
_entity_src_gen.pdbx_host_org_atcc                 ? 
_entity_src_gen.pdbx_host_org_culture_collection   ? 
_entity_src_gen.pdbx_host_org_cell                 ? 
_entity_src_gen.pdbx_host_org_organelle            ? 
_entity_src_gen.pdbx_host_org_cellular_location    ? 
_entity_src_gen.pdbx_host_org_vector_type          pET28bSmt3 
_entity_src_gen.pdbx_host_org_vector               ? 
_entity_src_gen.host_org_details                   ? 
_entity_src_gen.expression_system_id               ? 
_entity_src_gen.plasmid_name                       ? 
_entity_src_gen.plasmid_details                    ? 
_entity_src_gen.pdbx_description                   ? 
# 
loop_
_chem_comp.id 
_chem_comp.type 
_chem_comp.mon_nstd_flag 
_chem_comp.name 
_chem_comp.pdbx_synonyms 
_chem_comp.formula 
_chem_comp.formula_weight 
ALA 'L-peptide linking' y ALANINE                 ? 'C3 H7 N O2'     89.093  
ARG 'L-peptide linking' y ARGININE                ? 'C6 H15 N4 O2 1' 175.209 
ASN 'L-peptide linking' y ASPARAGINE              ? 'C4 H8 N2 O3'    132.118 
ASP 'L-peptide linking' y 'ASPARTIC ACID'         ? 'C4 H7 N O4'     133.103 
GLN 'L-peptide linking' y GLUTAMINE               ? 'C5 H10 N2 O3'   146.144 
GLU 'L-peptide linking' y 'GLUTAMIC ACID'         ? 'C5 H9 N O4'     147.129 
GLY 'peptide linking'   y GLYCINE                 ? 'C2 H5 N O2'     75.067  
HIS 'L-peptide linking' y HISTIDINE               ? 'C6 H10 N3 O2 1' 156.162 
HOH non-polymer         . WATER                   ? 'H2 O'           18.015  
ILE 'L-peptide linking' y ISOLEUCINE              ? 'C6 H13 N O2'    131.173 
LEU 'L-peptide linking' y LEUCINE                 ? 'C6 H13 N O2'    131.173 
LYS 'L-peptide linking' y LYSINE                  ? 'C6 H15 N2 O2 1' 147.195 
MET 'L-peptide linking' y METHIONINE              ? 'C5 H11 N O2 S'  149.211 
PEG non-polymer         . 'DI(HYDROXYETHYL)ETHER' ? 'C4 H10 O3'      106.120 
PHE 'L-peptide linking' y PHENYLALANINE           ? 'C9 H11 N O2'    165.189 
PO4 non-polymer         . 'PHOSPHATE ION'         ? 'O4 P -3'        94.971  
PRO 'L-peptide linking' y PROLINE                 ? 'C5 H9 N O2'     115.130 
SER 'L-peptide linking' y SERINE                  ? 'C3 H7 N O3'     105.093 
THR 'L-peptide linking' y THREONINE               ? 'C4 H9 N O3'     119.119 
TRP 'L-peptide linking' y TRYPTOPHAN              ? 'C11 H12 N2 O2'  204.225 
TYR 'L-peptide linking' y TYROSINE                ? 'C9 H11 N O3'    181.189 
VAL 'L-peptide linking' y VALINE                  ? 'C5 H11 N O2'    117.146 
ZN  non-polymer         . 'ZINC ION'              ? 'Zn 2'           65.409  
# 
loop_
_pdbx_poly_seq_scheme.asym_id 
_pdbx_poly_seq_scheme.entity_id 
_pdbx_poly_seq_scheme.seq_id 
_pdbx_poly_seq_scheme.mon_id 
_pdbx_poly_seq_scheme.ndb_seq_num 
_pdbx_poly_seq_scheme.pdb_seq_num 
_pdbx_poly_seq_scheme.auth_seq_num 
_pdbx_poly_seq_scheme.pdb_mon_id 
_pdbx_poly_seq_scheme.auth_mon_id 
_pdbx_poly_seq_scheme.pdb_strand_id 
_pdbx_poly_seq_scheme.pdb_ins_code 
_pdbx_poly_seq_scheme.hetero 
A 1 1   SER 1   0   0   SER SER A . n 
A 1 2   MET 2   1   1   MET MET A . n 
A 1 3   PRO 3   2   2   PRO PRO A . n 
A 1 4   ARG 4   3   3   ARG ARG A . n 
A 1 5   PHE 5   4   4   PHE PHE A . n 
A 1 6   VAL 6   5   5   VAL VAL A . n 
A 1 7   VAL 7   6   6   VAL VAL A . n 
A 1 8   GLN 8   7   7   GLN GLN A . n 
A 1 9   GLU 9   8   8   GLU GLU A . n 
A 1 10  HIS 10  9   9   HIS HIS A . n 
A 1 11  HIS 11  10  10  HIS HIS A . n 
A 1 12  ALA 12  11  11  ALA ALA A . n 
A 1 13  ARG 13  12  12  ARG ARG A . n 
A 1 14  ARG 14  13  13  ARG ARG A . n 
A 1 15  LEU 15  14  14  LEU LEU A . n 
A 1 16  HIS 16  15  15  HIS HIS A . n 
A 1 17  TRP 17  16  16  TRP TRP A . n 
A 1 18  ASP 18  17  17  ASP ASP A . n 
A 1 19  LEU 19  18  18  LEU LEU A . n 
A 1 20  ARG 20  19  19  ARG ARG A . n 
A 1 21  LEU 21  20  20  LEU LEU A . n 
A 1 22  GLU 22  21  21  GLU GLU A . n 
A 1 23  MET 23  22  22  MET MET A . n 
A 1 24  ASP 24  23  23  ASP ASP A . n 
A 1 25  ASN 25  24  24  ASN ASN A . n 
A 1 26  VAL 26  25  25  VAL VAL A . n 
A 1 27  LEU 27  26  26  LEU LEU A . n 
A 1 28  LYS 28  27  27  LYS LYS A . n 
A 1 29  SER 29  28  28  SER SER A . n 
A 1 30  TRP 30  29  29  TRP TRP A . n 
A 1 31  ALA 31  30  30  ALA ALA A . n 
A 1 32  LEU 32  31  31  LEU LEU A . n 
A 1 33  PRO 33  32  32  PRO PRO A . n 
A 1 34  LYS 34  33  33  LYS LYS A . n 
A 1 35  GLY 35  34  34  GLY GLY A . n 
A 1 36  VAL 36  35  35  VAL VAL A . n 
A 1 37  PRO 37  36  36  PRO PRO A . n 
A 1 38  GLU 38  37  37  GLU GLU A . n 
A 1 39  LYS 39  38  38  LYS LYS A . n 
A 1 40  ARG 40  39  39  ARG ARG A . n 
A 1 41  GLY 41  40  40  GLY GLY A . n 
A 1 42  VAL 42  41  41  VAL VAL A . n 
A 1 43  LYS 43  42  42  LYS LYS A . n 
A 1 44  ARG 44  43  43  ARG ARG A . n 
A 1 45  LEU 45  44  44  LEU LEU A . n 
A 1 46  ALA 46  45  45  ALA ALA A . n 
A 1 47  ILE 47  46  46  ILE ILE A . n 
A 1 48  GLU 48  47  47  GLU GLU A . n 
A 1 49  THR 49  48  48  THR THR A . n 
A 1 50  GLU 50  49  49  GLU GLU A . n 
A 1 51  ASP 51  50  50  ASP ASP A . n 
A 1 52  HIS 52  51  51  HIS HIS A . n 
A 1 53  ASP 53  52  52  ASP ASP A . n 
A 1 54  LEU 54  53  53  LEU LEU A . n 
A 1 55  SER 55  54  54  SER SER A . n 
A 1 56  TYR 56  55  55  TYR TYR A . n 
A 1 57  ILE 57  56  56  ILE ILE A . n 
A 1 58  ASP 58  57  57  ASP ASP A . n 
A 1 59  PHE 59  58  58  PHE PHE A . n 
A 1 60  GLU 60  59  59  GLU GLU A . n 
A 1 61  GLY 61  60  60  GLY GLY A . n 
A 1 62  ARG 62  61  61  ARG ARG A . n 
A 1 63  ILE 63  62  62  ILE ILE A . n 
A 1 64  PRO 64  63  63  PRO PRO A . n 
A 1 65  GLU 65  64  64  GLU GLU A . n 
A 1 66  GLY 66  65  65  GLY GLY A . n 
A 1 67  MET 67  66  66  MET MET A . n 
A 1 68  TYR 68  67  67  TYR TYR A . n 
A 1 69  GLY 69  68  68  GLY GLY A . n 
A 1 70  ALA 70  69  69  ALA ALA A . n 
A 1 71  GLY 71  70  70  GLY GLY A . n 
A 1 72  GLU 72  71  71  GLU GLU A . n 
A 1 73  VAL 73  72  72  VAL VAL A . n 
A 1 74  LYS 74  73  73  LYS LYS A . n 
A 1 75  ILE 75  74  74  ILE ILE A . n 
A 1 76  TRP 76  75  75  TRP TRP A . n 
A 1 77  ASP 77  76  76  ASP ASP A . n 
A 1 78  SER 78  77  77  SER SER A . n 
A 1 79  GLY 79  78  78  GLY GLY A . n 
A 1 80  GLU 80  79  79  GLU GLU A . n 
A 1 81  TYR 81  80  80  TYR TYR A . n 
A 1 82  GLU 82  81  81  GLU GLU A . n 
A 1 83  LEU 83  82  82  LEU LEU A . n 
A 1 84  LEU 84  83  83  LEU LEU A . n 
A 1 85  GLU 85  84  84  GLU GLU A . n 
A 1 86  ARG 86  85  85  ARG ARG A . n 
A 1 87  THR 87  86  86  THR THR A . n 
A 1 88  GLU 88  87  87  GLU GLU A . n 
A 1 89  ASN 89  88  88  ASN ASN A . n 
A 1 90  LYS 90  89  89  LYS LYS A . n 
A 1 91  ILE 91  90  90  ILE ILE A . n 
A 1 92  LYS 92  91  91  LYS LYS A . n 
A 1 93  PHE 93  92  92  PHE PHE A . n 
A 1 94  LEU 94  93  93  LEU LEU A . n 
A 1 95  ALA 95  94  94  ALA ALA A . n 
A 1 96  LYS 96  95  95  LYS LYS A . n 
A 1 97  GLY 97  96  96  GLY GLY A . n 
A 1 98  ARG 98  97  97  ARG ARG A . n 
A 1 99  LYS 99  98  98  LYS LYS A . n 
A 1 100 MET 100 99  99  MET MET A . n 
A 1 101 ASN 101 100 100 ASN ASN A . n 
A 1 102 GLY 102 101 101 GLY GLY A . n 
A 1 103 GLU 103 102 102 GLU GLU A . n 
A 1 104 TYR 104 103 103 TYR TYR A . n 
A 1 105 VAL 105 104 104 VAL VAL A . n 
A 1 106 LEU 106 105 105 LEU LEU A . n 
A 1 107 ILE 107 106 106 ILE ILE A . n 
A 1 108 LYS 108 107 107 LYS LYS A . n 
A 1 109 THR 109 108 108 THR THR A . n 
A 1 110 LYS 110 109 109 LYS LYS A . n 
A 1 111 VAL 111 110 110 VAL VAL A . n 
A 1 112 GLY 112 111 111 GLY GLY A . n 
A 1 113 TRP 113 112 112 TRP TRP A . n 
A 1 114 LEU 114 113 113 LEU LEU A . n 
A 1 115 LEU 115 114 114 LEU LEU A . n 
A 1 116 MET 116 115 115 MET MET A . n 
A 1 117 LYS 117 116 116 LYS LYS A . n 
A 1 118 ALA 118 117 117 ALA ALA A . n 
# 
loop_
_pdbx_nonpoly_scheme.asym_id 
_pdbx_nonpoly_scheme.entity_id 
_pdbx_nonpoly_scheme.mon_id 
_pdbx_nonpoly_scheme.ndb_seq_num 
_pdbx_nonpoly_scheme.pdb_seq_num 
_pdbx_nonpoly_scheme.auth_seq_num 
_pdbx_nonpoly_scheme.pdb_mon_id 
_pdbx_nonpoly_scheme.auth_mon_id 
_pdbx_nonpoly_scheme.pdb_strand_id 
_pdbx_nonpoly_scheme.pdb_ins_code 
B 2 ZN  1   200 200 ZN  ZN  A . 
C 3 PO4 1   118 1   PO4 PO4 A . 
D 4 PEG 1   119 1   PEG PEG A . 
E 5 HOH 1   120 120 HOH HOH A . 
E 5 HOH 2   121 121 HOH HOH A . 
E 5 HOH 3   122 122 HOH HOH A . 
E 5 HOH 4   123 123 HOH HOH A . 
E 5 HOH 5   124 124 HOH HOH A . 
E 5 HOH 6   125 125 HOH HOH A . 
E 5 HOH 7   126 126 HOH HOH A . 
E 5 HOH 8   127 127 HOH HOH A . 
E 5 HOH 9   128 128 HOH HOH A . 
E 5 HOH 10  129 129 HOH HOH A . 
E 5 HOH 11  130 130 HOH HOH A . 
E 5 HOH 12  131 131 HOH HOH A . 
E 5 HOH 13  132 132 HOH HOH A . 
E 5 HOH 14  133 133 HOH HOH A . 
E 5 HOH 15  134 134 HOH HOH A . 
E 5 HOH 16  135 135 HOH HOH A . 
E 5 HOH 17  136 136 HOH HOH A . 
E 5 HOH 18  137 137 HOH HOH A . 
E 5 HOH 19  138 138 HOH HOH A . 
E 5 HOH 20  139 139 HOH HOH A . 
E 5 HOH 21  140 140 HOH HOH A . 
E 5 HOH 22  141 141 HOH HOH A . 
E 5 HOH 23  142 142 HOH HOH A . 
E 5 HOH 24  143 143 HOH HOH A . 
E 5 HOH 25  144 144 HOH HOH A . 
E 5 HOH 26  145 145 HOH HOH A . 
E 5 HOH 27  146 146 HOH HOH A . 
E 5 HOH 28  147 147 HOH HOH A . 
E 5 HOH 29  148 148 HOH HOH A . 
E 5 HOH 30  149 149 HOH HOH A . 
E 5 HOH 31  150 150 HOH HOH A . 
E 5 HOH 32  151 151 HOH HOH A . 
E 5 HOH 33  152 152 HOH HOH A . 
E 5 HOH 34  153 153 HOH HOH A . 
E 5 HOH 35  154 154 HOH HOH A . 
E 5 HOH 36  155 155 HOH HOH A . 
E 5 HOH 37  156 156 HOH HOH A . 
E 5 HOH 38  157 157 HOH HOH A . 
E 5 HOH 39  158 158 HOH HOH A . 
E 5 HOH 40  159 159 HOH HOH A . 
E 5 HOH 41  160 160 HOH HOH A . 
E 5 HOH 42  161 161 HOH HOH A . 
E 5 HOH 43  162 162 HOH HOH A . 
E 5 HOH 44  163 163 HOH HOH A . 
E 5 HOH 45  164 164 HOH HOH A . 
E 5 HOH 46  165 165 HOH HOH A . 
E 5 HOH 47  166 166 HOH HOH A . 
E 5 HOH 48  167 167 HOH HOH A . 
E 5 HOH 49  168 168 HOH HOH A . 
E 5 HOH 50  169 169 HOH HOH A . 
E 5 HOH 51  170 170 HOH HOH A . 
E 5 HOH 52  171 171 HOH HOH A . 
E 5 HOH 53  172 172 HOH HOH A . 
E 5 HOH 54  173 173 HOH HOH A . 
E 5 HOH 55  174 174 HOH HOH A . 
E 5 HOH 56  175 175 HOH HOH A . 
E 5 HOH 57  176 176 HOH HOH A . 
E 5 HOH 58  177 177 HOH HOH A . 
E 5 HOH 59  178 178 HOH HOH A . 
E 5 HOH 60  179 179 HOH HOH A . 
E 5 HOH 61  180 180 HOH HOH A . 
E 5 HOH 62  181 181 HOH HOH A . 
E 5 HOH 63  182 182 HOH HOH A . 
E 5 HOH 64  183 183 HOH HOH A . 
E 5 HOH 65  184 184 HOH HOH A . 
E 5 HOH 66  185 185 HOH HOH A . 
E 5 HOH 67  186 186 HOH HOH A . 
E 5 HOH 68  187 187 HOH HOH A . 
E 5 HOH 69  188 188 HOH HOH A . 
E 5 HOH 70  189 189 HOH HOH A . 
E 5 HOH 71  190 190 HOH HOH A . 
E 5 HOH 72  191 191 HOH HOH A . 
E 5 HOH 73  192 192 HOH HOH A . 
E 5 HOH 74  193 193 HOH HOH A . 
E 5 HOH 75  194 194 HOH HOH A . 
E 5 HOH 76  195 195 HOH HOH A . 
E 5 HOH 77  196 196 HOH HOH A . 
E 5 HOH 78  197 197 HOH HOH A . 
E 5 HOH 79  198 198 HOH HOH A . 
E 5 HOH 80  199 199 HOH HOH A . 
E 5 HOH 81  201 201 HOH HOH A . 
E 5 HOH 82  202 202 HOH HOH A . 
E 5 HOH 83  203 203 HOH HOH A . 
E 5 HOH 84  204 204 HOH HOH A . 
E 5 HOH 85  205 205 HOH HOH A . 
E 5 HOH 86  206 206 HOH HOH A . 
E 5 HOH 87  207 207 HOH HOH A . 
E 5 HOH 88  208 1   HOH HOH A . 
E 5 HOH 89  209 2   HOH HOH A . 
E 5 HOH 90  210 3   HOH HOH A . 
E 5 HOH 91  211 4   HOH HOH A . 
E 5 HOH 92  212 5   HOH HOH A . 
E 5 HOH 93  213 6   HOH HOH A . 
E 5 HOH 94  214 7   HOH HOH A . 
E 5 HOH 95  215 8   HOH HOH A . 
E 5 HOH 96  216 9   HOH HOH A . 
E 5 HOH 97  217 10  HOH HOH A . 
E 5 HOH 98  218 11  HOH HOH A . 
E 5 HOH 99  219 12  HOH HOH A . 
E 5 HOH 100 220 13  HOH HOH A . 
E 5 HOH 101 221 14  HOH HOH A . 
E 5 HOH 102 222 15  HOH HOH A . 
E 5 HOH 103 223 16  HOH HOH A . 
E 5 HOH 104 224 17  HOH HOH A . 
E 5 HOH 105 225 18  HOH HOH A . 
E 5 HOH 106 226 19  HOH HOH A . 
E 5 HOH 107 227 20  HOH HOH A . 
E 5 HOH 108 228 21  HOH HOH A . 
E 5 HOH 109 229 22  HOH HOH A . 
E 5 HOH 110 230 23  HOH HOH A . 
E 5 HOH 111 231 24  HOH HOH A . 
E 5 HOH 112 232 25  HOH HOH A . 
E 5 HOH 113 233 26  HOH HOH A . 
E 5 HOH 114 234 27  HOH HOH A . 
E 5 HOH 115 235 28  HOH HOH A . 
E 5 HOH 116 236 29  HOH HOH A . 
E 5 HOH 117 237 30  HOH HOH A . 
E 5 HOH 118 238 31  HOH HOH A . 
E 5 HOH 119 239 32  HOH HOH A . 
E 5 HOH 120 240 33  HOH HOH A . 
E 5 HOH 121 241 34  HOH HOH A . 
E 5 HOH 122 242 35  HOH HOH A . 
E 5 HOH 123 243 36  HOH HOH A . 
E 5 HOH 124 244 37  HOH HOH A . 
E 5 HOH 125 245 38  HOH HOH A . 
E 5 HOH 126 246 39  HOH HOH A . 
E 5 HOH 127 247 40  HOH HOH A . 
E 5 HOH 128 248 41  HOH HOH A . 
E 5 HOH 129 249 42  HOH HOH A . 
E 5 HOH 130 250 43  HOH HOH A . 
E 5 HOH 131 251 44  HOH HOH A . 
E 5 HOH 132 252 45  HOH HOH A . 
E 5 HOH 133 253 46  HOH HOH A . 
E 5 HOH 134 254 47  HOH HOH A . 
E 5 HOH 135 255 48  HOH HOH A . 
E 5 HOH 136 256 49  HOH HOH A . 
E 5 HOH 137 257 50  HOH HOH A . 
E 5 HOH 138 258 51  HOH HOH A . 
E 5 HOH 139 259 52  HOH HOH A . 
E 5 HOH 140 260 53  HOH HOH A . 
E 5 HOH 141 261 54  HOH HOH A . 
E 5 HOH 142 262 55  HOH HOH A . 
E 5 HOH 143 263 56  HOH HOH A . 
E 5 HOH 144 264 57  HOH HOH A . 
E 5 HOH 145 265 58  HOH HOH A . 
E 5 HOH 146 266 59  HOH HOH A . 
E 5 HOH 147 267 60  HOH HOH A . 
E 5 HOH 148 268 61  HOH HOH A . 
E 5 HOH 149 269 62  HOH HOH A . 
E 5 HOH 150 270 63  HOH HOH A . 
E 5 HOH 151 271 64  HOH HOH A . 
E 5 HOH 152 272 65  HOH HOH A . 
E 5 HOH 153 273 66  HOH HOH A . 
E 5 HOH 154 274 67  HOH HOH A . 
E 5 HOH 155 275 68  HOH HOH A . 
E 5 HOH 156 276 69  HOH HOH A . 
E 5 HOH 157 277 70  HOH HOH A . 
E 5 HOH 158 278 71  HOH HOH A . 
E 5 HOH 159 279 72  HOH HOH A . 
E 5 HOH 160 280 73  HOH HOH A . 
E 5 HOH 161 281 74  HOH HOH A . 
E 5 HOH 162 282 75  HOH HOH A . 
E 5 HOH 163 283 76  HOH HOH A . 
E 5 HOH 164 284 77  HOH HOH A . 
E 5 HOH 165 285 78  HOH HOH A . 
E 5 HOH 166 286 79  HOH HOH A . 
E 5 HOH 167 287 80  HOH HOH A . 
E 5 HOH 168 288 81  HOH HOH A . 
E 5 HOH 169 289 82  HOH HOH A . 
E 5 HOH 170 290 83  HOH HOH A . 
E 5 HOH 171 291 84  HOH HOH A . 
E 5 HOH 172 292 85  HOH HOH A . 
E 5 HOH 173 293 86  HOH HOH A . 
E 5 HOH 174 294 87  HOH HOH A . 
E 5 HOH 175 295 88  HOH HOH A . 
E 5 HOH 176 296 89  HOH HOH A . 
E 5 HOH 177 297 90  HOH HOH A . 
E 5 HOH 178 298 91  HOH HOH A . 
E 5 HOH 179 299 92  HOH HOH A . 
E 5 HOH 180 300 93  HOH HOH A . 
E 5 HOH 181 301 94  HOH HOH A . 
E 5 HOH 182 302 95  HOH HOH A . 
E 5 HOH 183 303 96  HOH HOH A . 
E 5 HOH 184 304 97  HOH HOH A . 
E 5 HOH 185 305 98  HOH HOH A . 
E 5 HOH 186 306 99  HOH HOH A . 
E 5 HOH 187 307 100 HOH HOH A . 
E 5 HOH 188 308 101 HOH HOH A . 
E 5 HOH 189 309 102 HOH HOH A . 
E 5 HOH 190 310 103 HOH HOH A . 
E 5 HOH 191 311 104 HOH HOH A . 
E 5 HOH 192 312 105 HOH HOH A . 
E 5 HOH 193 313 106 HOH HOH A . 
E 5 HOH 194 314 107 HOH HOH A . 
E 5 HOH 195 315 108 HOH HOH A . 
E 5 HOH 196 316 109 HOH HOH A . 
E 5 HOH 197 317 110 HOH HOH A . 
E 5 HOH 198 318 111 HOH HOH A . 
E 5 HOH 199 319 112 HOH HOH A . 
E 5 HOH 200 320 113 HOH HOH A . 
E 5 HOH 201 321 114 HOH HOH A . 
E 5 HOH 202 322 115 HOH HOH A . 
E 5 HOH 203 323 116 HOH HOH A . 
E 5 HOH 204 324 117 HOH HOH A . 
E 5 HOH 205 325 118 HOH HOH A . 
E 5 HOH 206 326 119 HOH HOH A . 
E 5 HOH 207 327 200 HOH HOH A . 
# 
loop_
_pdbx_unobs_or_zero_occ_atoms.id 
_pdbx_unobs_or_zero_occ_atoms.PDB_model_num 
_pdbx_unobs_or_zero_occ_atoms.polymer_flag 
_pdbx_unobs_or_zero_occ_atoms.occupancy_flag 
_pdbx_unobs_or_zero_occ_atoms.auth_asym_id 
_pdbx_unobs_or_zero_occ_atoms.auth_comp_id 
_pdbx_unobs_or_zero_occ_atoms.auth_seq_id 
_pdbx_unobs_or_zero_occ_atoms.PDB_ins_code 
_pdbx_unobs_or_zero_occ_atoms.auth_atom_id 
_pdbx_unobs_or_zero_occ_atoms.label_alt_id 
_pdbx_unobs_or_zero_occ_atoms.label_asym_id 
_pdbx_unobs_or_zero_occ_atoms.label_comp_id 
_pdbx_unobs_or_zero_occ_atoms.label_seq_id 
_pdbx_unobs_or_zero_occ_atoms.label_atom_id 
1 1 Y 1 A SER 0  ? N   ? A SER 1  N   
2 1 Y 1 A SER 0  ? CB  ? A SER 1  CB  
3 1 Y 1 A SER 0  ? OG  ? A SER 1  OG  
4 1 Y 1 A ARG 97 ? NE  ? A ARG 98 NE  
5 1 Y 1 A ARG 97 ? CZ  ? A ARG 98 CZ  
6 1 Y 1 A ARG 97 ? NH1 ? A ARG 98 NH1 
7 1 Y 1 A ARG 97 ? NH2 ? A ARG 98 NH2 
# 
loop_
_software.name 
_software.classification 
_software.version 
_software.citation_id 
_software.pdbx_ordinal 
CBASS  'data collection' .                          ? 1 
PHENIX 'model building'  .                          ? 2 
PHENIX refinement        '(phenix.refine: dev_833)' ? 3 
MOSFLM 'data reduction'  .                          ? 4 
SCALA  'data scaling'    .                          ? 5 
PHENIX phasing           .                          ? 6 
# 
_cell.entry_id           3TA7 
_cell.length_a           27.740 
_cell.length_b           58.570 
_cell.length_c           32.980 
_cell.angle_alpha        90.00 
_cell.angle_beta         102.37 
_cell.angle_gamma        90.00 
_cell.Z_PDB              2 
_cell.pdbx_unique_axis   ? 
_cell.length_a_esd       ? 
_cell.length_b_esd       ? 
_cell.length_c_esd       ? 
_cell.angle_alpha_esd    ? 
_cell.angle_beta_esd     ? 
_cell.angle_gamma_esd    ? 
# 
_symmetry.entry_id                         3TA7 
_symmetry.space_group_name_H-M             'P 1 21 1' 
_symmetry.pdbx_full_space_group_name_H-M   ? 
_symmetry.cell_setting                     ? 
_symmetry.Int_Tables_number                4 
_symmetry.space_group_name_Hall            ? 
# 
_exptl.entry_id          3TA7 
_exptl.method            'X-RAY DIFFRACTION' 
_exptl.crystals_number   1 
# 
_exptl_crystal.id                    1 
_exptl_crystal.density_meas          ? 
_exptl_crystal.density_Matthews      1.89 
_exptl_crystal.density_percent_sol   34.90 
_exptl_crystal.description           ? 
_exptl_crystal.F_000                 ? 
_exptl_crystal.preparation           ? 
# 
_exptl_crystal_grow.crystal_id      1 
_exptl_crystal_grow.method          'VAPOR DIFFUSION, HANGING DROP' 
_exptl_crystal_grow.temp            298 
_exptl_crystal_grow.temp_details    ? 
_exptl_crystal_grow.pH              8.5 
_exptl_crystal_grow.pdbx_details    
;Crystallization was carried out in hanging-drop vapor-diffusion setups with 1:1 mixtures of protein solution containing 0.7 mM Cko and 10 mM ZnCl2 and reservoir solution containing 20% PEG 3350 and 0.2 M Na2HPO4 , pH 9.5, VAPOR DIFFUSION, HANGING DROP, temperature 298K
;
_exptl_crystal_grow.pdbx_pH_range   ? 
# 
_diffrn.id                     1 
_diffrn.ambient_temp           130 
_diffrn.ambient_temp_details   ? 
_diffrn.crystal_id             1 
# 
_diffrn_detector.diffrn_id              1 
_diffrn_detector.detector               PIXEL 
_diffrn_detector.type                   'PSI PILATUS 6M' 
_diffrn_detector.pdbx_collection_date   2011-04-30 
_diffrn_detector.details                ? 
# 
_diffrn_radiation.diffrn_id                        1 
_diffrn_radiation.wavelength_id                    1 
_diffrn_radiation.pdbx_monochromatic_or_laue_m_l   M 
_diffrn_radiation.monochromator                    'Double silicon(111) crystal' 
_diffrn_radiation.pdbx_diffrn_protocol             'SINGLE WAVELENGTH' 
_diffrn_radiation.pdbx_scattering_type             x-ray 
# 
_diffrn_radiation_wavelength.id           1 
_diffrn_radiation_wavelength.wavelength   1.282 
_diffrn_radiation_wavelength.wt           1.0 
# 
_diffrn_source.diffrn_id                   1 
_diffrn_source.source                      SYNCHROTRON 
_diffrn_source.type                        'NSLS BEAMLINE X25' 
_diffrn_source.pdbx_synchrotron_site       NSLS 
_diffrn_source.pdbx_synchrotron_beamline   X25 
_diffrn_source.pdbx_wavelength             ? 
_diffrn_source.pdbx_wavelength_list        1.282 
# 
_reflns.entry_id                     3TA7 
_reflns.observed_criterion_sigma_I   -99 
_reflns.observed_criterion_sigma_F   -99 
_reflns.d_resolution_low             32.21 
_reflns.d_resolution_high            1.48 
_reflns.number_obs                   16869 
_reflns.number_all                   17231 
_reflns.percent_possible_obs         97.9 
_reflns.pdbx_Rmerge_I_obs            ? 
_reflns.pdbx_Rsym_value              0.028 
_reflns.pdbx_netI_over_sigmaI        16.8 
_reflns.B_iso_Wilson_estimate        ? 
_reflns.pdbx_redundancy              2.8 
_reflns.R_free_details               ? 
_reflns.limit_h_max                  ? 
_reflns.limit_h_min                  ? 
_reflns.limit_k_max                  ? 
_reflns.limit_k_min                  ? 
_reflns.limit_l_max                  ? 
_reflns.limit_l_min                  ? 
_reflns.observed_criterion_F_max     ? 
_reflns.observed_criterion_F_min     ? 
_reflns.pdbx_chi_squared             ? 
_reflns.pdbx_scaling_rejects         ? 
_reflns.pdbx_ordinal                 1 
_reflns.pdbx_diffrn_id               1 
# 
_reflns_shell.d_res_high             1.48 
_reflns_shell.d_res_low              ? 
_reflns_shell.percent_possible_all   97.9 
_reflns_shell.Rmerge_I_obs           ? 
_reflns_shell.pdbx_Rsym_value        0.028 
_reflns_shell.meanI_over_sigI_obs    16.8 
_reflns_shell.pdbx_redundancy        2.8 
_reflns_shell.percent_possible_obs   ? 
_reflns_shell.number_unique_all      ? 
_reflns_shell.number_measured_all    ? 
_reflns_shell.number_measured_obs    ? 
_reflns_shell.number_unique_obs      ? 
_reflns_shell.pdbx_chi_squared       ? 
_reflns_shell.pdbx_ordinal           1 
_reflns_shell.pdbx_diffrn_id         1 
# 
_refine.entry_id                                 3TA7 
_refine.ls_number_reflns_obs                     16852 
_refine.ls_number_reflns_all                     ? 
_refine.pdbx_ls_sigma_I                          ? 
_refine.pdbx_ls_sigma_F                          1.38 
_refine.pdbx_data_cutoff_high_absF               ? 
_refine.pdbx_data_cutoff_low_absF                ? 
_refine.pdbx_data_cutoff_high_rms_absF           ? 
_refine.ls_d_res_low                             29.285 
_refine.ls_d_res_high                            1.480 
_refine.ls_percent_reflns_obs                    97.78 
_refine.ls_R_factor_obs                          0.1503 
_refine.ls_R_factor_all                          ? 
_refine.ls_R_factor_R_work                       0.1471 
_refine.ls_R_factor_R_free                       0.1783 
_refine.ls_R_factor_R_free_error                 ? 
_refine.ls_R_factor_R_free_error_details         ? 
_refine.ls_percent_reflns_R_free                 10.31 
_refine.ls_number_reflns_R_free                  1737 
_refine.ls_number_parameters                     ? 
_refine.ls_number_restraints                     ? 
_refine.occupancy_min                            ? 
_refine.occupancy_max                            ? 
_refine.correlation_coeff_Fo_to_Fc               ? 
_refine.correlation_coeff_Fo_to_Fc_free          ? 
_refine.B_iso_mean                               ? 
_refine.aniso_B[1][1]                            0.7302 
_refine.aniso_B[2][2]                            -2.0522 
_refine.aniso_B[3][3]                            1.3220 
_refine.aniso_B[1][2]                            -0.0000 
_refine.aniso_B[1][3]                            2.4112 
_refine.aniso_B[2][3]                            -0.0000 
_refine.solvent_model_details                    'FLAT BULK SOLVENT MODEL' 
_refine.solvent_model_param_ksol                 0.378 
_refine.solvent_model_param_bsol                 49.982 
_refine.pdbx_solvent_vdw_probe_radii             0.80 
_refine.pdbx_solvent_ion_probe_radii             ? 
_refine.pdbx_solvent_shrinkage_radii             0.47 
_refine.pdbx_ls_cross_valid_method               ? 
_refine.details                                  ? 
_refine.pdbx_starting_model                      ? 
_refine.pdbx_method_to_determine_struct          'MOLECULAR REPLACEMENT' 
_refine.pdbx_isotropic_thermal_model             ? 
_refine.pdbx_stereochemistry_target_values       ML 
_refine.pdbx_stereochem_target_val_spec_case     ? 
_refine.pdbx_R_Free_selection_details            RANDOM 
_refine.pdbx_overall_ESU_R_Free                  ? 
_refine.overall_SU_ML                            0.28 
_refine.pdbx_overall_phase_error                 17.27 
_refine.overall_SU_B                             ? 
_refine.overall_SU_R_Cruickshank_DPI             ? 
_refine.ls_redundancy_reflns_obs                 ? 
_refine.B_iso_min                                ? 
_refine.B_iso_max                                ? 
_refine.overall_SU_R_free                        ? 
_refine.ls_wR_factor_R_free                      ? 
_refine.ls_wR_factor_R_work                      ? 
_refine.overall_FOM_free_R_set                   ? 
_refine.overall_FOM_work_R_set                   ? 
_refine.pdbx_diffrn_id                           1 
_refine.pdbx_refine_id                           'X-RAY DIFFRACTION' 
_refine.pdbx_overall_ESU_R                       ? 
_refine.pdbx_TLS_residual_ADP_flag               ? 
_refine.pdbx_overall_SU_R_free_Cruickshank_DPI   ? 
_refine.pdbx_overall_SU_R_Blow_DPI               ? 
_refine.pdbx_overall_SU_R_free_Blow_DPI          ? 
# 
_refine_hist.pdbx_refine_id                   'X-RAY DIFFRACTION' 
_refine_hist.cycle_id                         LAST 
_refine_hist.pdbx_number_atoms_protein        967 
_refine_hist.pdbx_number_atoms_nucleic_acid   0 
_refine_hist.pdbx_number_atoms_ligand         13 
_refine_hist.number_atoms_solvent             207 
_refine_hist.number_atoms_total               1187 
_refine_hist.d_res_high                       1.480 
_refine_hist.d_res_low                        29.285 
# 
loop_
_refine_ls_restr.type 
_refine_ls_restr.dev_ideal 
_refine_ls_restr.dev_ideal_target 
_refine_ls_restr.weight 
_refine_ls_restr.number 
_refine_ls_restr.pdbx_restraint_function 
_refine_ls_restr.pdbx_refine_id 
f_bond_d           0.013  ? ? 1101 ? 'X-RAY DIFFRACTION' 
f_angle_d          1.491  ? ? 1491 ? 'X-RAY DIFFRACTION' 
f_dihedral_angle_d 13.855 ? ? 446  ? 'X-RAY DIFFRACTION' 
f_chiral_restr     0.095  ? ? 151  ? 'X-RAY DIFFRACTION' 
f_plane_restr      0.007  ? ? 191  ? 'X-RAY DIFFRACTION' 
# 
loop_
_refine_ls_shell.pdbx_total_number_of_bins_used 
_refine_ls_shell.d_res_high 
_refine_ls_shell.d_res_low 
_refine_ls_shell.number_reflns_R_work 
_refine_ls_shell.R_factor_R_work 
_refine_ls_shell.percent_reflns_obs 
_refine_ls_shell.R_factor_R_free 
_refine_ls_shell.R_factor_R_free_error 
_refine_ls_shell.percent_reflns_R_free 
_refine_ls_shell.number_reflns_R_free 
_refine_ls_shell.number_reflns_all 
_refine_ls_shell.R_factor_all 
_refine_ls_shell.number_reflns_obs 
_refine_ls_shell.redundancy_reflns_obs 
_refine_ls_shell.pdbx_refine_id 
. 1.4800 1.5236  1066 0.1666 84.00  0.2179 . . 131 . . . . 'X-RAY DIFFRACTION' 
. 1.5236 1.5728  1241 0.1581 97.00  0.2286 . . 145 . . . . 'X-RAY DIFFRACTION' 
. 1.5728 1.6290  1261 0.1519 99.00  0.1846 . . 156 . . . . 'X-RAY DIFFRACTION' 
. 1.6290 1.6942  1248 0.1556 99.00  0.1910 . . 163 . . . . 'X-RAY DIFFRACTION' 
. 1.6942 1.7713  1268 0.1616 99.00  0.1937 . . 139 . . . . 'X-RAY DIFFRACTION' 
. 1.7713 1.8646  1282 0.1633 99.00  0.1991 . . 136 . . . . 'X-RAY DIFFRACTION' 
. 1.8646 1.9814  1289 0.1480 99.00  0.1838 . . 153 . . . . 'X-RAY DIFFRACTION' 
. 1.9814 2.1344  1291 0.1500 100.00 0.1859 . . 140 . . . . 'X-RAY DIFFRACTION' 
. 2.1344 2.3491  1286 0.1482 100.00 0.2097 . . 143 . . . . 'X-RAY DIFFRACTION' 
. 2.3491 2.6888  1282 0.1538 100.00 0.1953 . . 143 . . . . 'X-RAY DIFFRACTION' 
. 2.6888 3.3868  1289 0.1352 99.00  0.1595 . . 144 . . . . 'X-RAY DIFFRACTION' 
. 3.3868 29.2907 1312 0.1366 99.00  0.1403 . . 144 . . . . 'X-RAY DIFFRACTION' 
# 
_struct.entry_id                  3TA7 
_struct.title                     
;Zinc bound structure of an archaeal member of the LigD 3'-phosphoesterase DNA repair enzyme family
;
_struct.pdbx_model_details        ? 
_struct.pdbx_CASP_flag            ? 
_struct.pdbx_model_type_details   ? 
# 
_struct_keywords.entry_id        3TA7 
_struct_keywords.pdbx_keywords   HYDROLASE 
_struct_keywords.text            
;3'-phosphoesterase, HYDROLASE
;
# 
loop_
_struct_asym.id 
_struct_asym.pdbx_blank_PDB_chainid_flag 
_struct_asym.pdbx_modified 
_struct_asym.entity_id 
_struct_asym.details 
A N N 1 ? 
B N N 2 ? 
C N N 3 ? 
D N N 4 ? 
E N N 5 ? 
# 
_struct_ref.id                         1 
_struct_ref.db_name                    UNP 
_struct_ref.db_code                    B1L4V6_KORCO 
_struct_ref.pdbx_db_accession          B1L4V6 
_struct_ref.entity_id                  1 
_struct_ref.pdbx_seq_one_letter_code   
;MPRFVVQEHHARRLHWDLRLEMDNVLKSWALPKGVPEKRGVKRLAIETEDHDLSYIDFEGRIPEGMYGAGEVKIWDSGEY
ELLERTENKIKFLAKGRKMNGEYVLIKTKVGWLLMKA
;
_struct_ref.pdbx_align_begin           1 
_struct_ref.pdbx_db_isoform            ? 
# 
_struct_ref_seq.align_id                      1 
_struct_ref_seq.ref_id                        1 
_struct_ref_seq.pdbx_PDB_id_code              3TA7 
_struct_ref_seq.pdbx_strand_id                A 
_struct_ref_seq.seq_align_beg                 2 
_struct_ref_seq.pdbx_seq_align_beg_ins_code   ? 
_struct_ref_seq.seq_align_end                 118 
_struct_ref_seq.pdbx_seq_align_end_ins_code   ? 
_struct_ref_seq.pdbx_db_accession             B1L4V6 
_struct_ref_seq.db_align_beg                  1 
_struct_ref_seq.pdbx_db_align_beg_ins_code    ? 
_struct_ref_seq.db_align_end                  117 
_struct_ref_seq.pdbx_db_align_end_ins_code    ? 
_struct_ref_seq.pdbx_auth_seq_align_beg       1 
_struct_ref_seq.pdbx_auth_seq_align_end       117 
# 
_struct_ref_seq_dif.align_id                     1 
_struct_ref_seq_dif.pdbx_pdb_id_code             3TA7 
_struct_ref_seq_dif.mon_id                       SER 
_struct_ref_seq_dif.pdbx_pdb_strand_id           A 
_struct_ref_seq_dif.seq_num                      1 
_struct_ref_seq_dif.pdbx_pdb_ins_code            ? 
_struct_ref_seq_dif.pdbx_seq_db_name             UNP 
_struct_ref_seq_dif.pdbx_seq_db_accession_code   B1L4V6 
_struct_ref_seq_dif.db_mon_id                    ? 
_struct_ref_seq_dif.pdbx_seq_db_seq_num          ? 
_struct_ref_seq_dif.details                      'expression tag' 
_struct_ref_seq_dif.pdbx_auth_seq_num            0 
_struct_ref_seq_dif.pdbx_ordinal                 1 
# 
_pdbx_struct_assembly.id                   1 
_pdbx_struct_assembly.details              author_and_software_defined_assembly 
_pdbx_struct_assembly.method_details       PISA 
_pdbx_struct_assembly.oligomeric_details   monomeric 
_pdbx_struct_assembly.oligomeric_count     1 
# 
_pdbx_struct_assembly_gen.assembly_id       1 
_pdbx_struct_assembly_gen.oper_expression   1 
_pdbx_struct_assembly_gen.asym_id_list      A,B,C,D,E 
# 
_pdbx_struct_oper_list.id                   1 
_pdbx_struct_oper_list.type                 'identity operation' 
_pdbx_struct_oper_list.name                 1_555 
_pdbx_struct_oper_list.symmetry_operation   x,y,z 
_pdbx_struct_oper_list.matrix[1][1]         1.0000000000 
_pdbx_struct_oper_list.matrix[1][2]         0.0000000000 
_pdbx_struct_oper_list.matrix[1][3]         0.0000000000 
_pdbx_struct_oper_list.vector[1]            0.0000000000 
_pdbx_struct_oper_list.matrix[2][1]         0.0000000000 
_pdbx_struct_oper_list.matrix[2][2]         1.0000000000 
_pdbx_struct_oper_list.matrix[2][3]         0.0000000000 
_pdbx_struct_oper_list.vector[2]            0.0000000000 
_pdbx_struct_oper_list.matrix[3][1]         0.0000000000 
_pdbx_struct_oper_list.matrix[3][2]         0.0000000000 
_pdbx_struct_oper_list.matrix[3][3]         1.0000000000 
_pdbx_struct_oper_list.vector[3]            0.0000000000 
# 
_struct_biol.id        1 
_struct_biol.details   ? 
# 
_struct_conf.conf_type_id            HELX_P 
_struct_conf.id                      HELX_P1 
_struct_conf.pdbx_PDB_helix_id       1 
_struct_conf.beg_label_comp_id       ASP 
_struct_conf.beg_label_asym_id       A 
_struct_conf.beg_label_seq_id        53 
_struct_conf.pdbx_beg_PDB_ins_code   ? 
_struct_conf.end_label_comp_id       PHE 
_struct_conf.end_label_asym_id       A 
_struct_conf.end_label_seq_id        59 
_struct_conf.pdbx_end_PDB_ins_code   ? 
_struct_conf.beg_auth_comp_id        ASP 
_struct_conf.beg_auth_asym_id        A 
_struct_conf.beg_auth_seq_id         52 
_struct_conf.end_auth_comp_id        PHE 
_struct_conf.end_auth_asym_id        A 
_struct_conf.end_auth_seq_id         58 
_struct_conf.pdbx_PDB_helix_class    5 
_struct_conf.details                 ? 
_struct_conf.pdbx_PDB_helix_length   7 
# 
_struct_conf_type.id          HELX_P 
_struct_conf_type.criteria    ? 
_struct_conf_type.reference   ? 
# 
loop_
_struct_conn.id 
_struct_conn.conn_type_id 
_struct_conn.pdbx_leaving_atom_flag 
_struct_conn.pdbx_PDB_id 
_struct_conn.ptnr1_label_asym_id 
_struct_conn.ptnr1_label_comp_id 
_struct_conn.ptnr1_label_seq_id 
_struct_conn.ptnr1_label_atom_id 
_struct_conn.pdbx_ptnr1_label_alt_id 
_struct_conn.pdbx_ptnr1_PDB_ins_code 
_struct_conn.pdbx_ptnr1_standard_comp_id 
_struct_conn.ptnr1_symmetry 
_struct_conn.ptnr2_label_asym_id 
_struct_conn.ptnr2_label_comp_id 
_struct_conn.ptnr2_label_seq_id 
_struct_conn.ptnr2_label_atom_id 
_struct_conn.pdbx_ptnr2_label_alt_id 
_struct_conn.pdbx_ptnr2_PDB_ins_code 
_struct_conn.ptnr1_auth_asym_id 
_struct_conn.ptnr1_auth_comp_id 
_struct_conn.ptnr1_auth_seq_id 
_struct_conn.ptnr2_auth_asym_id 
_struct_conn.ptnr2_auth_comp_id 
_struct_conn.ptnr2_auth_seq_id 
_struct_conn.ptnr2_symmetry 
_struct_conn.pdbx_ptnr3_label_atom_id 
_struct_conn.pdbx_ptnr3_label_seq_id 
_struct_conn.pdbx_ptnr3_label_comp_id 
_struct_conn.pdbx_ptnr3_label_asym_id 
_struct_conn.pdbx_ptnr3_label_alt_id 
_struct_conn.pdbx_ptnr3_PDB_ins_code 
_struct_conn.details 
_struct_conn.pdbx_dist_value 
_struct_conn.pdbx_value_order 
_struct_conn.pdbx_role 
metalc1 metalc ? ? A HIS 10 ND1 ? ? ? 1_555 B ZN . ZN ? ? A HIS 9   A ZN 200 1_555 ? ? ? ? ? ? ? 2.094 ? ? 
metalc2 metalc ? ? A HIS 16 NE2 ? ? ? 1_555 B ZN . ZN ? ? A HIS 15  A ZN 200 1_555 ? ? ? ? ? ? ? 2.028 ? ? 
metalc3 metalc ? ? A ASP 18 OD2 ? ? ? 1_555 B ZN . ZN ? ? A ASP 17  A ZN 200 1_555 ? ? ? ? ? ? ? 1.996 ? ? 
metalc4 metalc ? ? C PO4 .  O4  ? ? ? 1_555 B ZN . ZN ? ? A PO4 118 A ZN 200 1_555 ? ? ? ? ? ? ? 1.897 ? ? 
# 
_struct_conn_type.id          metalc 
_struct_conn_type.criteria    ? 
_struct_conn_type.reference   ? 
# 
loop_
_pdbx_struct_conn_angle.id 
_pdbx_struct_conn_angle.ptnr1_label_atom_id 
_pdbx_struct_conn_angle.ptnr1_label_alt_id 
_pdbx_struct_conn_angle.ptnr1_label_asym_id 
_pdbx_struct_conn_angle.ptnr1_label_comp_id 
_pdbx_struct_conn_angle.ptnr1_label_seq_id 
_pdbx_struct_conn_angle.ptnr1_auth_atom_id 
_pdbx_struct_conn_angle.ptnr1_auth_asym_id 
_pdbx_struct_conn_angle.ptnr1_auth_comp_id 
_pdbx_struct_conn_angle.ptnr1_auth_seq_id 
_pdbx_struct_conn_angle.ptnr1_PDB_ins_code 
_pdbx_struct_conn_angle.ptnr1_symmetry 
_pdbx_struct_conn_angle.ptnr2_label_atom_id 
_pdbx_struct_conn_angle.ptnr2_label_alt_id 
_pdbx_struct_conn_angle.ptnr2_label_asym_id 
_pdbx_struct_conn_angle.ptnr2_label_comp_id 
_pdbx_struct_conn_angle.ptnr2_label_seq_id 
_pdbx_struct_conn_angle.ptnr2_auth_atom_id 
_pdbx_struct_conn_angle.ptnr2_auth_asym_id 
_pdbx_struct_conn_angle.ptnr2_auth_comp_id 
_pdbx_struct_conn_angle.ptnr2_auth_seq_id 
_pdbx_struct_conn_angle.ptnr2_PDB_ins_code 
_pdbx_struct_conn_angle.ptnr2_symmetry 
_pdbx_struct_conn_angle.ptnr3_label_atom_id 
_pdbx_struct_conn_angle.ptnr3_label_alt_id 
_pdbx_struct_conn_angle.ptnr3_label_asym_id 
_pdbx_struct_conn_angle.ptnr3_label_comp_id 
_pdbx_struct_conn_angle.ptnr3_label_seq_id 
_pdbx_struct_conn_angle.ptnr3_auth_atom_id 
_pdbx_struct_conn_angle.ptnr3_auth_asym_id 
_pdbx_struct_conn_angle.ptnr3_auth_comp_id 
_pdbx_struct_conn_angle.ptnr3_auth_seq_id 
_pdbx_struct_conn_angle.ptnr3_PDB_ins_code 
_pdbx_struct_conn_angle.ptnr3_symmetry 
_pdbx_struct_conn_angle.value 
_pdbx_struct_conn_angle.value_esd 
1 ND1 ? A HIS 10 ? A HIS 9  ? 1_555 ZN ? B ZN . ? A ZN 200 ? 1_555 NE2 ? A HIS 16 ? A HIS 15  ? 1_555 98.9  ? 
2 ND1 ? A HIS 10 ? A HIS 9  ? 1_555 ZN ? B ZN . ? A ZN 200 ? 1_555 OD2 ? A ASP 18 ? A ASP 17  ? 1_555 105.0 ? 
3 NE2 ? A HIS 16 ? A HIS 15 ? 1_555 ZN ? B ZN . ? A ZN 200 ? 1_555 OD2 ? A ASP 18 ? A ASP 17  ? 1_555 108.0 ? 
4 ND1 ? A HIS 10 ? A HIS 9  ? 1_555 ZN ? B ZN . ? A ZN 200 ? 1_555 O4  ? C PO4 .  ? A PO4 118 ? 1_555 107.3 ? 
5 NE2 ? A HIS 16 ? A HIS 15 ? 1_555 ZN ? B ZN . ? A ZN 200 ? 1_555 O4  ? C PO4 .  ? A PO4 118 ? 1_555 115.5 ? 
6 OD2 ? A ASP 18 ? A ASP 17 ? 1_555 ZN ? B ZN . ? A ZN 200 ? 1_555 O4  ? C PO4 .  ? A PO4 118 ? 1_555 119.6 ? 
# 
_struct_sheet.id               A 
_struct_sheet.type             ? 
_struct_sheet.number_strands   10 
_struct_sheet.details          ? 
# 
loop_
_struct_sheet_order.sheet_id 
_struct_sheet_order.range_id_1 
_struct_sheet_order.range_id_2 
_struct_sheet_order.offset 
_struct_sheet_order.sense 
A 1 2  ? anti-parallel 
A 2 3  ? anti-parallel 
A 3 4  ? anti-parallel 
A 4 5  ? anti-parallel 
A 5 6  ? anti-parallel 
A 6 7  ? anti-parallel 
A 7 8  ? anti-parallel 
A 8 9  ? anti-parallel 
A 9 10 ? anti-parallel 
# 
loop_
_struct_sheet_range.sheet_id 
_struct_sheet_range.id 
_struct_sheet_range.beg_label_comp_id 
_struct_sheet_range.beg_label_asym_id 
_struct_sheet_range.beg_label_seq_id 
_struct_sheet_range.pdbx_beg_PDB_ins_code 
_struct_sheet_range.end_label_comp_id 
_struct_sheet_range.end_label_asym_id 
_struct_sheet_range.end_label_seq_id 
_struct_sheet_range.pdbx_end_PDB_ins_code 
_struct_sheet_range.beg_auth_comp_id 
_struct_sheet_range.beg_auth_asym_id 
_struct_sheet_range.beg_auth_seq_id 
_struct_sheet_range.end_auth_comp_id 
_struct_sheet_range.end_auth_asym_id 
_struct_sheet_range.end_auth_seq_id 
A 1  GLY A 61  ? ILE A 63  ? GLY A 60  ILE A 62  
A 2  GLY A 71  ? THR A 87  ? GLY A 70  THR A 86  
A 3  LYS A 90  ? LYS A 96  ? LYS A 89  LYS A 95  
A 4  ASN A 101 ? THR A 109 ? ASN A 100 THR A 108 
A 5  GLY A 112 ? LYS A 117 ? GLY A 111 LYS A 116 
A 6  LYS A 43  ? HIS A 52  ? LYS A 42  HIS A 51  
A 7  VAL A 26  ? LEU A 32  ? VAL A 25  LEU A 31  
A 8  HIS A 16  ? MET A 23  ? HIS A 15  MET A 22  
A 9  ARG A 4   ? HIS A 11  ? ARG A 3   HIS A 10  
A 10 GLY A 71  ? THR A 87  ? GLY A 70  THR A 86  
# 
loop_
_pdbx_struct_sheet_hbond.sheet_id 
_pdbx_struct_sheet_hbond.range_id_1 
_pdbx_struct_sheet_hbond.range_id_2 
_pdbx_struct_sheet_hbond.range_1_label_atom_id 
_pdbx_struct_sheet_hbond.range_1_label_comp_id 
_pdbx_struct_sheet_hbond.range_1_label_asym_id 
_pdbx_struct_sheet_hbond.range_1_label_seq_id 
_pdbx_struct_sheet_hbond.range_1_PDB_ins_code 
_pdbx_struct_sheet_hbond.range_1_auth_atom_id 
_pdbx_struct_sheet_hbond.range_1_auth_comp_id 
_pdbx_struct_sheet_hbond.range_1_auth_asym_id 
_pdbx_struct_sheet_hbond.range_1_auth_seq_id 
_pdbx_struct_sheet_hbond.range_2_label_atom_id 
_pdbx_struct_sheet_hbond.range_2_label_comp_id 
_pdbx_struct_sheet_hbond.range_2_label_asym_id 
_pdbx_struct_sheet_hbond.range_2_label_seq_id 
_pdbx_struct_sheet_hbond.range_2_PDB_ins_code 
_pdbx_struct_sheet_hbond.range_2_auth_atom_id 
_pdbx_struct_sheet_hbond.range_2_auth_comp_id 
_pdbx_struct_sheet_hbond.range_2_auth_asym_id 
_pdbx_struct_sheet_hbond.range_2_auth_seq_id 
A 1 2  N GLY A 61  ? N GLY A 60  O VAL A 73  ? O VAL A 72  
A 2 3  N LEU A 84  ? N LEU A 83  O LYS A 92  ? O LYS A 91  
A 3 4  N ILE A 91  ? N ILE A 90  O LEU A 106 ? O LEU A 105 
A 4 5  N THR A 109 ? N THR A 108 O GLY A 112 ? O GLY A 111 
A 5 6  O LEU A 115 ? O LEU A 114 N ARG A 44  ? N ARG A 43  
A 6 7  O HIS A 52  ? O HIS A 51  N LEU A 27  ? N LEU A 26  
A 7 8  O LEU A 32  ? O LEU A 31  N TRP A 17  ? N TRP A 16  
A 8 9  O ASP A 18  ? O ASP A 17  N GLN A 8   ? N GLN A 7   
A 9 10 N GLU A 9   ? N GLU A 8   O LYS A 74  ? O LYS A 73  
# 
loop_
_struct_site.id 
_struct_site.pdbx_evidence_code 
_struct_site.pdbx_auth_asym_id 
_struct_site.pdbx_auth_comp_id 
_struct_site.pdbx_auth_seq_id 
_struct_site.pdbx_auth_ins_code 
_struct_site.pdbx_num_residues 
_struct_site.details 
AC1 Software A ZN  200 ? 5  'BINDING SITE FOR RESIDUE ZN A 200'  
AC2 Software A PO4 118 ? 10 'BINDING SITE FOR RESIDUE PO4 A 118' 
AC3 Software A PEG 119 ? 14 'BINDING SITE FOR RESIDUE PEG A 119' 
# 
loop_
_struct_site_gen.id 
_struct_site_gen.site_id 
_struct_site_gen.pdbx_num_res 
_struct_site_gen.label_comp_id 
_struct_site_gen.label_asym_id 
_struct_site_gen.label_seq_id 
_struct_site_gen.pdbx_auth_ins_code 
_struct_site_gen.auth_comp_id 
_struct_site_gen.auth_asym_id 
_struct_site_gen.auth_seq_id 
_struct_site_gen.label_atom_id 
_struct_site_gen.label_alt_id 
_struct_site_gen.symmetry 
_struct_site_gen.details 
1  AC1 5  HIS A 10 ? HIS A 9   . ? 1_555 ? 
2  AC1 5  HIS A 16 ? HIS A 15  . ? 1_555 ? 
3  AC1 5  ASP A 18 ? ASP A 17  . ? 1_555 ? 
4  AC1 5  PO4 C .  ? PO4 A 118 . ? 1_555 ? 
5  AC1 5  PEG D .  ? PEG A 119 . ? 1_455 ? 
6  AC2 10 HIS A 10 ? HIS A 9   . ? 1_555 ? 
7  AC2 10 HIS A 16 ? HIS A 15  . ? 1_555 ? 
8  AC2 10 ASP A 18 ? ASP A 17  . ? 1_555 ? 
9  AC2 10 ARG A 20 ? ARG A 19  . ? 1_555 ? 
10 AC2 10 PEG D .  ? PEG A 119 . ? 1_455 ? 
11 AC2 10 HOH E .  ? HOH A 177 . ? 1_555 ? 
12 AC2 10 ZN  B .  ? ZN  A 200 . ? 1_555 ? 
13 AC2 10 HOH E .  ? HOH A 274 . ? 1_555 ? 
14 AC2 10 HOH E .  ? HOH A 304 . ? 1_555 ? 
15 AC2 10 HOH E .  ? HOH A 325 . ? 1_555 ? 
16 AC3 14 HIS A 16 ? HIS A 15  . ? 1_655 ? 
17 AC3 14 ALA A 31 ? ALA A 30  . ? 1_655 ? 
18 AC3 14 THR A 49 ? THR A 48  . ? 1_655 ? 
19 AC3 14 GLU A 50 ? GLU A 49  . ? 1_655 ? 
20 AC3 14 HIS A 52 ? HIS A 51  . ? 1_655 ? 
21 AC3 14 TYR A 68 ? TYR A 67  . ? 1_655 ? 
22 AC3 14 ARG A 98 ? ARG A 97  . ? 1_555 ? 
23 AC3 14 PO4 C .  ? PO4 A 118 . ? 1_655 ? 
24 AC3 14 HOH E .  ? HOH A 179 . ? 1_555 ? 
25 AC3 14 HOH E .  ? HOH A 182 . ? 1_555 ? 
26 AC3 14 ZN  B .  ? ZN  A 200 . ? 1_655 ? 
27 AC3 14 HOH E .  ? HOH A 231 . ? 1_555 ? 
28 AC3 14 HOH E .  ? HOH A 278 . ? 1_655 ? 
29 AC3 14 HOH E .  ? HOH A 282 . ? 1_655 ? 
# 
loop_
_pdbx_validate_close_contact.id 
_pdbx_validate_close_contact.PDB_model_num 
_pdbx_validate_close_contact.auth_atom_id_1 
_pdbx_validate_close_contact.auth_asym_id_1 
_pdbx_validate_close_contact.auth_comp_id_1 
_pdbx_validate_close_contact.auth_seq_id_1 
_pdbx_validate_close_contact.PDB_ins_code_1 
_pdbx_validate_close_contact.label_alt_id_1 
_pdbx_validate_close_contact.auth_atom_id_2 
_pdbx_validate_close_contact.auth_asym_id_2 
_pdbx_validate_close_contact.auth_comp_id_2 
_pdbx_validate_close_contact.auth_seq_id_2 
_pdbx_validate_close_contact.PDB_ins_code_2 
_pdbx_validate_close_contact.label_alt_id_2 
_pdbx_validate_close_contact.dist 
1 1 OH A TYR 103 ? B O A HOH 148 ? ? 1.95 
2 1 O  A LEU 14  ? B O A HOH 204 ? ? 2.04 
3 1 O  A HOH 216 ? ? O A HOH 230 ? ? 2.11 
4 1 O  A HOH 186 ? ? O A HOH 277 ? ? 2.11 
5 1 NZ A LYS 73  ? A O A HOH 218 ? ? 2.15 
6 1 O  A HOH 160 ? ? O A HOH 209 ? ? 2.17 
# 
loop_
_pdbx_validate_symm_contact.id 
_pdbx_validate_symm_contact.PDB_model_num 
_pdbx_validate_symm_contact.auth_atom_id_1 
_pdbx_validate_symm_contact.auth_asym_id_1 
_pdbx_validate_symm_contact.auth_comp_id_1 
_pdbx_validate_symm_contact.auth_seq_id_1 
_pdbx_validate_symm_contact.PDB_ins_code_1 
_pdbx_validate_symm_contact.label_alt_id_1 
_pdbx_validate_symm_contact.site_symmetry_1 
_pdbx_validate_symm_contact.auth_atom_id_2 
_pdbx_validate_symm_contact.auth_asym_id_2 
_pdbx_validate_symm_contact.auth_comp_id_2 
_pdbx_validate_symm_contact.auth_seq_id_2 
_pdbx_validate_symm_contact.PDB_ins_code_2 
_pdbx_validate_symm_contact.label_alt_id_2 
_pdbx_validate_symm_contact.site_symmetry_2 
_pdbx_validate_symm_contact.dist 
1 1 O   A HOH 126 ? ? 1_555 O A HOH 231 ? ? 1_455 1.75 
2 1 O   A HOH 224 ? ? 1_555 O A HOH 257 ? ? 1_655 1.80 
3 1 OH  A TYR 67  ? ? 1_555 O A HOH 182 ? ? 1_455 1.82 
4 1 O1  A PO4 118 ? ? 1_555 O A HOH 173 ? ? 2_556 1.83 
5 1 O   A HOH 181 ? ? 1_555 O A HOH 204 ? ? 1_554 1.96 
6 1 OE1 A GLU 87  ? B 1_555 O A HOH 164 ? ? 1_554 2.05 
7 1 O   A HOH 187 ? ? 1_555 O A HOH 243 ? ? 1_455 2.11 
8 1 O   A HOH 162 ? ? 1_555 O A HOH 167 ? ? 1_554 2.18 
# 
_pdbx_validate_rmsd_angle.id                         1 
_pdbx_validate_rmsd_angle.PDB_model_num              1 
_pdbx_validate_rmsd_angle.auth_atom_id_1             CA 
_pdbx_validate_rmsd_angle.auth_asym_id_1             A 
_pdbx_validate_rmsd_angle.auth_comp_id_1             LEU 
_pdbx_validate_rmsd_angle.auth_seq_id_1              113 
_pdbx_validate_rmsd_angle.PDB_ins_code_1             ? 
_pdbx_validate_rmsd_angle.label_alt_id_1             ? 
_pdbx_validate_rmsd_angle.auth_atom_id_2             CB 
_pdbx_validate_rmsd_angle.auth_asym_id_2             A 
_pdbx_validate_rmsd_angle.auth_comp_id_2             LEU 
_pdbx_validate_rmsd_angle.auth_seq_id_2              113 
_pdbx_validate_rmsd_angle.PDB_ins_code_2             ? 
_pdbx_validate_rmsd_angle.label_alt_id_2             ? 
_pdbx_validate_rmsd_angle.auth_atom_id_3             CG 
_pdbx_validate_rmsd_angle.auth_asym_id_3             A 
_pdbx_validate_rmsd_angle.auth_comp_id_3             LEU 
_pdbx_validate_rmsd_angle.auth_seq_id_3              113 
_pdbx_validate_rmsd_angle.PDB_ins_code_3             ? 
_pdbx_validate_rmsd_angle.label_alt_id_3             ? 
_pdbx_validate_rmsd_angle.angle_value                129.42 
_pdbx_validate_rmsd_angle.angle_target_value         115.30 
_pdbx_validate_rmsd_angle.angle_deviation            14.12 
_pdbx_validate_rmsd_angle.angle_standard_deviation   2.30 
_pdbx_validate_rmsd_angle.linker_flag                N 
# 
_pdbx_validate_torsion.id              1 
_pdbx_validate_torsion.PDB_model_num   1 
_pdbx_validate_torsion.auth_comp_id    ALA 
_pdbx_validate_torsion.auth_asym_id    A 
_pdbx_validate_torsion.auth_seq_id     11 
_pdbx_validate_torsion.PDB_ins_code    ? 
_pdbx_validate_torsion.label_alt_id    ? 
_pdbx_validate_torsion.phi             -113.98 
_pdbx_validate_torsion.psi             -169.09 
# 
loop_
_chem_comp_atom.comp_id 
_chem_comp_atom.atom_id 
_chem_comp_atom.type_symbol 
_chem_comp_atom.pdbx_aromatic_flag 
_chem_comp_atom.pdbx_stereo_config 
_chem_comp_atom.pdbx_ordinal 
ALA N    N  N N 1   
ALA CA   C  N S 2   
ALA C    C  N N 3   
ALA O    O  N N 4   
ALA CB   C  N N 5   
ALA OXT  O  N N 6   
ALA H    H  N N 7   
ALA H2   H  N N 8   
ALA HA   H  N N 9   
ALA HB1  H  N N 10  
ALA HB2  H  N N 11  
ALA HB3  H  N N 12  
ALA HXT  H  N N 13  
ARG N    N  N N 14  
ARG CA   C  N S 15  
ARG C    C  N N 16  
ARG O    O  N N 17  
ARG CB   C  N N 18  
ARG CG   C  N N 19  
ARG CD   C  N N 20  
ARG NE   N  N N 21  
ARG CZ   C  N N 22  
ARG NH1  N  N N 23  
ARG NH2  N  N N 24  
ARG OXT  O  N N 25  
ARG H    H  N N 26  
ARG H2   H  N N 27  
ARG HA   H  N N 28  
ARG HB2  H  N N 29  
ARG HB3  H  N N 30  
ARG HG2  H  N N 31  
ARG HG3  H  N N 32  
ARG HD2  H  N N 33  
ARG HD3  H  N N 34  
ARG HE   H  N N 35  
ARG HH11 H  N N 36  
ARG HH12 H  N N 37  
ARG HH21 H  N N 38  
ARG HH22 H  N N 39  
ARG HXT  H  N N 40  
ASN N    N  N N 41  
ASN CA   C  N S 42  
ASN C    C  N N 43  
ASN O    O  N N 44  
ASN CB   C  N N 45  
ASN CG   C  N N 46  
ASN OD1  O  N N 47  
ASN ND2  N  N N 48  
ASN OXT  O  N N 49  
ASN H    H  N N 50  
ASN H2   H  N N 51  
ASN HA   H  N N 52  
ASN HB2  H  N N 53  
ASN HB3  H  N N 54  
ASN HD21 H  N N 55  
ASN HD22 H  N N 56  
ASN HXT  H  N N 57  
ASP N    N  N N 58  
ASP CA   C  N S 59  
ASP C    C  N N 60  
ASP O    O  N N 61  
ASP CB   C  N N 62  
ASP CG   C  N N 63  
ASP OD1  O  N N 64  
ASP OD2  O  N N 65  
ASP OXT  O  N N 66  
ASP H    H  N N 67  
ASP H2   H  N N 68  
ASP HA   H  N N 69  
ASP HB2  H  N N 70  
ASP HB3  H  N N 71  
ASP HD2  H  N N 72  
ASP HXT  H  N N 73  
GLN N    N  N N 74  
GLN CA   C  N S 75  
GLN C    C  N N 76  
GLN O    O  N N 77  
GLN CB   C  N N 78  
GLN CG   C  N N 79  
GLN CD   C  N N 80  
GLN OE1  O  N N 81  
GLN NE2  N  N N 82  
GLN OXT  O  N N 83  
GLN H    H  N N 84  
GLN H2   H  N N 85  
GLN HA   H  N N 86  
GLN HB2  H  N N 87  
GLN HB3  H  N N 88  
GLN HG2  H  N N 89  
GLN HG3  H  N N 90  
GLN HE21 H  N N 91  
GLN HE22 H  N N 92  
GLN HXT  H  N N 93  
GLU N    N  N N 94  
GLU CA   C  N S 95  
GLU C    C  N N 96  
GLU O    O  N N 97  
GLU CB   C  N N 98  
GLU CG   C  N N 99  
GLU CD   C  N N 100 
GLU OE1  O  N N 101 
GLU OE2  O  N N 102 
GLU OXT  O  N N 103 
GLU H    H  N N 104 
GLU H2   H  N N 105 
GLU HA   H  N N 106 
GLU HB2  H  N N 107 
GLU HB3  H  N N 108 
GLU HG2  H  N N 109 
GLU HG3  H  N N 110 
GLU HE2  H  N N 111 
GLU HXT  H  N N 112 
GLY N    N  N N 113 
GLY CA   C  N N 114 
GLY C    C  N N 115 
GLY O    O  N N 116 
GLY OXT  O  N N 117 
GLY H    H  N N 118 
GLY H2   H  N N 119 
GLY HA2  H  N N 120 
GLY HA3  H  N N 121 
GLY HXT  H  N N 122 
HIS N    N  N N 123 
HIS CA   C  N S 124 
HIS C    C  N N 125 
HIS O    O  N N 126 
HIS CB   C  N N 127 
HIS CG   C  Y N 128 
HIS ND1  N  Y N 129 
HIS CD2  C  Y N 130 
HIS CE1  C  Y N 131 
HIS NE2  N  Y N 132 
HIS OXT  O  N N 133 
HIS H    H  N N 134 
HIS H2   H  N N 135 
HIS HA   H  N N 136 
HIS HB2  H  N N 137 
HIS HB3  H  N N 138 
HIS HD1  H  N N 139 
HIS HD2  H  N N 140 
HIS HE1  H  N N 141 
HIS HE2  H  N N 142 
HIS HXT  H  N N 143 
HOH O    O  N N 144 
HOH H1   H  N N 145 
HOH H2   H  N N 146 
ILE N    N  N N 147 
ILE CA   C  N S 148 
ILE C    C  N N 149 
ILE O    O  N N 150 
ILE CB   C  N S 151 
ILE CG1  C  N N 152 
ILE CG2  C  N N 153 
ILE CD1  C  N N 154 
ILE OXT  O  N N 155 
ILE H    H  N N 156 
ILE H2   H  N N 157 
ILE HA   H  N N 158 
ILE HB   H  N N 159 
ILE HG12 H  N N 160 
ILE HG13 H  N N 161 
ILE HG21 H  N N 162 
ILE HG22 H  N N 163 
ILE HG23 H  N N 164 
ILE HD11 H  N N 165 
ILE HD12 H  N N 166 
ILE HD13 H  N N 167 
ILE HXT  H  N N 168 
LEU N    N  N N 169 
LEU CA   C  N S 170 
LEU C    C  N N 171 
LEU O    O  N N 172 
LEU CB   C  N N 173 
LEU CG   C  N N 174 
LEU CD1  C  N N 175 
LEU CD2  C  N N 176 
LEU OXT  O  N N 177 
LEU H    H  N N 178 
LEU H2   H  N N 179 
LEU HA   H  N N 180 
LEU HB2  H  N N 181 
LEU HB3  H  N N 182 
LEU HG   H  N N 183 
LEU HD11 H  N N 184 
LEU HD12 H  N N 185 
LEU HD13 H  N N 186 
LEU HD21 H  N N 187 
LEU HD22 H  N N 188 
LEU HD23 H  N N 189 
LEU HXT  H  N N 190 
LYS N    N  N N 191 
LYS CA   C  N S 192 
LYS C    C  N N 193 
LYS O    O  N N 194 
LYS CB   C  N N 195 
LYS CG   C  N N 196 
LYS CD   C  N N 197 
LYS CE   C  N N 198 
LYS NZ   N  N N 199 
LYS OXT  O  N N 200 
LYS H    H  N N 201 
LYS H2   H  N N 202 
LYS HA   H  N N 203 
LYS HB2  H  N N 204 
LYS HB3  H  N N 205 
LYS HG2  H  N N 206 
LYS HG3  H  N N 207 
LYS HD2  H  N N 208 
LYS HD3  H  N N 209 
LYS HE2  H  N N 210 
LYS HE3  H  N N 211 
LYS HZ1  H  N N 212 
LYS HZ2  H  N N 213 
LYS HZ3  H  N N 214 
LYS HXT  H  N N 215 
MET N    N  N N 216 
MET CA   C  N S 217 
MET C    C  N N 218 
MET O    O  N N 219 
MET CB   C  N N 220 
MET CG   C  N N 221 
MET SD   S  N N 222 
MET CE   C  N N 223 
MET OXT  O  N N 224 
MET H    H  N N 225 
MET H2   H  N N 226 
MET HA   H  N N 227 
MET HB2  H  N N 228 
MET HB3  H  N N 229 
MET HG2  H  N N 230 
MET HG3  H  N N 231 
MET HE1  H  N N 232 
MET HE2  H  N N 233 
MET HE3  H  N N 234 
MET HXT  H  N N 235 
PEG C1   C  N N 236 
PEG O1   O  N N 237 
PEG C2   C  N N 238 
PEG O2   O  N N 239 
PEG C3   C  N N 240 
PEG C4   C  N N 241 
PEG O4   O  N N 242 
PEG H11  H  N N 243 
PEG H12  H  N N 244 
PEG HO1  H  N N 245 
PEG H21  H  N N 246 
PEG H22  H  N N 247 
PEG H31  H  N N 248 
PEG H32  H  N N 249 
PEG H41  H  N N 250 
PEG H42  H  N N 251 
PEG HO4  H  N N 252 
PHE N    N  N N 253 
PHE CA   C  N S 254 
PHE C    C  N N 255 
PHE O    O  N N 256 
PHE CB   C  N N 257 
PHE CG   C  Y N 258 
PHE CD1  C  Y N 259 
PHE CD2  C  Y N 260 
PHE CE1  C  Y N 261 
PHE CE2  C  Y N 262 
PHE CZ   C  Y N 263 
PHE OXT  O  N N 264 
PHE H    H  N N 265 
PHE H2   H  N N 266 
PHE HA   H  N N 267 
PHE HB2  H  N N 268 
PHE HB3  H  N N 269 
PHE HD1  H  N N 270 
PHE HD2  H  N N 271 
PHE HE1  H  N N 272 
PHE HE2  H  N N 273 
PHE HZ   H  N N 274 
PHE HXT  H  N N 275 
PO4 P    P  N N 276 
PO4 O1   O  N N 277 
PO4 O2   O  N N 278 
PO4 O3   O  N N 279 
PO4 O4   O  N N 280 
PRO N    N  N N 281 
PRO CA   C  N S 282 
PRO C    C  N N 283 
PRO O    O  N N 284 
PRO CB   C  N N 285 
PRO CG   C  N N 286 
PRO CD   C  N N 287 
PRO OXT  O  N N 288 
PRO H    H  N N 289 
PRO HA   H  N N 290 
PRO HB2  H  N N 291 
PRO HB3  H  N N 292 
PRO HG2  H  N N 293 
PRO HG3  H  N N 294 
PRO HD2  H  N N 295 
PRO HD3  H  N N 296 
PRO HXT  H  N N 297 
SER N    N  N N 298 
SER CA   C  N S 299 
SER C    C  N N 300 
SER O    O  N N 301 
SER CB   C  N N 302 
SER OG   O  N N 303 
SER OXT  O  N N 304 
SER H    H  N N 305 
SER H2   H  N N 306 
SER HA   H  N N 307 
SER HB2  H  N N 308 
SER HB3  H  N N 309 
SER HG   H  N N 310 
SER HXT  H  N N 311 
THR N    N  N N 312 
THR CA   C  N S 313 
THR C    C  N N 314 
THR O    O  N N 315 
THR CB   C  N R 316 
THR OG1  O  N N 317 
THR CG2  C  N N 318 
THR OXT  O  N N 319 
THR H    H  N N 320 
THR H2   H  N N 321 
THR HA   H  N N 322 
THR HB   H  N N 323 
THR HG1  H  N N 324 
THR HG21 H  N N 325 
THR HG22 H  N N 326 
THR HG23 H  N N 327 
THR HXT  H  N N 328 
TRP N    N  N N 329 
TRP CA   C  N S 330 
TRP C    C  N N 331 
TRP O    O  N N 332 
TRP CB   C  N N 333 
TRP CG   C  Y N 334 
TRP CD1  C  Y N 335 
TRP CD2  C  Y N 336 
TRP NE1  N  Y N 337 
TRP CE2  C  Y N 338 
TRP CE3  C  Y N 339 
TRP CZ2  C  Y N 340 
TRP CZ3  C  Y N 341 
TRP CH2  C  Y N 342 
TRP OXT  O  N N 343 
TRP H    H  N N 344 
TRP H2   H  N N 345 
TRP HA   H  N N 346 
TRP HB2  H  N N 347 
TRP HB3  H  N N 348 
TRP HD1  H  N N 349 
TRP HE1  H  N N 350 
TRP HE3  H  N N 351 
TRP HZ2  H  N N 352 
TRP HZ3  H  N N 353 
TRP HH2  H  N N 354 
TRP HXT  H  N N 355 
TYR N    N  N N 356 
TYR CA   C  N S 357 
TYR C    C  N N 358 
TYR O    O  N N 359 
TYR CB   C  N N 360 
TYR CG   C  Y N 361 
TYR CD1  C  Y N 362 
TYR CD2  C  Y N 363 
TYR CE1  C  Y N 364 
TYR CE2  C  Y N 365 
TYR CZ   C  Y N 366 
TYR OH   O  N N 367 
TYR OXT  O  N N 368 
TYR H    H  N N 369 
TYR H2   H  N N 370 
TYR HA   H  N N 371 
TYR HB2  H  N N 372 
TYR HB3  H  N N 373 
TYR HD1  H  N N 374 
TYR HD2  H  N N 375 
TYR HE1  H  N N 376 
TYR HE2  H  N N 377 
TYR HH   H  N N 378 
TYR HXT  H  N N 379 
VAL N    N  N N 380 
VAL CA   C  N S 381 
VAL C    C  N N 382 
VAL O    O  N N 383 
VAL CB   C  N N 384 
VAL CG1  C  N N 385 
VAL CG2  C  N N 386 
VAL OXT  O  N N 387 
VAL H    H  N N 388 
VAL H2   H  N N 389 
VAL HA   H  N N 390 
VAL HB   H  N N 391 
VAL HG11 H  N N 392 
VAL HG12 H  N N 393 
VAL HG13 H  N N 394 
VAL HG21 H  N N 395 
VAL HG22 H  N N 396 
VAL HG23 H  N N 397 
VAL HXT  H  N N 398 
ZN  ZN   ZN N N 399 
# 
loop_
_chem_comp_bond.comp_id 
_chem_comp_bond.atom_id_1 
_chem_comp_bond.atom_id_2 
_chem_comp_bond.value_order 
_chem_comp_bond.pdbx_aromatic_flag 
_chem_comp_bond.pdbx_stereo_config 
_chem_comp_bond.pdbx_ordinal 
ALA N   CA   sing N N 1   
ALA N   H    sing N N 2   
ALA N   H2   sing N N 3   
ALA CA  C    sing N N 4   
ALA CA  CB   sing N N 5   
ALA CA  HA   sing N N 6   
ALA C   O    doub N N 7   
ALA C   OXT  sing N N 8   
ALA CB  HB1  sing N N 9   
ALA CB  HB2  sing N N 10  
ALA CB  HB3  sing N N 11  
ALA OXT HXT  sing N N 12  
ARG N   CA   sing N N 13  
ARG N   H    sing N N 14  
ARG N   H2   sing N N 15  
ARG CA  C    sing N N 16  
ARG CA  CB   sing N N 17  
ARG CA  HA   sing N N 18  
ARG C   O    doub N N 19  
ARG C   OXT  sing N N 20  
ARG CB  CG   sing N N 21  
ARG CB  HB2  sing N N 22  
ARG CB  HB3  sing N N 23  
ARG CG  CD   sing N N 24  
ARG CG  HG2  sing N N 25  
ARG CG  HG3  sing N N 26  
ARG CD  NE   sing N N 27  
ARG CD  HD2  sing N N 28  
ARG CD  HD3  sing N N 29  
ARG NE  CZ   sing N N 30  
ARG NE  HE   sing N N 31  
ARG CZ  NH1  sing N N 32  
ARG CZ  NH2  doub N N 33  
ARG NH1 HH11 sing N N 34  
ARG NH1 HH12 sing N N 35  
ARG NH2 HH21 sing N N 36  
ARG NH2 HH22 sing N N 37  
ARG OXT HXT  sing N N 38  
ASN N   CA   sing N N 39  
ASN N   H    sing N N 40  
ASN N   H2   sing N N 41  
ASN CA  C    sing N N 42  
ASN CA  CB   sing N N 43  
ASN CA  HA   sing N N 44  
ASN C   O    doub N N 45  
ASN C   OXT  sing N N 46  
ASN CB  CG   sing N N 47  
ASN CB  HB2  sing N N 48  
ASN CB  HB3  sing N N 49  
ASN CG  OD1  doub N N 50  
ASN CG  ND2  sing N N 51  
ASN ND2 HD21 sing N N 52  
ASN ND2 HD22 sing N N 53  
ASN OXT HXT  sing N N 54  
ASP N   CA   sing N N 55  
ASP N   H    sing N N 56  
ASP N   H2   sing N N 57  
ASP CA  C    sing N N 58  
ASP CA  CB   sing N N 59  
ASP CA  HA   sing N N 60  
ASP C   O    doub N N 61  
ASP C   OXT  sing N N 62  
ASP CB  CG   sing N N 63  
ASP CB  HB2  sing N N 64  
ASP CB  HB3  sing N N 65  
ASP CG  OD1  doub N N 66  
ASP CG  OD2  sing N N 67  
ASP OD2 HD2  sing N N 68  
ASP OXT HXT  sing N N 69  
GLN N   CA   sing N N 70  
GLN N   H    sing N N 71  
GLN N   H2   sing N N 72  
GLN CA  C    sing N N 73  
GLN CA  CB   sing N N 74  
GLN CA  HA   sing N N 75  
GLN C   O    doub N N 76  
GLN C   OXT  sing N N 77  
GLN CB  CG   sing N N 78  
GLN CB  HB2  sing N N 79  
GLN CB  HB3  sing N N 80  
GLN CG  CD   sing N N 81  
GLN CG  HG2  sing N N 82  
GLN CG  HG3  sing N N 83  
GLN CD  OE1  doub N N 84  
GLN CD  NE2  sing N N 85  
GLN NE2 HE21 sing N N 86  
GLN NE2 HE22 sing N N 87  
GLN OXT HXT  sing N N 88  
GLU N   CA   sing N N 89  
GLU N   H    sing N N 90  
GLU N   H2   sing N N 91  
GLU CA  C    sing N N 92  
GLU CA  CB   sing N N 93  
GLU CA  HA   sing N N 94  
GLU C   O    doub N N 95  
GLU C   OXT  sing N N 96  
GLU CB  CG   sing N N 97  
GLU CB  HB2  sing N N 98  
GLU CB  HB3  sing N N 99  
GLU CG  CD   sing N N 100 
GLU CG  HG2  sing N N 101 
GLU CG  HG3  sing N N 102 
GLU CD  OE1  doub N N 103 
GLU CD  OE2  sing N N 104 
GLU OE2 HE2  sing N N 105 
GLU OXT HXT  sing N N 106 
GLY N   CA   sing N N 107 
GLY N   H    sing N N 108 
GLY N   H2   sing N N 109 
GLY CA  C    sing N N 110 
GLY CA  HA2  sing N N 111 
GLY CA  HA3  sing N N 112 
GLY C   O    doub N N 113 
GLY C   OXT  sing N N 114 
GLY OXT HXT  sing N N 115 
HIS N   CA   sing N N 116 
HIS N   H    sing N N 117 
HIS N   H2   sing N N 118 
HIS CA  C    sing N N 119 
HIS CA  CB   sing N N 120 
HIS CA  HA   sing N N 121 
HIS C   O    doub N N 122 
HIS C   OXT  sing N N 123 
HIS CB  CG   sing N N 124 
HIS CB  HB2  sing N N 125 
HIS CB  HB3  sing N N 126 
HIS CG  ND1  sing Y N 127 
HIS CG  CD2  doub Y N 128 
HIS ND1 CE1  doub Y N 129 
HIS ND1 HD1  sing N N 130 
HIS CD2 NE2  sing Y N 131 
HIS CD2 HD2  sing N N 132 
HIS CE1 NE2  sing Y N 133 
HIS CE1 HE1  sing N N 134 
HIS NE2 HE2  sing N N 135 
HIS OXT HXT  sing N N 136 
HOH O   H1   sing N N 137 
HOH O   H2   sing N N 138 
ILE N   CA   sing N N 139 
ILE N   H    sing N N 140 
ILE N   H2   sing N N 141 
ILE CA  C    sing N N 142 
ILE CA  CB   sing N N 143 
ILE CA  HA   sing N N 144 
ILE C   O    doub N N 145 
ILE C   OXT  sing N N 146 
ILE CB  CG1  sing N N 147 
ILE CB  CG2  sing N N 148 
ILE CB  HB   sing N N 149 
ILE CG1 CD1  sing N N 150 
ILE CG1 HG12 sing N N 151 
ILE CG1 HG13 sing N N 152 
ILE CG2 HG21 sing N N 153 
ILE CG2 HG22 sing N N 154 
ILE CG2 HG23 sing N N 155 
ILE CD1 HD11 sing N N 156 
ILE CD1 HD12 sing N N 157 
ILE CD1 HD13 sing N N 158 
ILE OXT HXT  sing N N 159 
LEU N   CA   sing N N 160 
LEU N   H    sing N N 161 
LEU N   H2   sing N N 162 
LEU CA  C    sing N N 163 
LEU CA  CB   sing N N 164 
LEU CA  HA   sing N N 165 
LEU C   O    doub N N 166 
LEU C   OXT  sing N N 167 
LEU CB  CG   sing N N 168 
LEU CB  HB2  sing N N 169 
LEU CB  HB3  sing N N 170 
LEU CG  CD1  sing N N 171 
LEU CG  CD2  sing N N 172 
LEU CG  HG   sing N N 173 
LEU CD1 HD11 sing N N 174 
LEU CD1 HD12 sing N N 175 
LEU CD1 HD13 sing N N 176 
LEU CD2 HD21 sing N N 177 
LEU CD2 HD22 sing N N 178 
LEU CD2 HD23 sing N N 179 
LEU OXT HXT  sing N N 180 
LYS N   CA   sing N N 181 
LYS N   H    sing N N 182 
LYS N   H2   sing N N 183 
LYS CA  C    sing N N 184 
LYS CA  CB   sing N N 185 
LYS CA  HA   sing N N 186 
LYS C   O    doub N N 187 
LYS C   OXT  sing N N 188 
LYS CB  CG   sing N N 189 
LYS CB  HB2  sing N N 190 
LYS CB  HB3  sing N N 191 
LYS CG  CD   sing N N 192 
LYS CG  HG2  sing N N 193 
LYS CG  HG3  sing N N 194 
LYS CD  CE   sing N N 195 
LYS CD  HD2  sing N N 196 
LYS CD  HD3  sing N N 197 
LYS CE  NZ   sing N N 198 
LYS CE  HE2  sing N N 199 
LYS CE  HE3  sing N N 200 
LYS NZ  HZ1  sing N N 201 
LYS NZ  HZ2  sing N N 202 
LYS NZ  HZ3  sing N N 203 
LYS OXT HXT  sing N N 204 
MET N   CA   sing N N 205 
MET N   H    sing N N 206 
MET N   H2   sing N N 207 
MET CA  C    sing N N 208 
MET CA  CB   sing N N 209 
MET CA  HA   sing N N 210 
MET C   O    doub N N 211 
MET C   OXT  sing N N 212 
MET CB  CG   sing N N 213 
MET CB  HB2  sing N N 214 
MET CB  HB3  sing N N 215 
MET CG  SD   sing N N 216 
MET CG  HG2  sing N N 217 
MET CG  HG3  sing N N 218 
MET SD  CE   sing N N 219 
MET CE  HE1  sing N N 220 
MET CE  HE2  sing N N 221 
MET CE  HE3  sing N N 222 
MET OXT HXT  sing N N 223 
PEG C1  O1   sing N N 224 
PEG C1  C2   sing N N 225 
PEG C1  H11  sing N N 226 
PEG C1  H12  sing N N 227 
PEG O1  HO1  sing N N 228 
PEG C2  O2   sing N N 229 
PEG C2  H21  sing N N 230 
PEG C2  H22  sing N N 231 
PEG O2  C3   sing N N 232 
PEG C3  C4   sing N N 233 
PEG C3  H31  sing N N 234 
PEG C3  H32  sing N N 235 
PEG C4  O4   sing N N 236 
PEG C4  H41  sing N N 237 
PEG C4  H42  sing N N 238 
PEG O4  HO4  sing N N 239 
PHE N   CA   sing N N 240 
PHE N   H    sing N N 241 
PHE N   H2   sing N N 242 
PHE CA  C    sing N N 243 
PHE CA  CB   sing N N 244 
PHE CA  HA   sing N N 245 
PHE C   O    doub N N 246 
PHE C   OXT  sing N N 247 
PHE CB  CG   sing N N 248 
PHE CB  HB2  sing N N 249 
PHE CB  HB3  sing N N 250 
PHE CG  CD1  doub Y N 251 
PHE CG  CD2  sing Y N 252 
PHE CD1 CE1  sing Y N 253 
PHE CD1 HD1  sing N N 254 
PHE CD2 CE2  doub Y N 255 
PHE CD2 HD2  sing N N 256 
PHE CE1 CZ   doub Y N 257 
PHE CE1 HE1  sing N N 258 
PHE CE2 CZ   sing Y N 259 
PHE CE2 HE2  sing N N 260 
PHE CZ  HZ   sing N N 261 
PHE OXT HXT  sing N N 262 
PO4 P   O1   doub N N 263 
PO4 P   O2   sing N N 264 
PO4 P   O3   sing N N 265 
PO4 P   O4   sing N N 266 
PRO N   CA   sing N N 267 
PRO N   CD   sing N N 268 
PRO N   H    sing N N 269 
PRO CA  C    sing N N 270 
PRO CA  CB   sing N N 271 
PRO CA  HA   sing N N 272 
PRO C   O    doub N N 273 
PRO C   OXT  sing N N 274 
PRO CB  CG   sing N N 275 
PRO CB  HB2  sing N N 276 
PRO CB  HB3  sing N N 277 
PRO CG  CD   sing N N 278 
PRO CG  HG2  sing N N 279 
PRO CG  HG3  sing N N 280 
PRO CD  HD2  sing N N 281 
PRO CD  HD3  sing N N 282 
PRO OXT HXT  sing N N 283 
SER N   CA   sing N N 284 
SER N   H    sing N N 285 
SER N   H2   sing N N 286 
SER CA  C    sing N N 287 
SER CA  CB   sing N N 288 
SER CA  HA   sing N N 289 
SER C   O    doub N N 290 
SER C   OXT  sing N N 291 
SER CB  OG   sing N N 292 
SER CB  HB2  sing N N 293 
SER CB  HB3  sing N N 294 
SER OG  HG   sing N N 295 
SER OXT HXT  sing N N 296 
THR N   CA   sing N N 297 
THR N   H    sing N N 298 
THR N   H2   sing N N 299 
THR CA  C    sing N N 300 
THR CA  CB   sing N N 301 
THR CA  HA   sing N N 302 
THR C   O    doub N N 303 
THR C   OXT  sing N N 304 
THR CB  OG1  sing N N 305 
THR CB  CG2  sing N N 306 
THR CB  HB   sing N N 307 
THR OG1 HG1  sing N N 308 
THR CG2 HG21 sing N N 309 
THR CG2 HG22 sing N N 310 
THR CG2 HG23 sing N N 311 
THR OXT HXT  sing N N 312 
TRP N   CA   sing N N 313 
TRP N   H    sing N N 314 
TRP N   H2   sing N N 315 
TRP CA  C    sing N N 316 
TRP CA  CB   sing N N 317 
TRP CA  HA   sing N N 318 
TRP C   O    doub N N 319 
TRP C   OXT  sing N N 320 
TRP CB  CG   sing N N 321 
TRP CB  HB2  sing N N 322 
TRP CB  HB3  sing N N 323 
TRP CG  CD1  doub Y N 324 
TRP CG  CD2  sing Y N 325 
TRP CD1 NE1  sing Y N 326 
TRP CD1 HD1  sing N N 327 
TRP CD2 CE2  doub Y N 328 
TRP CD2 CE3  sing Y N 329 
TRP NE1 CE2  sing Y N 330 
TRP NE1 HE1  sing N N 331 
TRP CE2 CZ2  sing Y N 332 
TRP CE3 CZ3  doub Y N 333 
TRP CE3 HE3  sing N N 334 
TRP CZ2 CH2  doub Y N 335 
TRP CZ2 HZ2  sing N N 336 
TRP CZ3 CH2  sing Y N 337 
TRP CZ3 HZ3  sing N N 338 
TRP CH2 HH2  sing N N 339 
TRP OXT HXT  sing N N 340 
TYR N   CA   sing N N 341 
TYR N   H    sing N N 342 
TYR N   H2   sing N N 343 
TYR CA  C    sing N N 344 
TYR CA  CB   sing N N 345 
TYR CA  HA   sing N N 346 
TYR C   O    doub N N 347 
TYR C   OXT  sing N N 348 
TYR CB  CG   sing N N 349 
TYR CB  HB2  sing N N 350 
TYR CB  HB3  sing N N 351 
TYR CG  CD1  doub Y N 352 
TYR CG  CD2  sing Y N 353 
TYR CD1 CE1  sing Y N 354 
TYR CD1 HD1  sing N N 355 
TYR CD2 CE2  doub Y N 356 
TYR CD2 HD2  sing N N 357 
TYR CE1 CZ   doub Y N 358 
TYR CE1 HE1  sing N N 359 
TYR CE2 CZ   sing Y N 360 
TYR CE2 HE2  sing N N 361 
TYR CZ  OH   sing N N 362 
TYR OH  HH   sing N N 363 
TYR OXT HXT  sing N N 364 
VAL N   CA   sing N N 365 
VAL N   H    sing N N 366 
VAL N   H2   sing N N 367 
VAL CA  C    sing N N 368 
VAL CA  CB   sing N N 369 
VAL CA  HA   sing N N 370 
VAL C   O    doub N N 371 
VAL C   OXT  sing N N 372 
VAL CB  CG1  sing N N 373 
VAL CB  CG2  sing N N 374 
VAL CB  HB   sing N N 375 
VAL CG1 HG11 sing N N 376 
VAL CG1 HG12 sing N N 377 
VAL CG1 HG13 sing N N 378 
VAL CG2 HG21 sing N N 379 
VAL CG2 HG22 sing N N 380 
VAL CG2 HG23 sing N N 381 
VAL OXT HXT  sing N N 382 
# 
_atom_sites.entry_id                    3TA7 
_atom_sites.fract_transf_matrix[1][1]   0.03021031 
_atom_sites.fract_transf_matrix[1][2]   -0.00975576 
_atom_sites.fract_transf_matrix[1][3]   -0.01882014 
_atom_sites.fract_transf_matrix[2][1]   -0.00702695 
_atom_sites.fract_transf_matrix[2][2]   -0.01518286 
_atom_sites.fract_transf_matrix[2][3]   -0.00340943 
_atom_sites.fract_transf_matrix[3][1]   -0.00670582 
_atom_sites.fract_transf_matrix[3][2]   0.00956214 
_atom_sites.fract_transf_matrix[3][3]   -0.02876114 
_atom_sites.fract_transf_vector[1]      0.147911 
_atom_sites.fract_transf_vector[2]      0.536836 
_atom_sites.fract_transf_vector[3]      0.442972 
# 
loop_
_atom_type.symbol 
C  
N  
O  
P  
S  
ZN 
# 
loop_
_atom_site.group_PDB 
_atom_site.id 
_atom_site.type_symbol 
_atom_site.label_atom_id 
_atom_site.label_alt_id 
_atom_site.label_comp_id 
_atom_site.label_asym_id 
_atom_site.label_entity_id 
_atom_site.label_seq_id 
_atom_site.pdbx_PDB_ins_code 
_atom_site.Cartn_x 
_atom_site.Cartn_y 
_atom_site.Cartn_z 
_atom_site.occupancy 
_atom_site.B_iso_or_equiv 
_atom_site.pdbx_formal_charge 
_atom_site.auth_seq_id 
_atom_site.auth_comp_id 
_atom_site.auth_asym_id 
_atom_site.auth_atom_id 
_atom_site.pdbx_PDB_model_num 
ATOM   1    C  CA  . SER A 1 1   ? 8.148   -17.167 3.259   1.00 31.66 ? 0   SER A CA  1 
ATOM   2    C  C   . SER A 1 1   ? 8.259   -15.767 3.872   1.00 42.57 ? 0   SER A C   1 
ATOM   3    O  O   . SER A 1 1   ? 7.586   -15.453 4.861   1.00 37.18 ? 0   SER A O   1 
ATOM   4    N  N   A MET A 1 2   ? 9.138   -14.929 3.325   0.45 35.51 ? 1   MET A N   1 
ATOM   5    N  N   B MET A 1 2   ? 9.080   -14.933 3.242   0.55 30.49 ? 1   MET A N   1 
ATOM   6    C  CA  A MET A 1 2   ? 9.262   -13.557 3.823   0.45 9.60  ? 1   MET A CA  1 
ATOM   7    C  CA  B MET A 1 2   ? 9.232   -13.538 3.622   0.55 28.56 ? 1   MET A CA  1 
ATOM   8    C  C   A MET A 1 2   ? 8.025   -12.771 3.366   0.45 12.26 ? 1   MET A C   1 
ATOM   9    C  C   B MET A 1 2   ? 7.921   -12.791 3.329   0.55 9.95  ? 1   MET A C   1 
ATOM   10   O  O   A MET A 1 2   ? 7.550   -12.963 2.239   0.45 12.03 ? 1   MET A O   1 
ATOM   11   O  O   B MET A 1 2   ? 7.297   -13.033 2.286   0.55 16.14 ? 1   MET A O   1 
ATOM   12   C  CB  A MET A 1 2   ? 10.544  -12.885 3.331   0.45 26.93 ? 1   MET A CB  1 
ATOM   13   C  CB  B MET A 1 2   ? 10.380  -12.924 2.820   0.55 17.79 ? 1   MET A CB  1 
ATOM   14   C  CG  A MET A 1 2   ? 11.823  -13.666 3.604   0.45 28.57 ? 1   MET A CG  1 
ATOM   15   C  CG  B MET A 1 2   ? 11.337  -13.941 2.182   0.55 39.48 ? 1   MET A CG  1 
ATOM   16   S  SD  A MET A 1 2   ? 11.865  -14.551 5.183   0.45 26.62 ? 1   MET A SD  1 
ATOM   17   S  SD  B MET A 1 2   ? 12.433  -14.753 3.364   0.55 30.27 ? 1   MET A SD  1 
ATOM   18   C  CE  A MET A 1 2   ? 11.928  -13.202 6.352   0.45 24.11 ? 1   MET A CE  1 
ATOM   19   C  CE  B MET A 1 2   ? 12.749  -13.369 4.465   0.55 20.52 ? 1   MET A CE  1 
ATOM   20   N  N   . PRO A 1 3   ? 7.491   -11.908 4.247   1.00 14.37 ? 2   PRO A N   1 
ATOM   21   C  CA  . PRO A 1 3   ? 6.239   -11.155 3.950   1.00 11.15 ? 2   PRO A CA  1 
ATOM   22   C  C   . PRO A 1 3   ? 6.414   -10.259 2.735   1.00 10.80 ? 2   PRO A C   1 
ATOM   23   O  O   . PRO A 1 3   ? 7.510   -9.756  2.457   1.00 10.29 ? 2   PRO A O   1 
ATOM   24   C  CB  . PRO A 1 3   ? 6.034   -10.270 5.177   1.00 14.65 ? 2   PRO A CB  1 
ATOM   25   C  CG  . PRO A 1 3   ? 6.929   -10.909 6.279   1.00 22.89 ? 2   PRO A CG  1 
ATOM   26   C  CD  . PRO A 1 3   ? 8.052   -11.607 5.573   1.00 20.25 ? 2   PRO A CD  1 
ATOM   27   N  N   . ARG A 1 4   ? 5.330   -10.121 1.979   1.00 9.83  ? 3   ARG A N   1 
ATOM   28   C  CA  . ARG A 1 4   ? 5.358   -9.320  0.769   1.00 9.78  ? 3   ARG A CA  1 
ATOM   29   C  C   . ARG A 1 4   ? 4.344   -8.195  0.788   1.00 7.89  ? 3   ARG A C   1 
ATOM   30   O  O   . ARG A 1 4   ? 3.465   -8.099  1.647   1.00 7.95  ? 3   ARG A O   1 
ATOM   31   C  CB  . ARG A 1 4   ? 5.107   -10.223 -0.440  1.00 14.53 ? 3   ARG A CB  1 
ATOM   32   C  CG  . ARG A 1 4   ? 6.271   -11.242 -0.693  1.00 14.18 ? 3   ARG A CG  1 
ATOM   33   C  CD  . ARG A 1 4   ? 6.050   -12.068 -1.956  1.00 18.14 ? 3   ARG A CD  1 
ATOM   34   N  NE  . ARG A 1 4   ? 5.936   -11.212 -3.126  1.00 17.63 ? 3   ARG A NE  1 
ATOM   35   C  CZ  . ARG A 1 4   ? 6.946   -10.746 -3.854  1.00 18.83 ? 3   ARG A CZ  1 
ATOM   36   N  NH1 . ARG A 1 4   ? 8.222   -11.083 -3.604  1.00 16.48 ? 3   ARG A NH1 1 
ATOM   37   N  NH2 . ARG A 1 4   ? 6.652   -9.936  -4.862  1.00 15.14 ? 3   ARG A NH2 1 
ATOM   38   N  N   . PHE A 1 5   ? 4.556   -7.297  -0.162  1.00 8.39  ? 4   PHE A N   1 
ATOM   39   C  CA  . PHE A 1 5   ? 3.644   -6.182  -0.369  1.00 7.44  ? 4   PHE A CA  1 
ATOM   40   C  C   . PHE A 1 5   ? 3.338   -6.086  -1.841  1.00 7.82  ? 4   PHE A C   1 
ATOM   41   O  O   . PHE A 1 5   ? 4.076   -6.610  -2.680  1.00 8.04  ? 4   PHE A O   1 
ATOM   42   C  CB  . PHE A 1 5   ? 4.230   -4.845  0.150   1.00 7.80  ? 4   PHE A CB  1 
ATOM   43   C  CG  . PHE A 1 5   ? 5.269   -4.251  -0.753  1.00 6.93  ? 4   PHE A CG  1 
ATOM   44   C  CD1 . PHE A 1 5   ? 6.590   -4.675  -0.677  1.00 7.18  ? 4   PHE A CD1 1 
ATOM   45   C  CD2 . PHE A 1 5   ? 4.948   -3.294  -1.689  1.00 6.90  ? 4   PHE A CD2 1 
ATOM   46   C  CE1 . PHE A 1 5   ? 7.564   -4.147  -1.533  1.00 8.01  ? 4   PHE A CE1 1 
ATOM   47   C  CE2 . PHE A 1 5   ? 5.929   -2.726  -2.536  1.00 9.25  ? 4   PHE A CE2 1 
ATOM   48   C  CZ  . PHE A 1 5   ? 7.260   -3.194  -2.459  1.00 9.08  ? 4   PHE A CZ  1 
ATOM   49   N  N   . VAL A 1 6   ? 2.283   -5.346  -2.162  1.00 7.18  ? 5   VAL A N   1 
ATOM   50   C  CA  . VAL A 1 6   ? 2.063   -4.935  -3.534  1.00 7.30  ? 5   VAL A CA  1 
ATOM   51   C  C   . VAL A 1 6   ? 1.562   -3.503  -3.561  1.00 6.56  ? 5   VAL A C   1 
ATOM   52   O  O   . VAL A 1 6   ? 0.941   -3.047  -2.598  1.00 8.45  ? 5   VAL A O   1 
ATOM   53   C  CB  . VAL A 1 6   ? 1.042   -5.887  -4.263  1.00 7.65  ? 5   VAL A CB  1 
ATOM   54   C  CG1 . VAL A 1 6   ? -0.344  -5.807  -3.636  1.00 9.64  ? 5   VAL A CG1 1 
ATOM   55   C  CG2 . VAL A 1 6   ? 0.960   -5.617  -5.764  1.00 8.97  ? 5   VAL A CG2 1 
ATOM   56   N  N   . VAL A 1 7   ? 1.919   -2.782  -4.616  1.00 6.76  ? 6   VAL A N   1 
ATOM   57   C  CA  . VAL A 1 7   ? 1.273   -1.516  -4.922  1.00 8.42  ? 6   VAL A CA  1 
ATOM   58   C  C   . VAL A 1 7   ? 0.533   -1.740  -6.230  1.00 8.16  ? 6   VAL A C   1 
ATOM   59   O  O   . VAL A 1 7   ? 1.175   -2.006  -7.259  1.00 8.87  ? 6   VAL A O   1 
ATOM   60   C  CB  . VAL A 1 7   ? 2.273   -0.360  -5.077  1.00 7.17  ? 6   VAL A CB  1 
ATOM   61   C  CG1 . VAL A 1 7   ? 1.528   0.936   -5.470  1.00 8.43  ? 6   VAL A CG1 1 
ATOM   62   C  CG2 . VAL A 1 7   ? 3.087   -0.183  -3.808  1.00 9.04  ? 6   VAL A CG2 1 
ATOM   63   N  N   . GLN A 1 8   ? -0.802  -1.641  -6.183  1.00 7.62  ? 7   GLN A N   1 
ATOM   64   C  CA  . GLN A 1 8   ? -1.609  -1.826  -7.377  1.00 9.21  ? 7   GLN A CA  1 
ATOM   65   C  C   . GLN A 1 8   ? -1.973  -0.449  -7.888  1.00 10.49 ? 7   GLN A C   1 
ATOM   66   O  O   . GLN A 1 8   ? -2.321  0.434   -7.098  1.00 12.13 ? 7   GLN A O   1 
ATOM   67   C  CB  . GLN A 1 8   ? -2.893  -2.571  -7.045  1.00 8.89  ? 7   GLN A CB  1 
ATOM   68   C  CG  . GLN A 1 8   ? -2.667  -4.041  -6.649  1.00 8.89  ? 7   GLN A CG  1 
ATOM   69   C  CD  . GLN A 1 8   ? -3.861  -4.649  -5.939  1.00 8.65  ? 7   GLN A CD  1 
ATOM   70   O  OE1 . GLN A 1 8   ? -4.750  -3.938  -5.445  1.00 8.73  ? 7   GLN A OE1 1 
ATOM   71   N  NE2 . GLN A 1 8   ? -3.915  -5.974  -5.923  1.00 11.14 ? 7   GLN A NE2 1 
ATOM   72   N  N   . GLU A 1 9   ? -1.914  -0.249  -9.196  1.00 8.23  ? 8   GLU A N   1 
ATOM   73   C  CA  . GLU A 1 9   ? -2.430  0.959   -9.808  1.00 9.47  ? 8   GLU A CA  1 
ATOM   74   C  C   . GLU A 1 9   ? -3.852  0.644   -10.284 1.00 7.77  ? 8   GLU A C   1 
ATOM   75   O  O   . GLU A 1 9   ? -4.067  -0.348  -10.999 1.00 9.50  ? 8   GLU A O   1 
ATOM   76   C  CB  . GLU A 1 9   ? -1.520  1.413   -10.958 1.00 8.98  ? 8   GLU A CB  1 
ATOM   77   C  CG  . GLU A 1 9   ? -2.009  2.702   -11.635 1.00 9.35  ? 8   GLU A CG  1 
ATOM   78   C  CD  . GLU A 1 9   ? -1.010  3.292   -12.594 1.00 13.56 ? 8   GLU A CD  1 
ATOM   79   O  OE1 . GLU A 1 9   ? 0.202   3.314   -12.323 1.00 13.42 ? 8   GLU A OE1 1 
ATOM   80   O  OE2 . GLU A 1 9   ? -1.448  3.807   -13.641 1.00 22.75 ? 8   GLU A OE2 1 
ATOM   81   N  N   . HIS A 1 10  ? -4.810  1.458   -9.839  1.00 8.30  ? 9   HIS A N   1 
ATOM   82   C  CA  . HIS A 1 10  ? -6.220  1.146   -9.956  1.00 9.92  ? 9   HIS A CA  1 
ATOM   83   C  C   . HIS A 1 10  ? -6.885  2.265   -10.745 1.00 10.61 ? 9   HIS A C   1 
ATOM   84   O  O   . HIS A 1 10  ? -7.086  3.352   -10.204 1.00 10.15 ? 9   HIS A O   1 
ATOM   85   C  CB  . HIS A 1 10  ? -6.805  1.080   -8.548  1.00 15.11 ? 9   HIS A CB  1 
ATOM   86   C  CG  . HIS A 1 10  ? -8.131  0.402   -8.461  1.00 14.67 ? 9   HIS A CG  1 
ATOM   87   N  ND1 . HIS A 1 10  ? -8.774  0.195   -7.254  1.00 12.19 ? 9   HIS A ND1 1 
ATOM   88   C  CD2 . HIS A 1 10  ? -8.933  -0.120  -9.416  1.00 19.29 ? 9   HIS A CD2 1 
ATOM   89   C  CE1 . HIS A 1 10  ? -9.919  -0.429  -7.476  1.00 13.93 ? 9   HIS A CE1 1 
ATOM   90   N  NE2 . HIS A 1 10  ? -10.034 -0.642  -8.776  1.00 15.59 ? 9   HIS A NE2 1 
ATOM   91   N  N   . HIS A 1 11  ? -7.236  1.960   -11.994 1.00 10.44 ? 10  HIS A N   1 
ATOM   92   C  CA  . HIS A 1 11  ? -7.923  2.931   -12.855 1.00 11.88 ? 10  HIS A CA  1 
ATOM   93   C  C   . HIS A 1 11  ? -9.431  2.828   -12.612 1.00 14.18 ? 10  HIS A C   1 
ATOM   94   O  O   . HIS A 1 11  ? -10.159 2.142   -13.350 1.00 18.87 ? 10  HIS A O   1 
ATOM   95   C  CB  . HIS A 1 11  ? -7.540  2.729   -14.334 1.00 16.99 ? 10  HIS A CB  1 
ATOM   96   C  CG  . HIS A 1 11  ? -6.101  3.060   -14.639 1.00 12.57 ? 10  HIS A CG  1 
ATOM   97   N  ND1 . HIS A 1 11  ? -5.612  3.179   -15.919 1.00 15.23 ? 10  HIS A ND1 1 
ATOM   98   C  CD2 . HIS A 1 11  ? -5.055  3.332   -13.815 1.00 19.84 ? 10  HIS A CD2 1 
ATOM   99   C  CE1 . HIS A 1 11  ? -4.324  3.469   -15.878 1.00 14.07 ? 10  HIS A CE1 1 
ATOM   100  N  NE2 . HIS A 1 11  ? -3.962  3.579   -14.609 1.00 19.87 ? 10  HIS A NE2 1 
ATOM   101  N  N   . ALA A 1 12  ? -9.879  3.545   -11.587 1.00 18.20 ? 11  ALA A N   1 
ATOM   102  C  CA  . ALA A 1 12  ? -11.268 3.612   -11.135 1.00 18.60 ? 11  ALA A CA  1 
ATOM   103  C  C   . ALA A 1 12  ? -11.793 5.035   -11.366 1.00 17.28 ? 11  ALA A C   1 
ATOM   104  O  O   . ALA A 1 12  ? -11.127 5.843   -11.972 1.00 17.28 ? 11  ALA A O   1 
ATOM   105  C  CB  . ALA A 1 12  ? -11.319 3.292   -9.662  1.00 19.08 ? 11  ALA A CB  1 
ATOM   106  N  N   . ARG A 1 13  ? -12.963 5.388   -10.829 1.00 19.79 ? 12  ARG A N   1 
ATOM   107  C  CA  . ARG A 1 13  ? -13.487 6.751   -11.052 1.00 19.56 ? 12  ARG A CA  1 
ATOM   108  C  C   . ARG A 1 13  ? -12.550 7.808   -10.523 1.00 14.29 ? 12  ARG A C   1 
ATOM   109  O  O   . ARG A 1 13  ? -12.497 8.942   -11.015 1.00 18.79 ? 12  ARG A O   1 
ATOM   110  C  CB  . ARG A 1 13  ? -14.843 6.924   -10.385 1.00 21.23 ? 12  ARG A CB  1 
ATOM   111  C  CG  . ARG A 1 13  ? -15.840 7.600   -11.251 0.55 35.03 ? 12  ARG A CG  1 
ATOM   112  C  CD  . ARG A 1 13  ? -15.777 7.019   -12.645 0.52 50.00 ? 12  ARG A CD  1 
ATOM   113  N  NE  . ARG A 1 13  ? -15.974 5.576   -12.641 0.72 33.17 ? 12  ARG A NE  1 
ATOM   114  C  CZ  . ARG A 1 13  ? -17.171 5.003   -12.645 0.64 30.36 ? 12  ARG A CZ  1 
ATOM   115  N  NH1 . ARG A 1 13  ? -18.251 5.766   -12.629 0.74 25.24 ? 12  ARG A NH1 1 
ATOM   116  N  NH2 . ARG A 1 13  ? -17.284 3.677   -12.639 0.63 29.12 ? 12  ARG A NH2 1 
ATOM   117  N  N   . ARG A 1 14  ? -11.805 7.451   -9.476  1.00 13.65 ? 13  ARG A N   1 
ATOM   118  C  CA  . ARG A 1 14  ? -10.654 8.254   -9.096  1.00 22.14 ? 13  ARG A CA  1 
ATOM   119  C  C   . ARG A 1 14  ? -9.456  7.344   -9.241  1.00 25.01 ? 13  ARG A C   1 
ATOM   120  O  O   . ARG A 1 14  ? -9.388  6.316   -8.584  1.00 25.71 ? 13  ARG A O   1 
ATOM   121  C  CB  . ARG A 1 14  ? -10.790 8.792   -7.667  1.00 22.29 ? 13  ARG A CB  1 
ATOM   122  C  CG  . ARG A 1 14  ? -11.769 9.981   -7.540  1.00 25.83 ? 13  ARG A CG  1 
ATOM   123  C  CD  . ARG A 1 14  ? -11.971 10.403  -6.080  1.00 57.33 ? 13  ARG A CD  1 
ATOM   124  N  NE  . ARG A 1 14  ? -12.693 11.670  -5.954  1.00 57.76 ? 13  ARG A NE  1 
ATOM   125  C  CZ  . ARG A 1 14  ? -12.960 12.278  -4.798  1.00 66.81 ? 13  ARG A CZ  1 
ATOM   126  N  NH1 . ARG A 1 14  ? -12.575 11.745  -3.644  1.00 53.68 ? 13  ARG A NH1 1 
ATOM   127  N  NH2 . ARG A 1 14  ? -13.620 13.427  -4.792  1.00 72.92 ? 13  ARG A NH2 1 
ATOM   128  N  N   A LEU A 1 15  ? -8.530  7.673   -10.145 0.60 16.62 ? 14  LEU A N   1 
ATOM   129  N  N   B LEU A 1 15  ? -8.532  7.725   -10.107 0.40 16.57 ? 14  LEU A N   1 
ATOM   130  C  CA  A LEU A 1 15  ? -7.293  6.900   -10.349 0.60 19.73 ? 14  LEU A CA  1 
ATOM   131  C  CA  B LEU A 1 15  ? -7.295  6.994   -10.227 0.40 16.92 ? 14  LEU A CA  1 
ATOM   132  C  C   A LEU A 1 15  ? -6.340  7.033   -9.162  0.60 13.87 ? 14  LEU A C   1 
ATOM   133  C  C   B LEU A 1 15  ? -6.566  7.047   -8.891  0.40 19.44 ? 14  LEU A C   1 
ATOM   134  O  O   A LEU A 1 15  ? -5.880  8.133   -8.894  0.60 15.57 ? 14  LEU A O   1 
ATOM   135  O  O   B LEU A 1 15  ? -6.517  8.078   -8.211  0.40 8.89  ? 14  LEU A O   1 
ATOM   136  C  CB  A LEU A 1 15  ? -6.567  7.397   -11.621 0.60 18.69 ? 14  LEU A CB  1 
ATOM   137  C  CB  B LEU A 1 15  ? -6.441  7.579   -11.356 0.40 20.22 ? 14  LEU A CB  1 
ATOM   138  C  CG  A LEU A 1 15  ? -5.094  6.997   -11.822 0.60 25.14 ? 14  LEU A CG  1 
ATOM   139  C  CG  B LEU A 1 15  ? -5.106  6.895   -11.665 0.40 12.31 ? 14  LEU A CG  1 
ATOM   140  C  CD1 A LEU A 1 15  ? -4.987  5.522   -11.822 0.60 15.40 ? 14  LEU A CD1 1 
ATOM   141  C  CD1 B LEU A 1 15  ? -4.093  7.338   -10.668 0.40 19.36 ? 14  LEU A CD1 1 
ATOM   142  C  CD2 A LEU A 1 15  ? -4.479  7.545   -13.120 0.60 17.32 ? 14  LEU A CD2 1 
ATOM   143  C  CD2 B LEU A 1 15  ? -5.237  5.395   -11.667 0.40 34.78 ? 14  LEU A CD2 1 
ATOM   144  N  N   . HIS A 1 16  ? -6.012  5.913   -8.496  1.00 9.92  ? 15  HIS A N   1 
ATOM   145  C  CA  . HIS A 1 16  ? -5.220  5.881   -7.264  1.00 9.81  ? 15  HIS A CA  1 
ATOM   146  C  C   . HIS A 1 16  ? -4.355  4.616   -7.261  1.00 7.11  ? 15  HIS A C   1 
ATOM   147  O  O   . HIS A 1 16  ? -4.457  3.775   -8.156  1.00 9.15  ? 15  HIS A O   1 
ATOM   148  C  CB  . HIS A 1 16  ? -6.166  5.888   -6.052  1.00 11.46 ? 15  HIS A CB  1 
ATOM   149  C  CG  . HIS A 1 16  ? -7.067  4.697   -5.996  1.00 11.40 ? 15  HIS A CG  1 
ATOM   150  N  ND1 . HIS A 1 16  ? -8.198  4.572   -6.784  1.00 13.49 ? 15  HIS A ND1 1 
ATOM   151  C  CD2 . HIS A 1 16  ? -6.985  3.553   -5.279  1.00 9.64  ? 15  HIS A CD2 1 
ATOM   152  C  CE1 . HIS A 1 16  ? -8.762  3.394   -6.558  1.00 10.48 ? 15  HIS A CE1 1 
ATOM   153  N  NE2 . HIS A 1 16  ? -8.067  2.769   -5.615  1.00 11.14 ? 15  HIS A NE2 1 
ATOM   154  N  N   . TRP A 1 17  ? -3.539  4.494   -6.225  1.00 6.84  ? 16  TRP A N   1 
ATOM   155  C  CA  . TRP A 1 17  ? -2.668  3.375   -6.029  1.00 6.61  ? 16  TRP A CA  1 
ATOM   156  C  C   . TRP A 1 17  ? -3.019  2.731   -4.692  1.00 9.84  ? 16  TRP A C   1 
ATOM   157  O  O   . TRP A 1 17  ? -3.198  3.428   -3.701  1.00 14.97 ? 16  TRP A O   1 
ATOM   158  C  CB  . TRP A 1 17  ? -1.177  3.800   -6.090  1.00 7.13  ? 16  TRP A CB  1 
ATOM   159  C  CG  . TRP A 1 17  ? -0.746  4.194   -7.451  1.00 8.17  ? 16  TRP A CG  1 
ATOM   160  C  CD1 . TRP A 1 17  ? -0.068  3.422   -8.346  1.00 10.64 ? 16  TRP A CD1 1 
ATOM   161  C  CD2 . TRP A 1 17  ? -0.999  5.452   -8.094  1.00 11.46 ? 16  TRP A CD2 1 
ATOM   162  N  NE1 . TRP A 1 17  ? 0.156   4.150   -9.511  1.00 12.77 ? 16  TRP A NE1 1 
ATOM   163  C  CE2 . TRP A 1 17  ? -0.441  5.376   -9.388  1.00 11.09 ? 16  TRP A CE2 1 
ATOM   164  C  CE3 . TRP A 1 17  ? -1.654  6.629   -7.707  1.00 9.97  ? 16  TRP A CE3 1 
ATOM   165  C  CZ2 . TRP A 1 17  ? -0.511  6.427   -10.295 1.00 14.41 ? 16  TRP A CZ2 1 
ATOM   166  C  CZ3 . TRP A 1 17  ? -1.723  7.683   -8.629  1.00 13.97 ? 16  TRP A CZ3 1 
ATOM   167  C  CH2 . TRP A 1 17  ? -1.156  7.559   -9.901  1.00 15.43 ? 16  TRP A CH2 1 
ATOM   168  N  N   . ASP A 1 18  ? -3.110  1.401   -4.670  1.00 7.20  ? 17  ASP A N   1 
ATOM   169  C  CA  . ASP A 1 18  ? -3.416  0.708   -3.425  1.00 6.90  ? 17  ASP A CA  1 
ATOM   170  C  C   . ASP A 1 18  ? -2.172  0.017   -2.903  1.00 6.71  ? 17  ASP A C   1 
ATOM   171  O  O   . ASP A 1 18  ? -1.626  -0.864  -3.582  1.00 8.81  ? 17  ASP A O   1 
ATOM   172  C  CB  . ASP A 1 18  ? -4.547  -0.307  -3.631  1.00 8.19  ? 17  ASP A CB  1 
ATOM   173  C  CG  . ASP A 1 18  ? -5.869  0.371   -3.924  1.00 8.63  ? 17  ASP A CG  1 
ATOM   174  O  OD1 . ASP A 1 18  ? -6.244  1.283   -3.187  1.00 10.10 ? 17  ASP A OD1 1 
ATOM   175  O  OD2 . ASP A 1 18  ? -6.507  -0.008  -4.941  1.00 9.68  ? 17  ASP A OD2 1 
ATOM   176  N  N   . LEU A 1 19  ? -1.730  0.411   -1.720  1.00 6.94  ? 18  LEU A N   1 
ATOM   177  C  CA  . LEU A 1 19  ? -0.601  -0.230  -1.043  1.00 5.36  ? 18  LEU A CA  1 
ATOM   178  C  C   . LEU A 1 19  ? -1.182  -1.311  -0.154  1.00 7.44  ? 18  LEU A C   1 
ATOM   179  O  O   . LEU A 1 19  ? -2.045  -1.025  0.664   1.00 6.67  ? 18  LEU A O   1 
ATOM   180  C  CB  . LEU A 1 19  ? 0.161   0.814   -0.226  1.00 7.67  ? 18  LEU A CB  1 
ATOM   181  C  CG  . LEU A 1 19  ? 1.172   0.201   0.737   1.00 6.57  ? 18  LEU A CG  1 
ATOM   182  C  CD1 . LEU A 1 19  ? 2.330   -0.461  0.003   1.00 9.30  ? 18  LEU A CD1 1 
ATOM   183  C  CD2 . LEU A 1 19  ? 1.677   1.331   1.633   1.00 10.95 ? 18  LEU A CD2 1 
ATOM   184  N  N   . ARG A 1 20  ? -0.718  -2.549  -0.335  1.00 7.36  ? 19  ARG A N   1 
ATOM   185  C  CA  . ARG A 1 20  ? -1.215  -3.678  0.469   1.00 7.67  ? 19  ARG A CA  1 
ATOM   186  C  C   . ARG A 1 20  ? -0.051  -4.455  1.063   1.00 5.27  ? 19  ARG A C   1 
ATOM   187  O  O   . ARG A 1 20  ? 0.830   -4.891  0.331   1.00 7.85  ? 19  ARG A O   1 
ATOM   188  C  CB  . ARG A 1 20  ? -2.112  -4.609  -0.385  1.00 9.21  ? 19  ARG A CB  1 
ATOM   189  C  CG  . ARG A 1 20  ? -3.189  -3.854  -1.175  1.00 8.34  ? 19  ARG A CG  1 
ATOM   190  C  CD  . ARG A 1 20  ? -4.262  -4.839  -1.663  1.00 9.20  ? 19  ARG A CD  1 
ATOM   191  N  NE  . ARG A 1 20  ? -5.154  -4.260  -2.643  1.00 7.92  ? 19  ARG A NE  1 
ATOM   192  C  CZ  . ARG A 1 20  ? -6.259  -3.565  -2.316  1.00 9.69  ? 19  ARG A CZ  1 
ATOM   193  N  NH1 . ARG A 1 20  ? -6.615  -3.439  -1.039  1.00 9.26  ? 19  ARG A NH1 1 
ATOM   194  N  NH2 . ARG A 1 20  ? -7.055  -3.086  -3.273  1.00 9.60  ? 19  ARG A NH2 1 
ATOM   195  N  N   . LEU A 1 21  ? -0.059  -4.615  2.375   1.00 7.26  ? 20  LEU A N   1 
ATOM   196  C  CA  . LEU A 1 21  ? 0.999   -5.346  3.070   1.00 8.14  ? 20  LEU A CA  1 
ATOM   197  C  C   . LEU A 1 21  ? 0.454   -6.655  3.585   1.00 7.29  ? 20  LEU A C   1 
ATOM   198  O  O   . LEU A 1 21  ? -0.600  -6.662  4.216   1.00 8.81  ? 20  LEU A O   1 
ATOM   199  C  CB  . LEU A 1 21  ? 1.445   -4.538  4.305   1.00 7.55  ? 20  LEU A CB  1 
ATOM   200  C  CG  . LEU A 1 21  ? 1.988   -3.129  4.097   1.00 10.72 ? 20  LEU A CG  1 
ATOM   201  C  CD1 . LEU A 1 21  ? 2.359   -2.556  5.445   1.00 14.85 ? 20  LEU A CD1 1 
ATOM   202  C  CD2 . LEU A 1 21  ? 3.178   -3.124  3.185   1.00 16.12 ? 20  LEU A CD2 1 
ATOM   203  N  N   . GLU A 1 22  ? 1.177   -7.764  3.378   1.00 7.09  ? 21  GLU A N   1 
ATOM   204  C  CA  A GLU A 1 22  ? 0.847   -9.032  4.051   0.56 6.58  ? 21  GLU A CA  1 
ATOM   205  C  CA  B GLU A 1 22  ? 0.842   -9.004  4.049   0.44 8.18  ? 21  GLU A CA  1 
ATOM   206  C  C   . GLU A 1 22  ? 1.124   -8.841  5.542   1.00 7.74  ? 21  GLU A C   1 
ATOM   207  O  O   . GLU A 1 22  ? 2.289   -8.742  5.947   1.00 9.54  ? 21  GLU A O   1 
ATOM   208  C  CB  A GLU A 1 22  ? 1.695   -10.206 3.499   0.56 8.92  ? 21  GLU A CB  1 
ATOM   209  C  CB  B GLU A 1 22  ? 1.708   -10.103 3.471   0.44 11.69 ? 21  GLU A CB  1 
ATOM   210  C  CG  A GLU A 1 22  ? 1.366   -10.644 2.055   0.56 7.21  ? 21  GLU A CG  1 
ATOM   211  C  CG  B GLU A 1 22  ? 1.479   -11.416 4.091   0.44 6.40  ? 21  GLU A CG  1 
ATOM   212  C  CD  A GLU A 1 22  ? 2.252   -11.798 1.523   0.56 10.92 ? 21  GLU A CD  1 
ATOM   213  C  CD  B GLU A 1 22  ? 2.342   -12.476 3.472   0.44 9.88  ? 21  GLU A CD  1 
ATOM   214  O  OE1 A GLU A 1 22  ? 3.284   -12.120 2.160   0.56 14.74 ? 21  GLU A OE1 1 
ATOM   215  O  OE1 B GLU A 1 22  ? 3.159   -12.157 2.589   0.44 13.64 ? 21  GLU A OE1 1 
ATOM   216  O  OE2 A GLU A 1 22  ? 1.903   -12.385 0.469   0.56 10.71 ? 21  GLU A OE2 1 
ATOM   217  O  OE2 B GLU A 1 22  ? 2.248   -13.634 3.933   0.44 15.56 ? 21  GLU A OE2 1 
ATOM   218  N  N   . MET A 1 23  ? 0.066   -8.785  6.349   1.00 7.24  ? 22  MET A N   1 
ATOM   219  C  CA  . MET A 1 23  ? 0.186   -8.393  7.750   1.00 10.15 ? 22  MET A CA  1 
ATOM   220  C  C   . MET A 1 23  ? -1.084  -8.861  8.472   1.00 9.60  ? 22  MET A C   1 
ATOM   221  O  O   . MET A 1 23  ? -2.171  -8.763  7.925   1.00 10.18 ? 22  MET A O   1 
ATOM   222  C  CB  . MET A 1 23  ? 0.349   -6.856  7.822   1.00 10.07 ? 22  MET A CB  1 
ATOM   223  C  CG  . MET A 1 23  ? 0.325   -6.280  9.235   1.00 10.37 ? 22  MET A CG  1 
ATOM   224  S  SD  . MET A 1 23  ? 0.642   -4.495  9.272   1.00 10.82 ? 22  MET A SD  1 
ATOM   225  C  CE  . MET A 1 23  ? 2.411   -4.481  8.945   1.00 9.96  ? 22  MET A CE  1 
ATOM   226  N  N   . ASP A 1 24  ? -0.944  -9.402  9.688   1.00 11.32 ? 23  ASP A N   1 
ATOM   227  C  CA  . ASP A 1 24  ? -2.087  -9.923  10.419  1.00 10.39 ? 23  ASP A CA  1 
ATOM   228  C  C   . ASP A 1 24  ? -2.798  -11.015 9.584   1.00 12.31 ? 23  ASP A C   1 
ATOM   229  O  O   . ASP A 1 24  ? -4.004  -11.219 9.730   1.00 12.55 ? 23  ASP A O   1 
ATOM   230  C  CB  . ASP A 1 24  ? -3.088  -8.866  10.875  1.00 11.88 ? 23  ASP A CB  1 
ATOM   231  C  CG  . ASP A 1 24  ? -2.445  -7.771  11.737  1.00 10.78 ? 23  ASP A CG  1 
ATOM   232  O  OD1 . ASP A 1 24  ? -1.420  -8.041  12.393  1.00 13.55 ? 23  ASP A OD1 1 
ATOM   233  O  OD2 . ASP A 1 24  ? -2.985  -6.624  11.710  1.00 16.03 ? 23  ASP A OD2 1 
ATOM   234  N  N   . ASN A 1 25  ? -2.038  -11.688 8.718   1.00 12.74 ? 24  ASN A N   1 
ATOM   235  C  CA  . ASN A 1 25  ? -2.568  -12.761 7.877   1.00 12.21 ? 24  ASN A CA  1 
ATOM   236  C  C   . ASN A 1 25  ? -3.605  -12.328 6.858   1.00 14.08 ? 24  ASN A C   1 
ATOM   237  O  O   . ASN A 1 25  ? -4.402  -13.143 6.354   1.00 12.30 ? 24  ASN A O   1 
ATOM   238  C  CB  . ASN A 1 25  ? -3.107  -13.924 8.729   1.00 18.82 ? 24  ASN A CB  1 
ATOM   239  C  CG  . ASN A 1 25  ? -2.940  -15.251 8.024   1.00 17.22 ? 24  ASN A CG  1 
ATOM   240  O  OD1 . ASN A 1 25  ? -1.906  -15.485 7.391   1.00 23.05 ? 24  ASN A OD1 1 
ATOM   241  N  ND2 . ASN A 1 25  ? -3.954  -16.111 8.110   1.00 22.27 ? 24  ASN A ND2 1 
ATOM   242  N  N   . VAL A 1 26  ? -3.612  -11.021 6.579   1.00 9.88  ? 25  VAL A N   1 
ATOM   243  C  CA  . VAL A 1 26  ? -4.471  -10.476 5.549   1.00 9.53  ? 25  VAL A CA  1 
ATOM   244  C  C   . VAL A 1 26  ? -3.645  -9.485  4.740   1.00 8.11  ? 25  VAL A C   1 
ATOM   245  O  O   . VAL A 1 26  ? -2.433  -9.326  4.980   1.00 8.10  ? 25  VAL A O   1 
ATOM   246  C  CB  . VAL A 1 26  ? -5.703  -9.785  6.129   1.00 10.06 ? 25  VAL A CB  1 
ATOM   247  C  CG1 . VAL A 1 26  ? -6.589  -10.828 6.846   1.00 9.32  ? 25  VAL A CG1 1 
ATOM   248  C  CG2 . VAL A 1 26  ? -5.333  -8.626  7.086   1.00 13.52 ? 25  VAL A CG2 1 
ATOM   249  N  N   . LEU A 1 27  ? -4.286  -8.791  3.791   1.00 8.17  ? 26  LEU A N   1 
ATOM   250  C  CA  . LEU A 1 27  ? -3.615  -7.641  3.154   1.00 7.56  ? 26  LEU A CA  1 
ATOM   251  C  C   . LEU A 1 27  ? -4.126  -6.362  3.792   1.00 6.85  ? 26  LEU A C   1 
ATOM   252  O  O   . LEU A 1 27  ? -5.264  -5.913  3.528   1.00 7.73  ? 26  LEU A O   1 
ATOM   253  C  CB  . LEU A 1 27  ? -3.873  -7.629  1.645   1.00 7.72  ? 26  LEU A CB  1 
ATOM   254  C  CG  . LEU A 1 27  ? -3.333  -8.820  0.868   1.00 8.92  ? 26  LEU A CG  1 
ATOM   255  C  CD1 . LEU A 1 27  ? -3.693  -8.619  -0.615  1.00 10.07 ? 26  LEU A CD1 1 
ATOM   256  C  CD2 . LEU A 1 27  ? -1.814  -8.902  1.030   1.00 13.61 ? 26  LEU A CD2 1 
ATOM   257  N  N   . LYS A 1 28  ? -3.309  -5.788  4.667   1.00 7.34  ? 27  LYS A N   1 
ATOM   258  C  CA  . LYS A 1 28  ? -3.589  -4.469  5.249   1.00 7.24  ? 27  LYS A CA  1 
ATOM   259  C  C   . LYS A 1 28  ? -3.385  -3.431  4.170   1.00 6.52  ? 27  LYS A C   1 
ATOM   260  O  O   . LYS A 1 28  ? -2.335  -3.398  3.515   1.00 8.50  ? 27  LYS A O   1 
ATOM   261  C  CB  . LYS A 1 28  ? -2.658  -4.191  6.433   1.00 9.25  ? 27  LYS A CB  1 
ATOM   262  C  CG  . LYS A 1 28  ? -2.856  -5.211  7.571   1.00 10.63 ? 27  LYS A CG  1 
ATOM   263  C  CD  . LYS A 1 28  ? -4.243  -5.204  8.182   1.00 9.48  ? 27  LYS A CD  1 
ATOM   264  C  CE  . LYS A 1 28  ? -4.627  -3.883  8.780   1.00 11.10 ? 27  LYS A CE  1 
ATOM   265  N  NZ  . LYS A 1 28  ? -6.050  -4.050  9.342   1.00 14.42 ? 27  LYS A NZ  1 
ATOM   266  N  N   . SER A 1 29  ? -4.381  -2.581  3.985   1.00 6.50  ? 28  SER A N   1 
ATOM   267  C  CA  . SER A 1 29  ? -4.494  -1.814  2.762   1.00 6.90  ? 28  SER A CA  1 
ATOM   268  C  C   . SER A 1 29  ? -4.727  -0.329  2.969   1.00 7.01  ? 28  SER A C   1 
ATOM   269  O  O   . SER A 1 29  ? -5.435  0.090   3.900   1.00 7.84  ? 28  SER A O   1 
ATOM   270  C  CB  . SER A 1 29  ? -5.628  -2.380  1.883   1.00 8.06  ? 28  SER A CB  1 
ATOM   271  O  OG  . SER A 1 29  ? -5.370  -3.739  1.540   1.00 7.78  ? 28  SER A OG  1 
ATOM   272  N  N   . TRP A 1 30  ? -4.127  0.446   2.070   1.00 6.76  ? 29  TRP A N   1 
ATOM   273  C  CA  . TRP A 1 30  ? -4.305  1.916   2.040   1.00 7.92  ? 29  TRP A CA  1 
ATOM   274  C  C   . TRP A 1 30  ? -4.411  2.360   0.601   1.00 8.06  ? 29  TRP A C   1 
ATOM   275  O  O   . TRP A 1 30  ? -3.582  1.956   -0.228  1.00 8.86  ? 29  TRP A O   1 
ATOM   276  C  CB  . TRP A 1 30  ? -3.108  2.636   2.657   1.00 6.56  ? 29  TRP A CB  1 
ATOM   277  C  CG  . TRP A 1 30  ? -2.978  2.493   4.138   1.00 6.34  ? 29  TRP A CG  1 
ATOM   278  C  CD1 . TRP A 1 30  ? -3.391  3.393   5.104   1.00 8.69  ? 29  TRP A CD1 1 
ATOM   279  C  CD2 . TRP A 1 30  ? -2.398  1.385   4.832   1.00 7.65  ? 29  TRP A CD2 1 
ATOM   280  N  NE1 . TRP A 1 30  ? -3.081  2.890   6.352   1.00 8.39  ? 29  TRP A NE1 1 
ATOM   281  C  CE2 . TRP A 1 30  ? -2.472  1.662   6.210   1.00 5.53  ? 29  TRP A CE2 1 
ATOM   282  C  CE3 . TRP A 1 30  ? -1.811  0.171   4.412   1.00 8.46  ? 29  TRP A CE3 1 
ATOM   283  C  CZ2 . TRP A 1 30  ? -1.993  0.757   7.191   1.00 8.87  ? 29  TRP A CZ2 1 
ATOM   284  C  CZ3 . TRP A 1 30  ? -1.329  -0.719  5.391   1.00 10.50 ? 29  TRP A CZ3 1 
ATOM   285  C  CH2 . TRP A 1 30  ? -1.410  -0.410  6.758   1.00 7.63  ? 29  TRP A CH2 1 
ATOM   286  N  N   . ALA A 1 31  ? -5.365  3.236   0.306   1.00 6.90  ? 30  ALA A N   1 
ATOM   287  C  CA  . ALA A 1 31  ? -5.418  3.891   -1.015  1.00 7.66  ? 30  ALA A CA  1 
ATOM   288  C  C   . ALA A 1 31  ? -4.568  5.165   -0.987  1.00 9.57  ? 30  ALA A C   1 
ATOM   289  O  O   . ALA A 1 31  ? -4.574  5.931   0.006   1.00 9.63  ? 30  ALA A O   1 
ATOM   290  C  CB  . ALA A 1 31  ? -6.872  4.225   -1.377  1.00 7.89  ? 30  ALA A CB  1 
ATOM   291  N  N   . LEU A 1 32  ? -3.800  5.366   -2.048  1.00 7.83  ? 31  LEU A N   1 
ATOM   292  C  CA  . LEU A 1 32  ? -2.875  6.494   -2.131  1.00 7.50  ? 31  LEU A CA  1 
ATOM   293  C  C   . LEU A 1 32  ? -3.312  7.313   -3.352  1.00 9.16  ? 31  LEU A C   1 
ATOM   294  O  O   . LEU A 1 32  ? -2.993  6.969   -4.491  1.00 8.81  ? 31  LEU A O   1 
ATOM   295  C  CB  . LEU A 1 32  ? -1.438  5.980   -2.313  1.00 7.90  ? 31  LEU A CB  1 
ATOM   296  C  CG  . LEU A 1 32  ? -0.920  4.963   -1.286  1.00 7.88  ? 31  LEU A CG  1 
ATOM   297  C  CD1 . LEU A 1 32  ? 0.478   4.477   -1.714  1.00 10.52 ? 31  LEU A CD1 1 
ATOM   298  C  CD2 . LEU A 1 32  ? -0.868  5.560   0.079   1.00 12.24 ? 31  LEU A CD2 1 
ATOM   299  N  N   . PRO A 1 33  ? -4.052  8.407   -3.123  1.00 8.95  ? 32  PRO A N   1 
ATOM   300  C  CA  . PRO A 1 33  ? -4.608  9.153   -4.255  1.00 8.98  ? 32  PRO A CA  1 
ATOM   301  C  C   . PRO A 1 33  ? -3.540  9.780   -5.114  1.00 12.51 ? 32  PRO A C   1 
ATOM   302  O  O   . PRO A 1 33  ? -3.755  10.013  -6.299  1.00 15.87 ? 32  PRO A O   1 
ATOM   303  C  CB  . PRO A 1 33  ? -5.423  10.277  -3.580  1.00 10.65 ? 32  PRO A CB  1 
ATOM   304  C  CG  . PRO A 1 33  ? -5.731  9.765   -2.244  1.00 17.88 ? 32  PRO A CG  1 
ATOM   305  C  CD  . PRO A 1 33  ? -4.548  8.888   -1.830  1.00 10.25 ? 32  PRO A CD  1 
ATOM   306  N  N   . LYS A 1 34  ? -2.390  10.039  -4.524  1.00 9.80  ? 33  LYS A N   1 
ATOM   307  C  CA  . LYS A 1 34  ? -1.287  10.627  -5.273  1.00 14.26 ? 33  LYS A CA  1 
ATOM   308  C  C   . LYS A 1 34  ? -0.079  9.706   -5.381  1.00 12.30 ? 33  LYS A C   1 
ATOM   309  O  O   . LYS A 1 34  ? 1.009   10.137  -5.764  1.00 17.94 ? 33  LYS A O   1 
ATOM   310  C  CB  . LYS A 1 34  ? -0.910  11.943  -4.635  1.00 14.46 ? 33  LYS A CB  1 
ATOM   311  C  CG  . LYS A 1 34  ? -2.053  12.906  -4.697  1.00 18.57 ? 33  LYS A CG  1 
ATOM   312  C  CD  . LYS A 1 34  ? -1.572  14.302  -4.894  1.00 28.08 ? 33  LYS A CD  1 
ATOM   313  C  CE  . LYS A 1 34  ? -2.774  15.181  -5.200  1.00 22.05 ? 33  LYS A CE  1 
ATOM   314  N  NZ  . LYS A 1 34  ? -2.712  15.628  -6.603  1.00 31.02 ? 33  LYS A NZ  1 
ATOM   315  N  N   . GLY A 1 35  ? -0.266  8.435   -5.032  1.00 9.33  ? 34  GLY A N   1 
ATOM   316  C  CA  . GLY A 1 35  ? 0.787   7.440   -5.164  1.00 10.87 ? 34  GLY A CA  1 
ATOM   317  C  C   . GLY A 1 35  ? 1.803   7.412   -4.026  1.00 10.65 ? 34  GLY A C   1 
ATOM   318  O  O   . GLY A 1 35  ? 1.682   8.095   -2.997  1.00 11.43 ? 34  GLY A O   1 
ATOM   319  N  N   . VAL A 1 36  ? 2.796   6.575   -4.216  1.00 12.46 ? 35  VAL A N   1 
ATOM   320  C  CA  . VAL A 1 36  ? 3.827   6.374   -3.219  1.00 10.43 ? 35  VAL A CA  1 
ATOM   321  C  C   . VAL A 1 36  ? 4.829   7.533   -3.272  1.00 12.80 ? 35  VAL A C   1 
ATOM   322  O  O   . VAL A 1 36  ? 5.189   7.943   -4.369  1.00 16.41 ? 35  VAL A O   1 
ATOM   323  C  CB  . VAL A 1 36  ? 4.540   5.041   -3.512  1.00 13.46 ? 35  VAL A CB  1 
ATOM   324  C  CG1 . VAL A 1 36  ? 5.791   4.873   -2.646  1.00 14.02 ? 35  VAL A CG1 1 
ATOM   325  C  CG2 . VAL A 1 36  ? 3.580   3.875   -3.296  1.00 15.14 ? 35  VAL A CG2 1 
ATOM   326  N  N   . PRO A 1 37  ? 5.259   8.068   -2.100  1.00 11.10 ? 36  PRO A N   1 
ATOM   327  C  CA  . PRO A 1 37  ? 6.282   9.141   -2.133  1.00 14.31 ? 36  PRO A CA  1 
ATOM   328  C  C   . PRO A 1 37  ? 7.569   8.578   -2.720  1.00 14.81 ? 36  PRO A C   1 
ATOM   329  O  O   . PRO A 1 37  ? 8.040   7.488   -2.382  1.00 12.63 ? 36  PRO A O   1 
ATOM   330  C  CB  . PRO A 1 37  ? 6.477   9.492   -0.664  1.00 14.41 ? 36  PRO A CB  1 
ATOM   331  C  CG  . PRO A 1 37  ? 6.093   8.294   0.061   1.00 11.80 ? 36  PRO A CG  1 
ATOM   332  C  CD  . PRO A 1 37  ? 4.934   7.682   -0.724  1.00 11.49 ? 36  PRO A CD  1 
ATOM   333  N  N   . GLU A 1 38  ? 8.130   9.335   -3.642  1.00 19.59 ? 37  GLU A N   1 
ATOM   334  C  CA  . GLU A 1 38  ? 9.239   8.819   -4.420  1.00 24.07 ? 37  GLU A CA  1 
ATOM   335  C  C   . GLU A 1 38  ? 10.598  9.318   -3.899  1.00 13.96 ? 37  GLU A C   1 
ATOM   336  O  O   . GLU A 1 38  ? 11.640  8.744   -4.217  1.00 21.15 ? 37  GLU A O   1 
ATOM   337  C  CB  . GLU A 1 38  ? 9.029   9.186   -5.893  1.00 38.37 ? 37  GLU A CB  1 
ATOM   338  C  CG  . GLU A 1 38  ? 8.612   10.636  -6.116  1.00 37.03 ? 37  GLU A CG  1 
ATOM   339  C  CD  . GLU A 1 38  ? 7.141   10.916  -5.801  1.00 76.67 ? 37  GLU A CD  1 
ATOM   340  O  OE1 . GLU A 1 38  ? 6.863   11.704  -4.857  1.00 25.33 ? 37  GLU A OE1 1 
ATOM   341  O  OE2 . GLU A 1 38  ? 6.264   10.371  -6.515  1.00 67.83 ? 37  GLU A OE2 1 
ATOM   342  N  N   . LYS A 1 39  ? 10.584  10.370  -3.095  1.00 15.22 ? 38  LYS A N   1 
ATOM   343  C  CA  . LYS A 1 39  ? 11.824  10.830  -2.502  1.00 15.10 ? 38  LYS A CA  1 
ATOM   344  C  C   . LYS A 1 39  ? 11.616  11.229  -1.048  1.00 15.43 ? 38  LYS A C   1 
ATOM   345  O  O   . LYS A 1 39  ? 10.485  11.385  -0.598  1.00 15.00 ? 38  LYS A O   1 
ATOM   346  C  CB  . LYS A 1 39  ? 12.425  11.971  -3.323  1.00 23.29 ? 38  LYS A CB  1 
ATOM   347  C  CG  . LYS A 1 39  ? 11.524  13.142  -3.447  1.00 23.92 ? 38  LYS A CG  1 
ATOM   348  C  CD  . LYS A 1 39  ? 11.743  13.834  -4.784  1.00 40.91 ? 38  LYS A CD  1 
ATOM   349  C  CE  . LYS A 1 39  ? 10.960  15.133  -4.832  1.00 38.00 ? 38  LYS A CE  1 
ATOM   350  N  NZ  . LYS A 1 39  ? 11.406  16.014  -3.711  1.00 65.41 ? 38  LYS A NZ  1 
ATOM   351  N  N   . ARG A 1 40  ? 12.704  11.413  -0.303  1.00 16.91 ? 39  ARG A N   1 
ATOM   352  C  CA  . ARG A 1 40  ? 12.592  11.828  1.106   1.00 19.03 ? 39  ARG A CA  1 
ATOM   353  C  C   . ARG A 1 40  ? 11.918  13.183  1.235   1.00 19.05 ? 39  ARG A C   1 
ATOM   354  O  O   . ARG A 1 40  ? 12.074  14.028  0.354   1.00 25.81 ? 39  ARG A O   1 
ATOM   355  C  CB  . ARG A 1 40  ? 13.972  11.851  1.780   1.00 25.33 ? 39  ARG A CB  1 
ATOM   356  C  CG  . ARG A 1 40  ? 14.689  13.182  1.702   1.00 37.64 ? 39  ARG A CG  1 
ATOM   357  C  CD  . ARG A 1 40  ? 16.148  13.090  2.147   1.00 26.91 ? 39  ARG A CD  1 
ATOM   358  N  NE  . ARG A 1 40  ? 16.367  13.185  3.593   1.00 25.47 ? 39  ARG A NE  1 
ATOM   359  C  CZ  . ARG A 1 40  ? 16.674  14.313  4.246   1.00 28.52 ? 39  ARG A CZ  1 
ATOM   360  N  NH1 . ARG A 1 40  ? 16.897  14.280  5.554   1.00 32.28 ? 39  ARG A NH1 1 
ATOM   361  N  NH2 . ARG A 1 40  ? 16.761  15.476  3.605   1.00 18.85 ? 39  ARG A NH2 1 
ATOM   362  N  N   . GLY A 1 41  ? 11.144  13.389  2.319   1.00 17.84 ? 40  GLY A N   1 
ATOM   363  C  CA  . GLY A 1 41  ? 10.533  14.687  2.587   1.00 22.52 ? 40  GLY A CA  1 
ATOM   364  C  C   . GLY A 1 41  ? 9.072   14.781  2.165   1.00 31.24 ? 40  GLY A C   1 
ATOM   365  O  O   . GLY A 1 41  ? 8.267   15.479  2.804   1.00 30.40 ? 40  GLY A O   1 
ATOM   366  N  N   . VAL A 1 42  ? 8.741   14.087  1.075   1.00 22.37 ? 41  VAL A N   1 
ATOM   367  C  CA  . VAL A 1 42  ? 7.410   14.075  0.517   1.00 16.75 ? 41  VAL A CA  1 
ATOM   368  C  C   . VAL A 1 42  ? 6.423   13.363  1.438   1.00 18.40 ? 41  VAL A C   1 
ATOM   369  O  O   . VAL A 1 42  ? 6.669   12.244  1.854   1.00 18.86 ? 41  VAL A O   1 
ATOM   370  C  CB  . VAL A 1 42  ? 7.436   13.342  -0.834  1.00 16.15 ? 41  VAL A CB  1 
ATOM   371  C  CG1 . VAL A 1 42  ? 6.096   13.417  -1.475  1.00 19.56 ? 41  VAL A CG1 1 
ATOM   372  C  CG2 . VAL A 1 42  ? 8.507   14.003  -1.737  1.00 27.67 ? 41  VAL A CG2 1 
ATOM   373  N  N   . LYS A 1 43  ? 5.314   14.034  1.722   1.00 15.11 ? 42  LYS A N   1 
ATOM   374  C  CA  . LYS A 1 43  ? 4.326   13.490  2.653   1.00 13.51 ? 42  LYS A CA  1 
ATOM   375  C  C   . LYS A 1 43  ? 3.063   13.200  1.846   1.00 15.51 ? 42  LYS A C   1 
ATOM   376  O  O   . LYS A 1 43  ? 2.375   14.124  1.437   1.00 20.18 ? 42  LYS A O   1 
ATOM   377  C  CB  . LYS A 1 43  ? 4.050   14.499  3.765   1.00 15.12 ? 42  LYS A CB  1 
ATOM   378  C  CG  . LYS A 1 43  ? 5.313   15.001  4.545   1.00 14.61 ? 42  LYS A CG  1 
ATOM   379  C  CD  . LYS A 1 43  ? 4.920   16.040  5.585   1.00 15.45 ? 42  LYS A CD  1 
ATOM   380  C  CE  . LYS A 1 43  ? 6.103   16.647  6.325   1.00 16.68 ? 42  LYS A CE  1 
ATOM   381  N  NZ  . LYS A 1 43  ? 6.968   17.523  5.489   1.00 17.91 ? 42  LYS A NZ  1 
ATOM   382  N  N   . ARG A 1 44  ? 2.758   11.932  1.624   1.00 10.47 ? 43  ARG A N   1 
ATOM   383  C  CA  A ARG A 1 44  ? 1.585   11.551  0.814   0.52 9.22  ? 43  ARG A CA  1 
ATOM   384  C  CA  B ARG A 1 44  ? 1.583   11.525  0.829   0.48 10.85 ? 43  ARG A CA  1 
ATOM   385  C  C   . ARG A 1 44  ? 0.407   11.075  1.676   1.00 9.20  ? 43  ARG A C   1 
ATOM   386  O  O   . ARG A 1 44  ? 0.580   10.312  2.635   1.00 9.01  ? 43  ARG A O   1 
ATOM   387  C  CB  A ARG A 1 44  ? 1.944   10.473  -0.249  0.52 12.46 ? 43  ARG A CB  1 
ATOM   388  C  CB  B ARG A 1 44  ? 1.930   10.357  -0.103  0.48 8.60  ? 43  ARG A CB  1 
ATOM   389  C  CG  A ARG A 1 44  ? 2.935   10.928  -1.357  0.52 19.12 ? 43  ARG A CG  1 
ATOM   390  C  CG  B ARG A 1 44  ? 2.832   10.709  -1.244  0.48 5.32  ? 43  ARG A CG  1 
ATOM   391  C  CD  A ARG A 1 44  ? 2.243   11.351  -2.680  0.52 22.18 ? 43  ARG A CD  1 
ATOM   392  C  CD  B ARG A 1 44  ? 2.201   11.709  -2.198  0.48 6.01  ? 43  ARG A CD  1 
ATOM   393  N  NE  A ARG A 1 44  ? 3.113   12.131  -3.585  0.52 10.67 ? 43  ARG A NE  1 
ATOM   394  N  NE  B ARG A 1 44  ? 3.187   12.107  -3.212  0.48 21.99 ? 43  ARG A NE  1 
ATOM   395  C  CZ  A ARG A 1 44  ? 3.809   11.629  -4.609  0.52 28.38 ? 43  ARG A CZ  1 
ATOM   396  C  CZ  B ARG A 1 44  ? 3.694   13.325  -3.370  0.48 11.36 ? 43  ARG A CZ  1 
ATOM   397  N  NH1 A ARG A 1 44  ? 3.779   10.322  -4.922  0.52 7.91  ? 43  ARG A NH1 1 
ATOM   398  N  NH1 B ARG A 1 44  ? 3.296   14.351  -2.607  0.48 13.04 ? 43  ARG A NH1 1 
ATOM   399  N  NH2 A ARG A 1 44  ? 4.545   12.453  -5.343  0.52 24.15 ? 43  ARG A NH2 1 
ATOM   400  N  NH2 B ARG A 1 44  ? 4.602   13.528  -4.313  0.48 16.48 ? 43  ARG A NH2 1 
ATOM   401  N  N   . LEU A 1 45  ? -0.782  11.521  1.314   1.00 7.46  ? 44  LEU A N   1 
ATOM   402  C  CA  . LEU A 1 45  ? -2.004  11.050  1.946   1.00 8.94  ? 44  LEU A CA  1 
ATOM   403  C  C   . LEU A 1 45  ? -2.160  9.533   1.723   1.00 9.19  ? 44  LEU A C   1 
ATOM   404  O  O   . LEU A 1 45  ? -2.007  9.058   0.589   1.00 9.13  ? 44  LEU A O   1 
ATOM   405  C  CB  . LEU A 1 45  ? -3.219  11.809  1.360   1.00 7.62  ? 44  LEU A CB  1 
ATOM   406  C  CG  . LEU A 1 45  ? -4.587  11.345  1.889   1.00 9.61  ? 44  LEU A CG  1 
ATOM   407  C  CD1 . LEU A 1 45  ? -4.689  11.698  3.337   1.00 11.18 ? 44  LEU A CD1 1 
ATOM   408  C  CD2 . LEU A 1 45  ? -5.698  12.068  1.145   1.00 12.34 ? 44  LEU A CD2 1 
ATOM   409  N  N   . ALA A 1 46  ? -2.482  8.810   2.792   1.00 6.92  ? 45  ALA A N   1 
ATOM   410  C  CA  . ALA A 1 46  ? -2.816  7.392   2.708   1.00 7.02  ? 45  ALA A CA  1 
ATOM   411  C  C   . ALA A 1 46  ? -4.172  7.241   3.375   1.00 8.27  ? 45  ALA A C   1 
ATOM   412  O  O   . ALA A 1 46  ? -4.414  7.805   4.456   1.00 11.44 ? 45  ALA A O   1 
ATOM   413  C  CB  . ALA A 1 46  ? -1.726  6.548   3.413   1.00 8.31  ? 45  ALA A CB  1 
ATOM   414  N  N   . ILE A 1 47  ? -5.057  6.534   2.695   1.00 8.58  ? 46  ILE A N   1 
ATOM   415  C  CA  . ILE A 1 47  ? -6.447  6.351   3.144   1.00 10.73 ? 46  ILE A CA  1 
ATOM   416  C  C   . ILE A 1 47  ? -6.633  4.868   3.520   1.00 7.61  ? 46  ILE A C   1 
ATOM   417  O  O   . ILE A 1 47  ? -6.576  3.986   2.658   1.00 8.83  ? 46  ILE A O   1 
ATOM   418  C  CB  . ILE A 1 47  ? -7.408  6.709   2.006   1.00 8.85  ? 46  ILE A CB  1 
ATOM   419  C  CG1 . ILE A 1 47  ? -7.279  8.188   1.600   1.00 10.38 ? 46  ILE A CG1 1 
ATOM   420  C  CG2 . ILE A 1 47  ? -8.852  6.418   2.421   1.00 10.40 ? 46  ILE A CG2 1 
ATOM   421  C  CD1 . ILE A 1 47  ? -8.079  8.589   0.347   1.00 12.00 ? 46  ILE A CD1 1 
ATOM   422  N  N   . GLU A 1 48  ? -6.832  4.614   4.816   1.00 7.66  ? 47  GLU A N   1 
ATOM   423  C  CA  . GLU A 1 48  ? -7.015  3.249   5.288   1.00 8.33  ? 47  GLU A CA  1 
ATOM   424  C  C   . GLU A 1 48  ? -8.264  2.650   4.673   1.00 8.06  ? 47  GLU A C   1 
ATOM   425  O  O   . GLU A 1 48  ? -9.333  3.288   4.691   1.00 9.58  ? 47  GLU A O   1 
ATOM   426  C  CB  . GLU A 1 48  ? -7.062  3.232   6.822   1.00 10.55 ? 47  GLU A CB  1 
ATOM   427  C  CG  . GLU A 1 48  ? -7.267  1.843   7.381   1.00 10.22 ? 47  GLU A CG  1 
ATOM   428  C  CD  . GLU A 1 48  ? -7.293  1.810   8.894   1.00 11.15 ? 47  GLU A CD  1 
ATOM   429  O  OE1 . GLU A 1 48  ? -7.080  2.837   9.557   1.00 12.34 ? 47  GLU A OE1 1 
ATOM   430  O  OE2 . GLU A 1 48  ? -7.532  0.709   9.416   1.00 15.50 ? 47  GLU A OE2 1 
ATOM   431  N  N   . THR A 1 49  ? -8.134  1.469   4.087   1.00 7.29  ? 48  THR A N   1 
ATOM   432  C  CA  . THR A 1 49  ? -9.246  0.811   3.452   1.00 8.73  ? 48  THR A CA  1 
ATOM   433  C  C   . THR A 1 49  ? -9.363  -0.630  3.982   1.00 9.62  ? 48  THR A C   1 
ATOM   434  O  O   . THR A 1 49  ? -8.606  -1.040  4.835   1.00 9.32  ? 48  THR A O   1 
ATOM   435  C  CB  . THR A 1 49  ? -9.112  0.866   1.917   1.00 8.83  ? 48  THR A CB  1 
ATOM   436  O  OG1 . THR A 1 49  ? -7.938  0.146   1.495   1.00 12.02 ? 48  THR A OG1 1 
ATOM   437  C  CG2 . THR A 1 49  ? -9.001  2.291   1.426   1.00 9.75  ? 48  THR A CG2 1 
ATOM   438  N  N   . GLU A 1 50  ? -10.355 -1.382  3.507   1.00 9.90  ? 49  GLU A N   1 
ATOM   439  C  CA  . GLU A 1 50  ? -10.654 -2.684  4.102   1.00 10.64 ? 49  GLU A CA  1 
ATOM   440  C  C   . GLU A 1 50  ? -9.600  -3.749  3.828   1.00 10.09 ? 49  GLU A C   1 
ATOM   441  O  O   . GLU A 1 50  ? -9.009  -3.786  2.726   1.00 10.01 ? 49  GLU A O   1 
ATOM   442  C  CB  . GLU A 1 50  ? -11.988 -3.185  3.556   1.00 14.63 ? 49  GLU A CB  1 
ATOM   443  C  CG  . GLU A 1 50  ? -13.174 -2.370  4.021   1.00 18.91 ? 49  GLU A CG  1 
ATOM   444  C  CD  . GLU A 1 50  ? -13.357 -1.058  3.276   1.00 28.83 ? 49  GLU A CD  1 
ATOM   445  O  OE1 . GLU A 1 50  ? -12.677 -0.817  2.247   1.00 18.11 ? 49  GLU A OE1 1 
ATOM   446  O  OE2 . GLU A 1 50  ? -14.212 -0.272  3.741   1.00 19.31 ? 49  GLU A OE2 1 
ATOM   447  N  N   . ASP A 1 51  ? -9.422  -4.641  4.795   1.00 9.56  ? 50  ASP A N   1 
ATOM   448  C  CA  . ASP A 1 51  ? -8.519  -5.766  4.599   1.00 9.92  ? 50  ASP A CA  1 
ATOM   449  C  C   . ASP A 1 51  ? -8.932  -6.570  3.342   1.00 11.31 ? 50  ASP A C   1 
ATOM   450  O  O   . ASP A 1 51  ? -10.133 -6.720  3.039   1.00 11.95 ? 50  ASP A O   1 
ATOM   451  C  CB  . ASP A 1 51  ? -8.588  -6.738  5.787   1.00 8.57  ? 50  ASP A CB  1 
ATOM   452  C  CG  . ASP A 1 51  ? -8.087  -6.145  7.083   1.00 12.54 ? 50  ASP A CG  1 
ATOM   453  O  OD1 . ASP A 1 51  ? -7.431  -5.089  7.067   1.00 9.83  ? 50  ASP A OD1 1 
ATOM   454  O  OD2 . ASP A 1 51  ? -8.341  -6.755  8.152   1.00 14.06 ? 50  ASP A OD2 1 
ATOM   455  N  N   . HIS A 1 52  ? -7.952  -7.093  2.613   1.00 8.96  ? 51  HIS A N   1 
ATOM   456  C  CA  . HIS A 1 52  ? -8.193  -8.029  1.499   1.00 9.43  ? 51  HIS A CA  1 
ATOM   457  C  C   . HIS A 1 52  ? -7.573  -9.366  1.818   1.00 8.71  ? 51  HIS A C   1 
ATOM   458  O  O   . HIS A 1 52  ? -6.704  -9.474  2.687   1.00 9.94  ? 51  HIS A O   1 
ATOM   459  C  CB  . HIS A 1 52  ? -7.656  -7.484  0.152   1.00 8.55  ? 51  HIS A CB  1 
ATOM   460  C  CG  . HIS A 1 52  ? -8.595  -6.550  -0.545  1.00 9.64  ? 51  HIS A CG  1 
ATOM   461  N  ND1 . HIS A 1 52  ? -9.114  -5.428  0.055   1.00 12.40 ? 51  HIS A ND1 1 
ATOM   462  C  CD2 . HIS A 1 52  ? -9.156  -6.617  -1.782  1.00 11.58 ? 51  HIS A CD2 1 
ATOM   463  C  CE1 . HIS A 1 52  ? -9.915  -4.812  -0.802  1.00 12.57 ? 51  HIS A CE1 1 
ATOM   464  N  NE2 . HIS A 1 52  ? -9.946  -5.502  -1.924  1.00 15.04 ? 51  HIS A NE2 1 
ATOM   465  N  N   . ASP A 1 53  ? -8.044  -10.397 1.133   1.00 10.81 ? 52  ASP A N   1 
ATOM   466  C  CA  . ASP A 1 53  ? -7.463  -11.711 1.322   1.00 10.06 ? 52  ASP A CA  1 
ATOM   467  C  C   . ASP A 1 53  ? -6.071  -11.804 0.738   1.00 11.33 ? 52  ASP A C   1 
ATOM   468  O  O   . ASP A 1 53  ? -5.752  -11.157 -0.276  1.00 10.60 ? 52  ASP A O   1 
ATOM   469  C  CB  . ASP A 1 53  ? -8.394  -12.744 0.672   1.00 12.42 ? 52  ASP A CB  1 
ATOM   470  C  CG  . ASP A 1 53  ? -9.721  -12.900 1.426   1.00 14.80 ? 52  ASP A CG  1 
ATOM   471  O  OD1 . ASP A 1 53  ? -9.775  -12.642 2.664   1.00 18.91 ? 52  ASP A OD1 1 
ATOM   472  O  OD2 . ASP A 1 53  ? -10.709 -13.307 0.756   1.00 15.48 ? 52  ASP A OD2 1 
ATOM   473  N  N   . LEU A 1 54  ? -5.236  -12.629 1.359   1.00 9.28  ? 53  LEU A N   1 
ATOM   474  C  CA  . LEU A 1 54  ? -3.878  -12.813 0.887   1.00 9.77  ? 53  LEU A CA  1 
ATOM   475  C  C   . LEU A 1 54  ? -3.774  -13.191 -0.575  1.00 11.98 ? 53  LEU A C   1 
ATOM   476  O  O   . LEU A 1 54  ? -2.833  -12.786 -1.263  1.00 12.58 ? 53  LEU A O   1 
ATOM   477  C  CB  . LEU A 1 54  ? -3.189  -13.906 1.719   1.00 11.22 ? 53  LEU A CB  1 
ATOM   478  C  CG  . LEU A 1 54  ? -2.947  -13.534 3.174   1.00 14.87 ? 53  LEU A CG  1 
ATOM   479  C  CD1 . LEU A 1 54  ? -2.423  -14.768 3.965   1.00 16.41 ? 53  LEU A CD1 1 
ATOM   480  C  CD2 . LEU A 1 54  ? -1.962  -12.389 3.225   1.00 19.86 ? 53  LEU A CD2 1 
ATOM   481  N  N   . SER A 1 55  ? -4.722  -13.989 -1.069  1.00 9.76  ? 54  SER A N   1 
ATOM   482  C  CA  . SER A 1 55  ? -4.620  -14.431 -2.466  1.00 14.10 ? 54  SER A CA  1 
ATOM   483  C  C   . SER A 1 55  ? -4.730  -13.282 -3.487  1.00 12.74 ? 54  SER A C   1 
ATOM   484  O  O   . SER A 1 55  ? -4.347  -13.444 -4.649  1.00 20.61 ? 54  SER A O   1 
ATOM   485  C  CB  . SER A 1 55  ? -5.661  -15.501 -2.763  1.00 18.92 ? 54  SER A CB  1 
ATOM   486  O  OG  . SER A 1 55  ? -6.949  -15.051 -2.411  1.00 14.27 ? 54  SER A OG  1 
ATOM   487  N  N   . TYR A 1 56  ? -5.248  -12.133 -3.054  1.00 9.91  ? 55  TYR A N   1 
ATOM   488  C  CA  . TYR A 1 56  ? -5.398  -10.980 -3.942  1.00 8.87  ? 55  TYR A CA  1 
ATOM   489  C  C   . TYR A 1 56  ? -4.099  -10.261 -4.257  1.00 8.61  ? 55  TYR A C   1 
ATOM   490  O  O   . TYR A 1 56  ? -4.044  -9.391  -5.165  1.00 9.61  ? 55  TYR A O   1 
ATOM   491  C  CB  . TYR A 1 56  ? -6.385  -10.006 -3.312  1.00 9.34  ? 55  TYR A CB  1 
ATOM   492  C  CG  . TYR A 1 56  ? -6.955  -8.970  -4.255  1.00 10.39 ? 55  TYR A CG  1 
ATOM   493  C  CD1 . TYR A 1 56  ? -7.806  -9.330  -5.304  1.00 11.06 ? 55  TYR A CD1 1 
ATOM   494  C  CD2 . TYR A 1 56  ? -6.684  -7.616  -4.067  1.00 8.72  ? 55  TYR A CD2 1 
ATOM   495  C  CE1 . TYR A 1 56  ? -8.358  -8.355  -6.136  1.00 10.91 ? 55  TYR A CE1 1 
ATOM   496  C  CE2 . TYR A 1 56  ? -7.228  -6.635  -4.905  1.00 9.98  ? 55  TYR A CE2 1 
ATOM   497  C  CZ  . TYR A 1 56  ? -8.043  -7.024  -5.938  1.00 8.92  ? 55  TYR A CZ  1 
ATOM   498  O  OH  . TYR A 1 56  ? -8.643  -6.071  -6.783  1.00 9.61  ? 55  TYR A OH  1 
ATOM   499  N  N   . ILE A 1 57  ? -3.024  -10.657 -3.559  1.00 8.65  ? 56  ILE A N   1 
ATOM   500  C  CA  . ILE A 1 57  ? -1.765  -9.906  -3.710  1.00 11.15 ? 56  ILE A CA  1 
ATOM   501  C  C   . ILE A 1 57  ? -1.227  -9.919  -5.155  1.00 10.83 ? 56  ILE A C   1 
ATOM   502  O  O   . ILE A 1 57  ? -0.586  -8.953  -5.597  1.00 10.85 ? 56  ILE A O   1 
ATOM   503  C  CB  . ILE A 1 57  ? -0.701  -10.405 -2.710  1.00 10.72 ? 56  ILE A CB  1 
ATOM   504  C  CG1 . ILE A 1 57  ? 0.375   -9.332  -2.526  1.00 11.89 ? 56  ILE A CG1 1 
ATOM   505  C  CG2 . ILE A 1 57  ? -0.131  -11.746 -3.144  1.00 11.48 ? 56  ILE A CG2 1 
ATOM   506  C  CD1 . ILE A 1 57  ? 1.341   -9.618  -1.411  1.00 15.43 ? 56  ILE A CD1 1 
ATOM   507  N  N   . ASP A 1 58  ? -1.486  -10.999 -5.888  1.00 10.75 ? 57  ASP A N   1 
ATOM   508  C  CA  . ASP A 1 58  ? -0.975  -11.123 -7.252  1.00 9.80  ? 57  ASP A CA  1 
ATOM   509  C  C   . ASP A 1 58  ? -2.038  -10.792 -8.314  1.00 13.83 ? 57  ASP A C   1 
ATOM   510  O  O   . ASP A 1 58  ? -1.796  -10.977 -9.510  1.00 13.51 ? 57  ASP A O   1 
ATOM   511  C  CB  . ASP A 1 58  ? -0.490  -12.575 -7.519  1.00 14.79 ? 57  ASP A CB  1 
ATOM   512  C  CG  . ASP A 1 58  ? 0.911   -12.871 -6.998  1.00 24.53 ? 57  ASP A CG  1 
ATOM   513  O  OD1 . ASP A 1 58  ? 1.599   -11.989 -6.484  1.00 16.90 ? 57  ASP A OD1 1 
ATOM   514  O  OD2 . ASP A 1 58  ? 1.334   -14.045 -7.141  1.00 26.50 ? 57  ASP A OD2 1 
ATOM   515  N  N   . PHE A 1 59  ? -3.194  -10.270 -7.900  1.00 10.26 ? 58  PHE A N   1 
ATOM   516  C  CA  . PHE A 1 59  ? -4.278  -10.005 -8.838  1.00 11.27 ? 58  PHE A CA  1 
ATOM   517  C  C   . PHE A 1 59  ? -3.944  -8.912  -9.858  1.00 10.75 ? 58  PHE A C   1 
ATOM   518  O  O   . PHE A 1 59  ? -3.380  -7.882  -9.488  1.00 10.67 ? 58  PHE A O   1 
ATOM   519  C  CB  . PHE A 1 59  ? -5.545  -9.601  -8.088  1.00 10.61 ? 58  PHE A CB  1 
ATOM   520  C  CG  . PHE A 1 59  ? -6.723  -9.316  -8.981  1.00 9.99  ? 58  PHE A CG  1 
ATOM   521  C  CD1 . PHE A 1 59  ? -7.521  -10.360 -9.458  1.00 11.67 ? 58  PHE A CD1 1 
ATOM   522  C  CD2 . PHE A 1 59  ? -7.033  -8.005  -9.362  1.00 8.69  ? 58  PHE A CD2 1 
ATOM   523  C  CE1 . PHE A 1 59  ? -8.599  -10.118 -10.267 1.00 10.38 ? 58  PHE A CE1 1 
ATOM   524  C  CE2 . PHE A 1 59  ? -8.134  -7.732  -10.182 1.00 10.07 ? 58  PHE A CE2 1 
ATOM   525  C  CZ  . PHE A 1 59  ? -8.928  -8.815  -10.652 1.00 10.83 ? 58  PHE A CZ  1 
ATOM   526  N  N   . GLU A 1 60  ? -4.323  -9.122  -11.122 1.00 11.07 ? 59  GLU A N   1 
ATOM   527  C  CA  . GLU A 1 60  ? -4.467  -8.074  -12.125 1.00 10.48 ? 59  GLU A CA  1 
ATOM   528  C  C   . GLU A 1 60  ? -5.678  -8.428  -12.951 1.00 12.50 ? 59  GLU A C   1 
ATOM   529  O  O   . GLU A 1 60  ? -6.000  -9.619  -13.182 1.00 13.64 ? 59  GLU A O   1 
ATOM   530  C  CB  . GLU A 1 60  ? -3.244  -7.985  -13.050 1.00 11.04 ? 59  GLU A CB  1 
ATOM   531  C  CG  . GLU A 1 60  ? -1.917  -7.725  -12.344 1.00 12.51 ? 59  GLU A CG  1 
ATOM   532  C  CD  . GLU A 1 60  ? -0.835  -7.484  -13.358 1.00 16.40 ? 59  GLU A CD  1 
ATOM   533  O  OE1 . GLU A 1 60  ? -0.590  -8.402  -14.176 1.00 23.22 ? 59  GLU A OE1 1 
ATOM   534  O  OE2 . GLU A 1 60  ? -0.234  -6.401  -13.377 1.00 15.94 ? 59  GLU A OE2 1 
ATOM   535  N  N   . GLY A 1 61  ? -6.369  -7.400  -13.371 1.00 11.15 ? 60  GLY A N   1 
ATOM   536  C  CA  . GLY A 1 61  ? -7.525  -7.565  -14.234 1.00 13.84 ? 60  GLY A CA  1 
ATOM   537  C  C   . GLY A 1 61  ? -8.567  -6.514  -13.931 1.00 12.28 ? 60  GLY A C   1 
ATOM   538  O  O   . GLY A 1 61  ? -8.346  -5.551  -13.174 1.00 11.95 ? 60  GLY A O   1 
ATOM   539  N  N   . ARG A 1 62  ? -9.731  -6.655  -14.545 1.00 11.94 ? 61  ARG A N   1 
ATOM   540  C  CA  . ARG A 1 62  ? -10.780 -5.670  -14.427 1.00 14.34 ? 61  ARG A CA  1 
ATOM   541  C  C   . ARG A 1 62  ? -11.837 -6.035  -13.379 1.00 14.24 ? 61  ARG A C   1 
ATOM   542  O  O   . ARG A 1 62  ? -12.482 -7.089  -13.484 1.00 15.61 ? 61  ARG A O   1 
ATOM   543  C  CB  . ARG A 1 62  ? -11.464 -5.503  -15.797 1.00 16.83 ? 61  ARG A CB  1 
ATOM   544  C  CG  . ARG A 1 62  ? -12.615 -4.521  -15.769 1.00 16.60 ? 61  ARG A CG  1 
ATOM   545  C  CD  . ARG A 1 62  ? -13.137 -4.178  -17.178 1.00 22.41 ? 61  ARG A CD  1 
ATOM   546  N  NE  . ARG A 1 62  ? -12.127 -3.466  -17.976 1.00 32.46 ? 61  ARG A NE  1 
ATOM   547  C  CZ  . ARG A 1 62  ? -11.747 -2.200  -17.787 1.00 35.43 ? 61  ARG A CZ  1 
ATOM   548  N  NH1 . ARG A 1 62  ? -12.271 -1.453  -16.811 1.00 30.66 ? 61  ARG A NH1 1 
ATOM   549  N  NH2 . ARG A 1 62  ? -10.821 -1.672  -18.579 1.00 61.94 ? 61  ARG A NH2 1 
ATOM   550  N  N   . ILE A 1 63  ? -11.969 -5.230  -12.335 1.00 10.54 ? 62  ILE A N   1 
ATOM   551  C  CA  . ILE A 1 63  ? -13.101 -5.301  -11.418 1.00 10.44 ? 62  ILE A CA  1 
ATOM   552  C  C   . ILE A 1 63  ? -14.312 -4.693  -12.142 1.00 18.38 ? 62  ILE A C   1 
ATOM   553  O  O   . ILE A 1 63  ? -14.284 -3.555  -12.580 1.00 14.56 ? 62  ILE A O   1 
ATOM   554  C  CB  . ILE A 1 63  ? -12.798 -4.602  -10.078 1.00 10.63 ? 62  ILE A CB  1 
ATOM   555  C  CG1 . ILE A 1 63  ? -11.502 -5.150  -9.448  1.00 12.09 ? 62  ILE A CG1 1 
ATOM   556  C  CG2 . ILE A 1 63  ? -14.003 -4.715  -9.134  1.00 12.97 ? 62  ILE A CG2 1 
ATOM   557  C  CD1 . ILE A 1 63  ? -11.541 -6.592  -9.033  1.00 14.06 ? 62  ILE A CD1 1 
ATOM   558  N  N   . PRO A 1 64  ? -15.391 -5.449  -12.291 1.00 12.08 ? 63  PRO A N   1 
ATOM   559  C  CA  . PRO A 1 64  ? -16.471 -4.907  -13.133 1.00 15.46 ? 63  PRO A CA  1 
ATOM   560  C  C   . PRO A 1 64  ? -17.271 -3.764  -12.528 1.00 10.88 ? 63  PRO A C   1 
ATOM   561  O  O   . PRO A 1 64  ? -17.410 -3.607  -11.309 1.00 14.24 ? 63  PRO A O   1 
ATOM   562  C  CB  . PRO A 1 64  ? -17.373 -6.138  -13.379 1.00 19.21 ? 63  PRO A CB  1 
ATOM   563  C  CG  . PRO A 1 64  ? -17.067 -7.104  -12.267 1.00 22.86 ? 63  PRO A CG  1 
ATOM   564  C  CD  . PRO A 1 64  ? -15.642 -6.811  -11.787 1.00 12.14 ? 63  PRO A CD  1 
ATOM   565  N  N   . GLU A 1 65  ? -17.874 -2.997  -13.435 1.00 21.76 ? 64  GLU A N   1 
ATOM   566  C  CA  . GLU A 1 65  ? -18.733 -1.888  -13.067 1.00 17.30 ? 64  GLU A CA  1 
ATOM   567  C  C   . GLU A 1 65  ? -19.931 -2.314  -12.217 1.00 16.49 ? 64  GLU A C   1 
ATOM   568  O  O   . GLU A 1 65  ? -20.478 -3.423  -12.383 1.00 19.87 ? 64  GLU A O   1 
ATOM   569  C  CB  . GLU A 1 65  ? -19.175 -1.153  -14.334 1.00 20.11 ? 64  GLU A CB  1 
ATOM   570  C  CG  . GLU A 1 65  ? -18.009 -0.590  -15.145 1.00 22.36 ? 64  GLU A CG  1 
ATOM   571  C  CD  . GLU A 1 65  ? -17.155 0.438   -14.363 1.00 20.45 ? 64  GLU A CD  1 
ATOM   572  O  OE1 . GLU A 1 65  ? -17.746 1.316   -13.667 1.00 24.14 ? 64  GLU A OE1 1 
ATOM   573  O  OE2 . GLU A 1 65  ? -15.879 0.380   -14.436 1.00 21.42 ? 64  GLU A OE2 1 
ATOM   574  N  N   . GLY A 1 66  ? -20.295 -1.456  -11.268 1.00 23.78 ? 65  GLY A N   1 
ATOM   575  C  CA  . GLY A 1 66  ? -21.349 -1.773  -10.326 1.00 28.70 ? 65  GLY A CA  1 
ATOM   576  C  C   . GLY A 1 66  ? -20.836 -2.515  -9.109  1.00 18.57 ? 65  GLY A C   1 
ATOM   577  O  O   . GLY A 1 66  ? -21.555 -2.661  -8.121  1.00 22.19 ? 65  GLY A O   1 
ATOM   578  N  N   . MET A 1 67  ? -19.598 -3.016  -9.178  1.00 19.31 ? 66  MET A N   1 
ATOM   579  C  CA  . MET A 1 67  ? -18.997 -3.581  -7.975  1.00 20.65 ? 66  MET A CA  1 
ATOM   580  C  C   . MET A 1 67  ? -18.198 -2.463  -7.318  1.00 18.01 ? 66  MET A C   1 
ATOM   581  O  O   . MET A 1 67  ? -17.713 -1.572  -8.011  1.00 18.35 ? 66  MET A O   1 
ATOM   582  C  CB  . MET A 1 67  ? -18.109 -4.789  -8.294  1.00 14.69 ? 66  MET A CB  1 
ATOM   583  C  CG  . MET A 1 67  ? -18.875 -5.960  -8.925  1.00 17.40 ? 66  MET A CG  1 
ATOM   584  S  SD  . MET A 1 67  ? -20.036 -6.721  -7.766  0.88 18.68 ? 66  MET A SD  1 
ATOM   585  C  CE  . MET A 1 67  ? -21.593 -6.393  -8.596  1.00 22.41 ? 66  MET A CE  1 
ATOM   586  N  N   . TYR A 1 68  ? -18.140 -2.509  -5.992  0.70 14.80 ? 67  TYR A N   1 
ATOM   587  C  CA  . TYR A 1 68  ? -17.340 -1.550  -5.237  0.70 12.50 ? 67  TYR A CA  1 
ATOM   588  C  C   . TYR A 1 68  ? -15.872 -1.872  -5.474  0.70 20.51 ? 67  TYR A C   1 
ATOM   589  O  O   . TYR A 1 68  ? -15.399 -2.975  -5.159  0.70 17.14 ? 67  TYR A O   1 
ATOM   590  C  CB  . TYR A 1 68  ? -17.675 -1.604  -3.757  0.70 17.41 ? 67  TYR A CB  1 
ATOM   591  C  CG  . TYR A 1 68  ? -16.956 -0.543  -2.960  0.70 22.13 ? 67  TYR A CG  1 
ATOM   592  C  CD1 . TYR A 1 68  ? -17.080 0.799   -3.294  0.70 21.10 ? 67  TYR A CD1 1 
ATOM   593  C  CD2 . TYR A 1 68  ? -16.157 -0.887  -1.888  0.70 30.43 ? 67  TYR A CD2 1 
ATOM   594  C  CE1 . TYR A 1 68  ? -16.434 1.775   -2.568  0.70 20.47 ? 67  TYR A CE1 1 
ATOM   595  C  CE2 . TYR A 1 68  ? -15.501 0.067   -1.159  0.70 32.64 ? 67  TYR A CE2 1 
ATOM   596  C  CZ  . TYR A 1 68  ? -15.640 1.398   -1.497  0.70 28.56 ? 67  TYR A CZ  1 
ATOM   597  O  OH  . TYR A 1 68  ? -14.962 2.336   -0.741  0.70 18.98 ? 67  TYR A OH  1 
ATOM   598  N  N   . GLY A 1 69  ? -15.157 -0.903  -6.039  1.00 17.86 ? 68  GLY A N   1 
ATOM   599  C  CA  . GLY A 1 69  ? -13.788 -1.123  -6.488  1.00 18.54 ? 68  GLY A CA  1 
ATOM   600  C  C   . GLY A 1 69  ? -13.641 -1.320  -7.994  1.00 17.03 ? 68  GLY A C   1 
ATOM   601  O  O   . GLY A 1 69  ? -12.588 -1.748  -8.477  1.00 15.10 ? 68  GLY A O   1 
ATOM   602  N  N   A ALA A 1 70  ? -14.691 -1.000  -8.746  0.20 14.08 ? 69  ALA A N   1 
ATOM   603  N  N   B ALA A 1 70  ? -14.698 -1.026  -8.749  0.80 15.55 ? 69  ALA A N   1 
ATOM   604  C  CA  A ALA A 1 70  ? -14.682 -1.185  -10.200 0.20 12.28 ? 69  ALA A CA  1 
ATOM   605  C  CA  B ALA A 1 70  ? -14.665 -1.192  -10.205 0.80 12.04 ? 69  ALA A CA  1 
ATOM   606  C  C   A ALA A 1 70  ? -13.514 -0.467  -10.877 0.20 21.58 ? 69  ALA A C   1 
ATOM   607  C  C   B ALA A 1 70  ? -13.421 -0.543  -10.792 0.80 15.17 ? 69  ALA A C   1 
ATOM   608  O  O   A ALA A 1 70  ? -13.178 0.668   -10.515 0.20 9.54  ? 69  ALA A O   1 
ATOM   609  O  O   B ALA A 1 70  ? -12.956 0.489   -10.291 0.80 20.88 ? 69  ALA A O   1 
ATOM   610  C  CB  A ALA A 1 70  ? -16.003 -0.722  -10.801 0.20 23.32 ? 69  ALA A CB  1 
ATOM   611  C  CB  B ALA A 1 70  ? -15.907 -0.584  -10.850 0.80 17.58 ? 69  ALA A CB  1 
ATOM   612  N  N   . GLY A 1 71  ? -12.907 -1.125  -11.863 1.00 13.91 ? 70  GLY A N   1 
ATOM   613  C  CA  . GLY A 1 71  ? -11.799 -0.522  -12.589 1.00 15.14 ? 70  GLY A CA  1 
ATOM   614  C  C   . GLY A 1 71  ? -10.686 -1.510  -12.865 1.00 16.29 ? 70  GLY A C   1 
ATOM   615  O  O   . GLY A 1 71  ? -10.688 -2.653  -12.392 1.00 15.82 ? 70  GLY A O   1 
ATOM   616  N  N   . GLU A 1 72  ? -9.697  -1.088  -13.631 1.00 14.65 ? 71  GLU A N   1 
ATOM   617  C  CA  . GLU A 1 72  ? -8.620  -1.965  -14.014 1.00 16.77 ? 71  GLU A CA  1 
ATOM   618  C  C   . GLU A 1 72  ? -7.545  -1.935  -12.952 1.00 13.34 ? 71  GLU A C   1 
ATOM   619  O  O   . GLU A 1 72  ? -7.134  -0.849  -12.530 1.00 12.59 ? 71  GLU A O   1 
ATOM   620  C  CB  . GLU A 1 72  ? -8.040  -1.517  -15.351 1.00 23.43 ? 71  GLU A CB  1 
ATOM   621  C  CG  . GLU A 1 72  ? -6.954  -2.408  -15.889 1.00 34.05 ? 71  GLU A CG  1 
ATOM   622  C  CD  . GLU A 1 72  ? -7.420  -3.212  -17.085 1.00 67.34 ? 71  GLU A CD  1 
ATOM   623  O  OE1 . GLU A 1 72  ? -7.228  -2.739  -18.232 1.00 55.09 ? 71  GLU A OE1 1 
ATOM   624  O  OE2 . GLU A 1 72  ? -7.986  -4.309  -16.869 1.00 29.70 ? 71  GLU A OE2 1 
ATOM   625  N  N   . VAL A 1 73  ? -7.120  -3.115  -12.506 1.00 10.68 ? 72  VAL A N   1 
ATOM   626  C  CA  . VAL A 1 73  ? -6.018  -3.249  -11.530 1.00 9.43  ? 72  VAL A CA  1 
ATOM   627  C  C   . VAL A 1 73  ? -4.772  -3.803  -12.194 1.00 12.23 ? 72  VAL A C   1 
ATOM   628  O  O   . VAL A 1 73  ? -4.829  -4.848  -12.842 1.00 11.74 ? 72  VAL A O   1 
ATOM   629  C  CB  . VAL A 1 73  ? -6.446  -4.197  -10.403 1.00 10.12 ? 72  VAL A CB  1 
ATOM   630  C  CG1 . VAL A 1 73  ? -5.343  -4.378  -9.382  1.00 10.21 ? 72  VAL A CG1 1 
ATOM   631  C  CG2 . VAL A 1 73  ? -7.716  -3.701  -9.715  1.00 11.62 ? 72  VAL A CG2 1 
ATOM   632  N  N   A LYS A 1 74  ? -3.638  -3.130  -12.021 0.49 8.85  ? 73  LYS A N   1 
ATOM   633  N  N   C LYS A 1 74  ? -3.655  -3.092  -12.046 0.51 9.97  ? 73  LYS A N   1 
ATOM   634  C  CA  A LYS A 1 74  ? -2.372  -3.668  -12.488 0.49 8.90  ? 73  LYS A CA  1 
ATOM   635  C  CA  C LYS A 1 74  ? -2.357  -3.584  -12.477 0.51 9.39  ? 73  LYS A CA  1 
ATOM   636  C  C   A LYS A 1 74  ? -1.280  -3.404  -11.467 0.49 11.34 ? 73  LYS A C   1 
ATOM   637  C  C   C LYS A 1 74  ? -1.371  -3.505  -11.334 0.51 7.81  ? 73  LYS A C   1 
ATOM   638  O  O   A LYS A 1 74  ? -1.296  -2.408  -10.753 0.49 12.32 ? 73  LYS A O   1 
ATOM   639  O  O   C LYS A 1 74  ? -1.566  -2.754  -10.388 0.51 5.24  ? 73  LYS A O   1 
ATOM   640  C  CB  A LYS A 1 74  ? -1.987  -3.064  -13.827 0.49 31.73 ? 73  LYS A CB  1 
ATOM   641  C  CB  C LYS A 1 74  ? -1.853  -2.808  -13.691 0.51 8.84  ? 73  LYS A CB  1 
ATOM   642  C  CG  A LYS A 1 74  ? -1.719  -1.601  -13.738 0.49 22.58 ? 73  LYS A CG  1 
ATOM   643  C  CG  C LYS A 1 74  ? -2.621  -3.224  -14.932 0.51 16.40 ? 73  LYS A CG  1 
ATOM   644  C  CD  A LYS A 1 74  ? -1.289  -1.039  -15.079 0.49 19.77 ? 73  LYS A CD  1 
ATOM   645  C  CD  C LYS A 1 74  ? -1.887  -2.952  -16.220 0.51 28.54 ? 73  LYS A CD  1 
ATOM   646  C  CE  A LYS A 1 74  ? -1.033  0.440   -14.952 0.49 18.09 ? 73  LYS A CE  1 
ATOM   647  C  CE  C LYS A 1 74  ? -2.744  -3.427  -17.381 0.51 18.79 ? 73  LYS A CE  1 
ATOM   648  N  NZ  A LYS A 1 74  ? -0.329  0.949   -16.156 0.49 36.59 ? 73  LYS A NZ  1 
ATOM   649  N  NZ  C LYS A 1 74  ? -4.177  -3.096  -17.135 0.51 17.11 ? 73  LYS A NZ  1 
ATOM   650  N  N   . ILE A 1 75  ? -0.325  -4.308  -11.410 1.00 9.55  ? 74  ILE A N   1 
ATOM   651  C  CA  . ILE A 1 75  ? 0.719   -4.254  -10.400 1.00 7.86  ? 74  ILE A CA  1 
ATOM   652  C  C   . ILE A 1 75  ? 1.736   -3.187  -10.774 1.00 10.43 ? 74  ILE A C   1 
ATOM   653  O  O   . ILE A 1 75  ? 2.407   -3.288  -11.807 1.00 14.63 ? 74  ILE A O   1 
ATOM   654  C  CB  . ILE A 1 75  ? 1.393   -5.610  -10.274 1.00 9.73  ? 74  ILE A CB  1 
ATOM   655  C  CG1 . ILE A 1 75  ? 0.395   -6.580  -9.644  1.00 9.36  ? 74  ILE A CG1 1 
ATOM   656  C  CG2 . ILE A 1 75  ? 2.652   -5.480  -9.414  1.00 12.37 ? 74  ILE A CG2 1 
ATOM   657  C  CD1 . ILE A 1 75  ? 0.883   -8.035  -9.607  1.00 13.77 ? 74  ILE A CD1 1 
ATOM   658  N  N   . TRP A 1 76  ? 1.854   -2.167  -9.924  1.00 9.01  ? 75  TRP A N   1 
ATOM   659  C  CA  . TRP A 1 76  ? 2.763   -1.057  -10.169 1.00 10.01 ? 75  TRP A CA  1 
ATOM   660  C  C   . TRP A 1 76  ? 4.128   -1.425  -9.588  1.00 8.96  ? 75  TRP A C   1 
ATOM   661  O  O   . TRP A 1 76  ? 5.142   -1.091  -10.188 1.00 11.58 ? 75  TRP A O   1 
ATOM   662  C  CB  . TRP A 1 76  ? 2.205   0.208   -9.493  1.00 10.12 ? 75  TRP A CB  1 
ATOM   663  C  CG  . TRP A 1 76  ? 3.027   1.459   -9.683  1.00 9.12  ? 75  TRP A CG  1 
ATOM   664  C  CD1 . TRP A 1 76  ? 2.981   2.320   -10.764 1.00 16.46 ? 75  TRP A CD1 1 
ATOM   665  C  CD2 . TRP A 1 76  ? 3.977   2.010   -8.770  1.00 10.07 ? 75  TRP A CD2 1 
ATOM   666  N  NE1 . TRP A 1 76  ? 3.870   3.352   -10.579 1.00 14.59 ? 75  TRP A NE1 1 
ATOM   667  C  CE2 . TRP A 1 76  ? 4.481   3.199   -9.360  1.00 11.50 ? 75  TRP A CE2 1 
ATOM   668  C  CE3 . TRP A 1 76  ? 4.476   1.614   -7.525  1.00 10.60 ? 75  TRP A CE3 1 
ATOM   669  C  CZ2 . TRP A 1 76  ? 5.439   3.992   -8.731  1.00 15.00 ? 75  TRP A CZ2 1 
ATOM   670  C  CZ3 . TRP A 1 76  ? 5.421   2.421   -6.900  1.00 11.07 ? 75  TRP A CZ3 1 
ATOM   671  C  CH2 . TRP A 1 76  ? 5.895   3.590   -7.510  1.00 12.60 ? 75  TRP A CH2 1 
ATOM   672  N  N   . ASP A 1 77  ? 4.159   -2.060  -8.414  1.00 8.50  ? 76  ASP A N   1 
ATOM   673  C  CA  . ASP A 1 77  ? 5.402   -2.589  -7.849  1.00 8.32  ? 76  ASP A CA  1 
ATOM   674  C  C   . ASP A 1 77  ? 5.040   -3.684  -6.856  1.00 9.21  ? 76  ASP A C   1 
ATOM   675  O  O   . ASP A 1 77  ? 3.873   -3.794  -6.449  1.00 8.83  ? 76  ASP A O   1 
ATOM   676  C  CB  . ASP A 1 77  ? 6.198   -1.479  -7.149  1.00 8.58  ? 76  ASP A CB  1 
ATOM   677  C  CG  . ASP A 1 77  ? 7.638   -1.865  -6.881  1.00 8.75  ? 76  ASP A CG  1 
ATOM   678  O  OD1 . ASP A 1 77  ? 8.173   -2.790  -7.510  1.00 11.32 ? 76  ASP A OD1 1 
ATOM   679  O  OD2 . ASP A 1 77  ? 8.253   -1.169  -6.042  1.00 8.73  ? 76  ASP A OD2 1 
ATOM   680  N  N   . SER A 1 78  ? 6.022   -4.466  -6.440  1.00 8.53  ? 77  SER A N   1 
ATOM   681  C  CA  . SER A 1 78  ? 5.806   -5.552  -5.510  1.00 8.51  ? 77  SER A CA  1 
ATOM   682  C  C   . SER A 1 78  ? 7.161   -6.055  -5.033  1.00 9.49  ? 77  SER A C   1 
ATOM   683  O  O   . SER A 1 78  ? 8.195   -5.751  -5.631  1.00 11.38 ? 77  SER A O   1 
ATOM   684  C  CB  . SER A 1 78  ? 5.049   -6.698  -6.176  1.00 11.20 ? 77  SER A CB  1 
ATOM   685  O  OG  . SER A 1 78  ? 5.807   -7.231  -7.245  1.00 13.56 ? 77  SER A OG  1 
ATOM   686  N  N   . GLY A 1 79  ? 7.139   -6.762  -3.935  1.00 8.74  ? 78  GLY A N   1 
ATOM   687  C  CA  . GLY A 1 79  ? 8.381   -7.289  -3.379  1.00 11.32 ? 78  GLY A CA  1 
ATOM   688  C  C   . GLY A 1 79  ? 8.174   -7.759  -1.960  1.00 11.75 ? 78  GLY A C   1 
ATOM   689  O  O   . GLY A 1 79  ? 7.052   -7.750  -1.438  1.00 10.36 ? 78  GLY A O   1 
ATOM   690  N  N   . GLU A 1 80  ? 9.257   -8.185  -1.318  1.00 11.15 ? 79  GLU A N   1 
ATOM   691  C  CA  . GLU A 1 80  ? 9.208   -8.500  0.102   1.00 10.55 ? 79  GLU A CA  1 
ATOM   692  C  C   . GLU A 1 80  ? 9.324   -7.195  0.880   1.00 11.79 ? 79  GLU A C   1 
ATOM   693  O  O   . GLU A 1 80  ? 9.703   -6.157  0.333   1.00 9.70  ? 79  GLU A O   1 
ATOM   694  C  CB  . GLU A 1 80  ? 10.373  -9.438  0.462   1.00 13.52 ? 79  GLU A CB  1 
ATOM   695  C  CG  . GLU A 1 80  ? 10.345  -10.693 -0.387  1.00 13.16 ? 79  GLU A CG  1 
ATOM   696  C  CD  . GLU A 1 80  ? 11.599  -11.537 -0.277  1.00 18.19 ? 79  GLU A CD  1 
ATOM   697  O  OE1 . GLU A 1 80  ? 12.518  -11.182 0.492   1.00 17.49 ? 79  GLU A OE1 1 
ATOM   698  O  OE2 . GLU A 1 80  ? 11.626  -12.567 -0.963  1.00 21.20 ? 79  GLU A OE2 1 
ATOM   699  N  N   . TYR A 1 81  ? 9.022   -7.266  2.167   1.00 9.49  ? 80  TYR A N   1 
ATOM   700  C  CA  . TYR A 1 81  ? 9.300   -6.152  3.061   1.00 8.38  ? 80  TYR A CA  1 
ATOM   701  C  C   . TYR A 1 81  ? 9.685   -6.655  4.415   1.00 10.36 ? 80  TYR A C   1 
ATOM   702  O  O   . TYR A 1 81  ? 9.310   -7.759  4.787   1.00 11.74 ? 80  TYR A O   1 
ATOM   703  C  CB  . TYR A 1 81  ? 8.113   -5.153  3.170   1.00 10.33 ? 80  TYR A CB  1 
ATOM   704  C  CG  . TYR A 1 81  ? 6.984   -5.585  4.074   1.00 9.04  ? 80  TYR A CG  1 
ATOM   705  C  CD1 . TYR A 1 81  ? 6.952   -5.170  5.411   1.00 9.76  ? 80  TYR A CD1 1 
ATOM   706  C  CD2 . TYR A 1 81  ? 5.972   -6.408  3.602   1.00 8.15  ? 80  TYR A CD2 1 
ATOM   707  C  CE1 . TYR A 1 81  ? 5.927   -5.564  6.269   1.00 10.94 ? 80  TYR A CE1 1 
ATOM   708  C  CE2 . TYR A 1 81  ? 4.951   -6.789  4.431   1.00 8.32  ? 80  TYR A CE2 1 
ATOM   709  C  CZ  . TYR A 1 81  ? 4.942   -6.368  5.775   1.00 8.59  ? 80  TYR A CZ  1 
ATOM   710  O  OH  . TYR A 1 81  ? 3.905   -6.768  6.606   1.00 10.16 ? 80  TYR A OH  1 
ATOM   711  N  N   . GLU A 1 82  ? 10.474  -5.859  5.130   1.00 9.82  ? 81  GLU A N   1 
ATOM   712  C  CA  A GLU A 1 82  ? 10.903  -6.173  6.487   0.50 9.32  ? 81  GLU A CA  1 
ATOM   713  C  CA  B GLU A 1 82  ? 10.861  -6.194  6.481   0.50 10.91 ? 81  GLU A CA  1 
ATOM   714  C  C   . GLU A 1 82  ? 10.239  -5.169  7.423   1.00 11.79 ? 81  GLU A C   1 
ATOM   715  O  O   . GLU A 1 82  ? 10.461  -3.988  7.285   1.00 11.23 ? 81  GLU A O   1 
ATOM   716  C  CB  A GLU A 1 82  ? 12.427  -6.054  6.610   0.50 6.72  ? 81  GLU A CB  1 
ATOM   717  C  CB  B GLU A 1 82  ? 12.374  -6.178  6.628   0.50 17.27 ? 81  GLU A CB  1 
ATOM   718  C  CG  A GLU A 1 82  ? 13.159  -7.140  5.869   0.50 9.71  ? 81  GLU A CG  1 
ATOM   719  C  CG  B GLU A 1 82  ? 12.812  -6.497  8.025   0.50 10.70 ? 81  GLU A CG  1 
ATOM   720  C  CD  A GLU A 1 82  ? 14.668  -6.892  5.792   0.50 16.92 ? 81  GLU A CD  1 
ATOM   721  C  CD  B GLU A 1 82  ? 14.282  -6.265  8.224   0.50 20.71 ? 81  GLU A CD  1 
ATOM   722  O  OE1 A GLU A 1 82  ? 15.096  -5.747  6.043   0.50 16.03 ? 81  GLU A OE1 1 
ATOM   723  O  OE1 B GLU A 1 82  ? 14.973  -6.049  7.212   0.50 17.16 ? 81  GLU A OE1 1 
ATOM   724  O  OE2 A GLU A 1 82  ? 15.429  -7.840  5.482   0.50 10.64 ? 81  GLU A OE2 1 
ATOM   725  O  OE2 B GLU A 1 82  ? 14.739  -6.291  9.387   0.50 21.73 ? 81  GLU A OE2 1 
ATOM   726  N  N   . LEU A 1 83  ? 9.423   -5.632  8.365   1.00 9.03  ? 82  LEU A N   1 
ATOM   727  C  CA  . LEU A 1 83  ? 8.822   -4.770  9.366   1.00 7.48  ? 82  LEU A CA  1 
ATOM   728  C  C   . LEU A 1 83  ? 9.855   -4.361  10.412  1.00 10.26 ? 82  LEU A C   1 
ATOM   729  O  O   . LEU A 1 83  ? 10.545  -5.241  10.970  1.00 12.41 ? 82  LEU A O   1 
ATOM   730  C  CB  . LEU A 1 83  ? 7.702   -5.531  10.066  1.00 10.16 ? 82  LEU A CB  1 
ATOM   731  C  CG  . LEU A 1 83  ? 6.840   -4.672  11.002  1.00 9.41  ? 82  LEU A CG  1 
ATOM   732  C  CD1 . LEU A 1 83  ? 6.106   -3.585  10.205  1.00 8.75  ? 82  LEU A CD1 1 
ATOM   733  C  CD2 . LEU A 1 83  ? 5.876   -5.546  11.747  1.00 12.92 ? 82  LEU A CD2 1 
ATOM   734  N  N   . LEU A 1 84  ? 9.932   -3.055  10.675  1.00 9.70  ? 83  LEU A N   1 
ATOM   735  C  CA  . LEU A 1 84  ? 10.929  -2.464  11.612  1.00 9.50  ? 83  LEU A CA  1 
ATOM   736  C  C   . LEU A 1 84  ? 10.295  -1.939  12.895  1.00 12.38 ? 83  LEU A C   1 
ATOM   737  O  O   . LEU A 1 84  ? 10.906  -2.054  13.946  1.00 14.54 ? 83  LEU A O   1 
ATOM   738  C  CB  . LEU A 1 84  ? 11.694  -1.336  10.912  1.00 12.64 ? 83  LEU A CB  1 
ATOM   739  C  CG  . LEU A 1 84  ? 12.458  -1.783  9.667   1.00 14.67 ? 83  LEU A CG  1 
ATOM   740  C  CD1 . LEU A 1 84  ? 13.072  -0.585  8.959   1.00 15.60 ? 83  LEU A CD1 1 
ATOM   741  C  CD2 . LEU A 1 84  ? 13.522  -2.835  9.982   1.00 21.18 ? 83  LEU A CD2 1 
ATOM   742  N  N   . GLU A 1 85  ? 9.103   -1.356  12.822  1.00 11.51 ? 84  GLU A N   1 
ATOM   743  C  CA  . GLU A 1 85  ? 8.366   -0.872  13.991  1.00 9.71  ? 84  GLU A CA  1 
ATOM   744  C  C   . GLU A 1 85  ? 6.911   -1.013  13.676  1.00 9.87  ? 84  GLU A C   1 
ATOM   745  O  O   . GLU A 1 85  ? 6.498   -0.833  12.531  1.00 10.55 ? 84  GLU A O   1 
ATOM   746  C  CB  . GLU A 1 85  ? 8.577   0.621   14.212  1.00 14.93 ? 84  GLU A CB  1 
ATOM   747  C  CG  . GLU A 1 85  ? 9.975   1.096   14.433  1.00 24.54 ? 84  GLU A CG  1 
ATOM   748  C  CD  . GLU A 1 85  ? 9.995   2.587   14.809  1.00 19.81 ? 84  GLU A CD  1 
ATOM   749  O  OE1 . GLU A 1 85  ? 9.153   2.987   15.647  1.00 29.88 ? 84  GLU A OE1 1 
ATOM   750  O  OE2 . GLU A 1 85  ? 10.847  3.333   14.283  1.00 54.94 ? 84  GLU A OE2 1 
ATOM   751  N  N   . ARG A 1 86  ? 6.099   -1.272  14.690  1.00 9.61  ? 85  ARG A N   1 
ATOM   752  C  CA  . ARG A 1 86  ? 4.672   -1.276  14.518  1.00 9.33  ? 85  ARG A CA  1 
ATOM   753  C  C   . ARG A 1 86  ? 3.966   -0.999  15.819  1.00 16.21 ? 85  ARG A C   1 
ATOM   754  O  O   . ARG A 1 86  ? 4.182   -1.714  16.794  1.00 11.67 ? 85  ARG A O   1 
ATOM   755  C  CB  . ARG A 1 86  ? 4.147   -2.609  13.966  1.00 8.63  ? 85  ARG A CB  1 
ATOM   756  C  CG  . ARG A 1 86  ? 2.648   -2.500  13.721  1.00 10.52 ? 85  ARG A CG  1 
ATOM   757  C  CD  . ARG A 1 86  ? 2.091   -3.774  13.121  1.00 12.75 ? 85  ARG A CD  1 
ATOM   758  N  NE  . ARG A 1 86  ? 0.654   -3.662  12.891  1.00 11.53 ? 85  ARG A NE  1 
ATOM   759  C  CZ  . ARG A 1 86  ? -0.159  -4.683  12.684  1.00 11.45 ? 85  ARG A CZ  1 
ATOM   760  N  NH1 . ARG A 1 86  ? 0.308   -5.940  12.702  1.00 12.53 ? 85  ARG A NH1 1 
ATOM   761  N  NH2 . ARG A 1 86  ? -1.457  -4.449  12.453  1.00 14.51 ? 85  ARG A NH2 1 
ATOM   762  N  N   . THR A 1 87  ? 3.088   0.002   15.788  1.00 17.90 ? 86  THR A N   1 
ATOM   763  C  CA  . THR A 1 87  ? 2.018   0.197   16.779  1.00 15.35 ? 86  THR A CA  1 
ATOM   764  C  C   . THR A 1 87  ? 0.722   0.554   16.058  1.00 16.26 ? 86  THR A C   1 
ATOM   765  O  O   . THR A 1 87  ? 0.670   0.611   14.821  1.00 15.69 ? 86  THR A O   1 
ATOM   766  C  CB  . THR A 1 87  ? 2.305   1.357   17.679  1.00 15.54 ? 86  THR A CB  1 
ATOM   767  O  OG1 . THR A 1 87  ? 2.024   2.566   16.966  1.00 19.93 ? 86  THR A OG1 1 
ATOM   768  C  CG2 . THR A 1 87  ? 3.764   1.386   18.121  1.00 21.52 ? 86  THR A CG2 1 
ATOM   769  N  N   . GLU A 1 88  ? -0.344  0.790   16.833  1.00 19.35 ? 87  GLU A N   1 
ATOM   770  C  CA  A GLU A 1 88  ? -1.643  1.162   16.275  0.26 24.09 ? 87  GLU A CA  1 
ATOM   771  C  CA  B GLU A 1 88  ? -1.638  1.122   16.235  0.74 20.09 ? 87  GLU A CA  1 
ATOM   772  C  C   . GLU A 1 88  ? -1.550  2.451   15.452  1.00 14.96 ? 87  GLU A C   1 
ATOM   773  O  O   . GLU A 1 88  ? -2.392  2.710   14.561  1.00 20.59 ? 87  GLU A O   1 
ATOM   774  C  CB  A GLU A 1 88  ? -2.674  1.335   17.399  0.26 28.94 ? 87  GLU A CB  1 
ATOM   775  C  CB  B GLU A 1 88  ? -2.767  1.170   17.293  0.74 24.04 ? 87  GLU A CB  1 
ATOM   776  C  CG  A GLU A 1 88  ? -4.088  0.876   17.053  0.26 42.09 ? 87  GLU A CG  1 
ATOM   777  C  CG  B GLU A 1 88  ? -2.864  -0.039  18.257  0.74 49.54 ? 87  GLU A CG  1 
ATOM   778  C  CD  A GLU A 1 88  ? -4.279  -0.625  17.216  0.26 51.14 ? 87  GLU A CD  1 
ATOM   779  C  CD  B GLU A 1 88  ? -3.528  -1.283  17.664  0.74 67.71 ? 87  GLU A CD  1 
ATOM   780  O  OE1 A GLU A 1 88  ? -3.295  -1.321  17.545  0.26 60.10 ? 87  GLU A OE1 1 
ATOM   781  O  OE1 B GLU A 1 88  ? -3.759  -1.313  16.436  0.74 70.27 ? 87  GLU A OE1 1 
ATOM   782  O  OE2 A GLU A 1 88  ? -5.415  -1.110  17.016  0.26 47.79 ? 87  GLU A OE2 1 
ATOM   783  O  OE2 B GLU A 1 88  ? -3.818  -2.234  18.432  0.74 57.34 ? 87  GLU A OE2 1 
ATOM   784  N  N   . ASN A 1 89  ? -0.524  3.262   15.730  1.00 13.70 ? 88  ASN A N   1 
ATOM   785  C  CA  . ASN A 1 89  ? -0.343  4.573   15.050  1.00 14.12 ? 88  ASN A CA  1 
ATOM   786  C  C   . ASN A 1 89  ? 0.892   4.757   14.124  1.00 12.93 ? 88  ASN A C   1 
ATOM   787  O  O   . ASN A 1 89  ? 1.097   5.839   13.533  1.00 13.51 ? 88  ASN A O   1 
ATOM   788  C  CB  . ASN A 1 89  ? -0.333  5.718   16.082  1.00 17.99 ? 88  ASN A CB  1 
ATOM   789  C  CG  . ASN A 1 89  ? -1.639  5.816   16.855  1.00 19.22 ? 88  ASN A CG  1 
ATOM   790  O  OD1 . ASN A 1 89  ? -2.718  5.764   16.270  1.00 30.46 ? 88  ASN A OD1 1 
ATOM   791  N  ND2 . ASN A 1 89  ? -1.537  5.923   18.174  1.00 38.07 ? 88  ASN A ND2 1 
ATOM   792  N  N   . LYS A 1 90  ? 1.741   3.733   14.006  1.00 16.23 ? 89  LYS A N   1 
ATOM   793  C  CA  A LYS A 1 90  ? 2.929   3.824   13.156  0.52 10.90 ? 89  LYS A CA  1 
ATOM   794  C  CA  B LYS A 1 90  ? 2.920   3.816   13.158  0.48 11.02 ? 89  LYS A CA  1 
ATOM   795  C  C   . LYS A 1 90  ? 3.312   2.446   12.624  1.00 14.89 ? 89  LYS A C   1 
ATOM   796  O  O   . LYS A 1 90  ? 3.308   1.457   13.374  1.00 13.16 ? 89  LYS A O   1 
ATOM   797  C  CB  A LYS A 1 90  ? 4.101   4.433   13.936  0.52 16.00 ? 89  LYS A CB  1 
ATOM   798  C  CB  B LYS A 1 90  ? 4.089   4.386   13.946  0.48 16.34 ? 89  LYS A CB  1 
ATOM   799  C  CG  A LYS A 1 90  ? 5.365   4.731   13.109  0.52 20.35 ? 89  LYS A CG  1 
ATOM   800  C  CG  B LYS A 1 90  ? 5.363   4.462   13.143  0.48 11.96 ? 89  LYS A CG  1 
ATOM   801  C  CD  A LYS A 1 90  ? 6.494   5.353   13.973  0.52 25.68 ? 89  LYS A CD  1 
ATOM   802  C  CD  B LYS A 1 90  ? 6.592   4.662   14.023  0.48 38.13 ? 89  LYS A CD  1 
ATOM   803  C  CE  A LYS A 1 90  ? 7.834   5.413   13.220  0.52 15.52 ? 89  LYS A CE  1 
ATOM   804  C  CE  B LYS A 1 90  ? 6.377   5.734   15.079  0.48 23.61 ? 89  LYS A CE  1 
ATOM   805  N  NZ  A LYS A 1 90  ? 9.077   5.683   14.057  0.52 18.93 ? 89  LYS A NZ  1 
ATOM   806  N  NZ  B LYS A 1 90  ? 7.682   6.321   15.495  0.48 19.51 ? 89  LYS A NZ  1 
ATOM   807  N  N   . ILE A 1 91  ? 3.656   2.383   11.335  1.00 9.88  ? 90  ILE A N   1 
ATOM   808  C  CA  . ILE A 1 91  ? 4.196   1.157   10.752  1.00 9.52  ? 90  ILE A CA  1 
ATOM   809  C  C   . ILE A 1 91  ? 5.406   1.577   9.948   1.00 9.97  ? 90  ILE A C   1 
ATOM   810  O  O   . ILE A 1 91  ? 5.268   2.317   8.974   1.00 9.45  ? 90  ILE A O   1 
ATOM   811  C  CB  . ILE A 1 91  ? 3.195   0.486   9.828   1.00 8.19  ? 90  ILE A CB  1 
ATOM   812  C  CG1 . ILE A 1 91  ? 1.916   0.146   10.591  1.00 9.66  ? 90  ILE A CG1 1 
ATOM   813  C  CG2 . ILE A 1 91  ? 3.803   -0.761  9.205   1.00 10.48 ? 90  ILE A CG2 1 
ATOM   814  C  CD1 . ILE A 1 91  ? 0.811   -0.449  9.669   1.00 10.38 ? 90  ILE A CD1 1 
ATOM   815  N  N   . LYS A 1 92  ? 6.591   1.097   10.337  1.00 9.19  ? 91  LYS A N   1 
ATOM   816  C  CA  . LYS A 1 92  ? 7.840   1.421   9.642   1.00 8.31  ? 91  LYS A CA  1 
ATOM   817  C  C   . LYS A 1 92  ? 8.408   0.153   9.011   1.00 9.71  ? 91  LYS A C   1 
ATOM   818  O  O   . LYS A 1 92  ? 8.463   -0.903  9.677   1.00 9.27  ? 91  LYS A O   1 
ATOM   819  C  CB  . LYS A 1 92  ? 8.860   2.073   10.600  1.00 10.85 ? 91  LYS A CB  1 
ATOM   820  C  CG  . LYS A 1 92  ? 10.204  2.423   9.893   1.00 12.50 ? 91  LYS A CG  1 
ATOM   821  C  CD  . LYS A 1 92  ? 11.097  3.349   10.741  1.00 19.46 ? 91  LYS A CD  1 
ATOM   822  C  CE  . LYS A 1 92  ? 12.084  2.575   11.587  1.00 55.20 ? 91  LYS A CE  1 
ATOM   823  N  NZ  . LYS A 1 92  ? 12.945  3.492   12.403  1.00 31.17 ? 91  LYS A NZ  1 
ATOM   824  N  N   . PHE A 1 93  ? 8.756   0.213   7.728   1.00 8.75  ? 92  PHE A N   1 
ATOM   825  C  CA  . PHE A 1 93  ? 9.175   -1.009  7.047   1.00 7.99  ? 92  PHE A CA  1 
ATOM   826  C  C   . PHE A 1 93  ? 10.240  -0.696  6.017   1.00 9.24  ? 92  PHE A C   1 
ATOM   827  O  O   . PHE A 1 93  ? 10.311  0.444   5.505   1.00 9.11  ? 92  PHE A O   1 
ATOM   828  C  CB  . PHE A 1 93  ? 7.965   -1.751  6.413   1.00 8.39  ? 92  PHE A CB  1 
ATOM   829  C  CG  . PHE A 1 93  ? 7.153   -0.933  5.464   1.00 7.53  ? 92  PHE A CG  1 
ATOM   830  C  CD1 . PHE A 1 93  ? 6.194   -0.021  5.926   1.00 9.50  ? 92  PHE A CD1 1 
ATOM   831  C  CD2 . PHE A 1 93  ? 7.312   -1.078  4.100   1.00 10.43 ? 92  PHE A CD2 1 
ATOM   832  C  CE1 . PHE A 1 93  ? 5.421   0.709   5.017   1.00 11.31 ? 92  PHE A CE1 1 
ATOM   833  C  CE2 . PHE A 1 93  ? 6.527   -0.351  3.196   1.00 9.81  ? 92  PHE A CE2 1 
ATOM   834  C  CZ  . PHE A 1 93  ? 5.599   0.558   3.670   1.00 10.06 ? 92  PHE A CZ  1 
ATOM   835  N  N   . LEU A 1 94  ? 11.097  -1.687  5.763   1.00 9.27  ? 93  LEU A N   1 
ATOM   836  C  CA  . LEU A 1 94  ? 11.987  -1.652  4.615   1.00 9.49  ? 93  LEU A CA  1 
ATOM   837  C  C   . LEU A 1 94  ? 11.297  -2.364  3.469   1.00 8.28  ? 93  LEU A C   1 
ATOM   838  O  O   . LEU A 1 94  ? 11.014  -3.557  3.542   1.00 9.46  ? 93  LEU A O   1 
ATOM   839  C  CB  . LEU A 1 94  ? 13.319  -2.323  4.958   1.00 10.76 ? 93  LEU A CB  1 
ATOM   840  C  CG  . LEU A 1 94  ? 14.288  -2.513  3.790   1.00 16.27 ? 93  LEU A CG  1 
ATOM   841  C  CD1 . LEU A 1 94  ? 15.002  -1.228  3.574   1.00 16.91 ? 93  LEU A CD1 1 
ATOM   842  C  CD2 . LEU A 1 94  ? 15.292  -3.591  4.164   1.00 24.45 ? 93  LEU A CD2 1 
ATOM   843  N  N   . ALA A 1 95  ? 11.036  -1.635  2.391   1.00 7.95  ? 94  ALA A N   1 
ATOM   844  C  CA  . ALA A 1 95  ? 10.427  -2.192  1.184   1.00 8.11  ? 94  ALA A CA  1 
ATOM   845  C  C   . ALA A 1 95  ? 11.496  -2.712  0.242   1.00 8.37  ? 94  ALA A C   1 
ATOM   846  O  O   . ALA A 1 95  ? 12.503  -2.034  0.037   1.00 10.85 ? 94  ALA A O   1 
ATOM   847  C  CB  . ALA A 1 95  ? 9.576   -1.121  0.468   1.00 9.52  ? 94  ALA A CB  1 
ATOM   848  N  N   . LYS A 1 96  ? 11.265  -3.874  -0.371  1.00 9.56  ? 95  LYS A N   1 
ATOM   849  C  CA  . LYS A 1 96  ? 12.236  -4.459  -1.309  1.00 11.16 ? 95  LYS A CA  1 
ATOM   850  C  C   . LYS A 1 96  ? 11.589  -4.541  -2.689  1.00 10.48 ? 95  LYS A C   1 
ATOM   851  O  O   . LYS A 1 96  ? 11.651  -5.582  -3.359  1.00 10.54 ? 95  LYS A O   1 
ATOM   852  C  CB  . LYS A 1 96  ? 12.735  -5.836  -0.817  1.00 9.77  ? 95  LYS A CB  1 
ATOM   853  C  CG  . LYS A 1 96  ? 13.361  -5.711  0.535   1.00 12.48 ? 95  LYS A CG  1 
ATOM   854  C  CD  . LYS A 1 96  ? 13.944  -7.025  0.998   1.00 10.23 ? 95  LYS A CD  1 
ATOM   855  C  CE  . LYS A 1 96  ? 14.670  -6.870  2.331   1.00 12.55 ? 95  LYS A CE  1 
ATOM   856  N  NZ  . LYS A 1 96  ? 15.199  -8.234  2.746   1.00 14.41 ? 95  LYS A NZ  1 
ATOM   857  N  N   . GLY A 1 97  ? 10.952  -3.446  -3.127  1.00 9.85  ? 96  GLY A N   1 
ATOM   858  C  CA  . GLY A 1 97  ? 10.390  -3.382  -4.477  1.00 9.74  ? 96  GLY A CA  1 
ATOM   859  C  C   . GLY A 1 97  ? 11.415  -2.880  -5.493  1.00 9.72  ? 96  GLY A C   1 
ATOM   860  O  O   . GLY A 1 97  ? 12.541  -2.491  -5.143  1.00 10.32 ? 96  GLY A O   1 
ATOM   861  N  N   . ARG A 1 98  ? 10.977  -2.832  -6.742  1.00 9.83  ? 97  ARG A N   1 
ATOM   862  C  CA  . ARG A 1 98  ? 11.821  -2.271  -7.802  1.00 11.23 ? 97  ARG A CA  1 
ATOM   863  C  C   . ARG A 1 98  ? 11.725  -0.755  -7.881  1.00 14.16 ? 97  ARG A C   1 
ATOM   864  O  O   . ARG A 1 98  ? 12.623  -0.095  -8.443  1.00 18.68 ? 97  ARG A O   1 
ATOM   865  C  CB  . ARG A 1 98  ? 11.444  -2.875  -9.149  1.00 9.95  ? 97  ARG A CB  1 
ATOM   866  C  CG  . ARG A 1 98  ? 11.519  -4.349  -9.145  1.00 17.63 ? 97  ARG A CG  1 
ATOM   867  C  CD  . ARG A 1 98  ? 12.546  -4.730  -8.099  1.00 57.63 ? 97  ARG A CD  1 
ATOM   868  N  N   . LYS A 1 99  ? 10.632  -0.198  -7.356  1.00 12.69 ? 98  LYS A N   1 
ATOM   869  C  CA  . LYS A 1 99  ? 10.401  1.247   -7.352  1.00 12.91 ? 98  LYS A CA  1 
ATOM   870  C  C   . LYS A 1 99  ? 10.337  1.735   -5.919  1.00 13.48 ? 98  LYS A C   1 
ATOM   871  O  O   . LYS A 1 99  ? 10.988  2.736   -5.553  1.00 13.70 ? 98  LYS A O   1 
ATOM   872  C  CB  . LYS A 1 99  ? 9.077   1.576   -8.063  1.00 12.79 ? 98  LYS A CB  1 
ATOM   873  C  CG  . LYS A 1 99  ? 8.991   1.024   -9.502  1.00 14.31 ? 98  LYS A CG  1 
ATOM   874  C  CD  . LYS A 1 99  ? 7.643   1.390   -10.116 1.00 16.94 ? 98  LYS A CD  1 
ATOM   875  C  CE  . LYS A 1 99  ? 7.434   0.803   -11.518 1.00 20.59 ? 98  LYS A CE  1 
ATOM   876  N  NZ  . LYS A 1 99  ? 6.070   1.096   -12.024 1.00 28.13 ? 98  LYS A NZ  1 
ATOM   877  N  N   A MET A 1 100 ? 9.562   1.042   -5.091  0.60 10.61 ? 99  MET A N   1 
ATOM   878  N  N   B MET A 1 100 ? 9.548   1.022   -5.119  0.40 12.01 ? 99  MET A N   1 
ATOM   879  C  CA  A MET A 1 100 ? 9.436   1.389   -3.675  0.60 11.11 ? 99  MET A CA  1 
ATOM   880  C  CA  B MET A 1 100 ? 9.507   1.217   -3.678  0.40 11.11 ? 99  MET A CA  1 
ATOM   881  C  C   A MET A 1 100 ? 10.454  0.565   -2.890  0.60 10.61 ? 99  MET A C   1 
ATOM   882  C  C   B MET A 1 100 ? 10.630  0.449   -3.059  0.40 29.40 ? 99  MET A C   1 
ATOM   883  O  O   A MET A 1 100 ? 10.228  -0.628  -2.670  0.60 12.55 ? 99  MET A O   1 
ATOM   884  O  O   B MET A 1 100 ? 10.643  -0.786  -3.067  0.40 16.10 ? 99  MET A O   1 
ATOM   885  C  CB  A MET A 1 100 ? 7.996   1.114   -3.213  0.60 9.05  ? 99  MET A CB  1 
ATOM   886  C  CB  B MET A 1 100 ? 8.218   0.687   -3.084  0.40 20.42 ? 99  MET A CB  1 
ATOM   887  C  CG  A MET A 1 100 ? 7.680   1.442   -1.754  0.60 8.38  ? 99  MET A CG  1 
ATOM   888  C  CG  B MET A 1 100 ? 7.054   1.602   -3.234  0.40 21.59 ? 99  MET A CG  1 
ATOM   889  S  SD  A MET A 1 100 ? 6.020   0.868   -1.343  0.60 8.99  ? 99  MET A SD  1 
ATOM   890  S  SD  B MET A 1 100 ? 5.808   1.136   -2.035  0.40 18.04 ? 99  MET A SD  1 
ATOM   891  C  CE  A MET A 1 100 ? 5.651   1.863   0.112   0.60 9.38  ? 99  MET A CE  1 
ATOM   892  C  CE  B MET A 1 100 ? 6.390   1.987   -0.563  0.40 14.59 ? 99  MET A CE  1 
ATOM   893  N  N   . ASN A 1 101 ? 11.580  1.177   -2.509  1.00 14.29 ? 100 ASN A N   1 
ATOM   894  C  CA  . ASN A 1 101 ? 12.636  0.504   -1.769  1.00 15.21 ? 100 ASN A CA  1 
ATOM   895  C  C   . ASN A 1 101 ? 13.308  1.432   -0.771  1.00 13.62 ? 100 ASN A C   1 
ATOM   896  O  O   . ASN A 1 101 ? 13.064  2.647   -0.815  1.00 13.67 ? 100 ASN A O   1 
ATOM   897  C  CB  . ASN A 1 101 ? 13.610  -0.208  -2.707  1.00 18.59 ? 100 ASN A CB  1 
ATOM   898  C  CG  . ASN A 1 101 ? 14.032  0.670   -3.851  1.00 17.46 ? 100 ASN A CG  1 
ATOM   899  O  OD1 . ASN A 1 101 ? 14.525  1.800   -3.639  1.00 19.26 ? 100 ASN A OD1 1 
ATOM   900  N  ND2 . ASN A 1 101 ? 13.797  0.195   -5.074  1.00 14.05 ? 100 ASN A ND2 1 
ATOM   901  N  N   . GLY A 1 102 ? 14.088  0.867   0.151   1.00 12.86 ? 101 GLY A N   1 
ATOM   902  C  CA  . GLY A 1 102 ? 14.450  1.622   1.343   1.00 10.18 ? 101 GLY A CA  1 
ATOM   903  C  C   . GLY A 1 102 ? 13.289  1.693   2.332   1.00 10.54 ? 101 GLY A C   1 
ATOM   904  O  O   . GLY A 1 102 ? 12.234  1.062   2.172   1.00 10.99 ? 101 GLY A O   1 
ATOM   905  N  N   . GLU A 1 103 ? 13.483  2.478   3.377   1.00 10.66 ? 102 GLU A N   1 
ATOM   906  C  CA  . GLU A 1 103 ? 12.530  2.545   4.480   1.00 9.41  ? 102 GLU A CA  1 
ATOM   907  C  C   . GLU A 1 103 ? 11.410  3.539   4.199   1.00 7.99  ? 102 GLU A C   1 
ATOM   908  O  O   . GLU A 1 103 ? 11.619  4.613   3.588   1.00 9.80  ? 102 GLU A O   1 
ATOM   909  C  CB  . GLU A 1 103 ? 13.265  2.880   5.786   1.00 10.04 ? 102 GLU A CB  1 
ATOM   910  C  CG  . GLU A 1 103 ? 14.206  1.770   6.282   1.00 11.22 ? 102 GLU A CG  1 
ATOM   911  C  CD  . GLU A 1 103 ? 14.897  2.094   7.589   1.00 14.43 ? 102 GLU A CD  1 
ATOM   912  O  OE1 . GLU A 1 103 ? 14.567  3.125   8.206   1.00 15.18 ? 102 GLU A OE1 1 
ATOM   913  O  OE2 . GLU A 1 103 ? 15.781  1.302   7.978   1.00 16.35 ? 102 GLU A OE2 1 
ATOM   914  N  N   . TYR A 1 104 ? 10.206  3.148   4.658   1.00 8.97  ? 103 TYR A N   1 
ATOM   915  C  CA  A TYR A 1 104 ? 8.999   3.971   4.607   0.61 8.37  ? 103 TYR A CA  1 
ATOM   916  C  CA  B TYR A 1 104 ? 8.992   3.968   4.609   0.39 8.47  ? 103 TYR A CA  1 
ATOM   917  C  C   . TYR A 1 104 ? 8.284   3.913   5.945   1.00 8.52  ? 103 TYR A C   1 
ATOM   918  O  O   . TYR A 1 104 ? 8.482   2.954   6.738   1.00 8.97  ? 103 TYR A O   1 
ATOM   919  C  CB  A TYR A 1 104 ? 8.056   3.461   3.493   0.61 7.08  ? 103 TYR A CB  1 
ATOM   920  C  CB  B TYR A 1 104 ? 8.007   3.440   3.551   0.39 10.20 ? 103 TYR A CB  1 
ATOM   921  C  CG  A TYR A 1 104 ? 8.654   3.536   2.096   0.61 4.81  ? 103 TYR A CG  1 
ATOM   922  C  CG  B TYR A 1 104 ? 8.353   3.783   2.123   0.39 5.80  ? 103 TYR A CG  1 
ATOM   923  C  CD1 A TYR A 1 104 ? 8.277   4.548   1.225   0.61 7.15  ? 103 TYR A CD1 1 
ATOM   924  C  CD1 B TYR A 1 104 ? 7.743   4.847   1.483   0.39 4.24  ? 103 TYR A CD1 1 
ATOM   925  C  CD2 A TYR A 1 104 ? 9.623   2.623   1.671   0.61 6.69  ? 103 TYR A CD2 1 
ATOM   926  C  CD2 B TYR A 1 104 ? 9.277   3.029   1.413   0.39 7.77  ? 103 TYR A CD2 1 
ATOM   927  C  CE1 A TYR A 1 104 ? 8.816   4.646   -0.030  0.61 7.57  ? 103 TYR A CE1 1 
ATOM   928  C  CE1 B TYR A 1 104 ? 8.058   5.163   0.167   0.39 9.33  ? 103 TYR A CE1 1 
ATOM   929  C  CE2 A TYR A 1 104 ? 10.171  2.708   0.392   0.61 7.36  ? 103 TYR A CE2 1 
ATOM   930  C  CE2 B TYR A 1 104 ? 9.596   3.327   0.101   0.39 6.35  ? 103 TYR A CE2 1 
ATOM   931  C  CZ  A TYR A 1 104 ? 9.761   3.730   -0.454  0.61 7.20  ? 103 TYR A CZ  1 
ATOM   932  C  CZ  B TYR A 1 104 ? 8.993   4.406   -0.509  0.39 7.20  ? 103 TYR A CZ  1 
ATOM   933  O  OH  A TYR A 1 104 ? 10.272  3.911   -1.720  0.61 6.64  ? 103 TYR A OH  1 
ATOM   934  O  OH  B TYR A 1 104 ? 9.315   4.708   -1.809  0.39 10.82 ? 103 TYR A OH  1 
ATOM   935  N  N   . VAL A 1 105 ? 7.423   4.901   6.189   1.00 8.13  ? 104 VAL A N   1 
ATOM   936  C  CA  A VAL A 1 105 ? 6.633   4.937   7.415   0.46 7.83  ? 104 VAL A CA  1 
ATOM   937  C  CA  B VAL A 1 105 ? 6.611   4.901   7.406   0.54 7.08  ? 104 VAL A CA  1 
ATOM   938  C  C   . VAL A 1 105 ? 5.206   5.346   7.085   1.00 7.45  ? 104 VAL A C   1 
ATOM   939  O  O   . VAL A 1 105 ? 4.989   6.321   6.346   1.00 8.52  ? 104 VAL A O   1 
ATOM   940  C  CB  A VAL A 1 105 ? 7.258   5.908   8.461   0.46 8.06  ? 104 VAL A CB  1 
ATOM   941  C  CB  B VAL A 1 105 ? 7.217   5.780   8.546   0.54 14.76 ? 104 VAL A CB  1 
ATOM   942  C  CG1 A VAL A 1 105 ? 6.497   5.862   9.782   0.46 17.37 ? 104 VAL A CG1 1 
ATOM   943  C  CG1 B VAL A 1 105 ? 7.369   7.212   8.103   0.54 8.22  ? 104 VAL A CG1 1 
ATOM   944  C  CG2 A VAL A 1 105 ? 8.740   5.559   8.697   0.46 11.80 ? 104 VAL A CG2 1 
ATOM   945  C  CG2 B VAL A 1 105 ? 6.378   5.680   9.844   0.54 7.49  ? 104 VAL A CG2 1 
ATOM   946  N  N   . LEU A 1 106 ? 4.252   4.588   7.603   1.00 8.55  ? 105 LEU A N   1 
ATOM   947  C  CA  . LEU A 1 106 ? 2.837   4.953   7.634   1.00 7.06  ? 105 LEU A CA  1 
ATOM   948  C  C   . LEU A 1 106 ? 2.557   5.482   9.023   1.00 8.30  ? 105 LEU A C   1 
ATOM   949  O  O   . LEU A 1 106 ? 2.935   4.850   10.031  1.00 8.30  ? 105 LEU A O   1 
ATOM   950  C  CB  . LEU A 1 106 ? 1.956   3.714   7.396   1.00 8.14  ? 105 LEU A CB  1 
ATOM   951  C  CG  . LEU A 1 106 ? 1.917   3.219   5.957   1.00 9.32  ? 105 LEU A CG  1 
ATOM   952  C  CD1 . LEU A 1 106 ? 1.577   1.708   5.884   1.00 9.68  ? 105 LEU A CD1 1 
ATOM   953  C  CD2 . LEU A 1 106 ? 0.916   3.988   5.123   1.00 10.40 ? 105 LEU A CD2 1 
ATOM   954  N  N   . ILE A 1 107 ? 1.957   6.676   9.092   1.00 9.79  ? 106 ILE A N   1 
ATOM   955  C  CA  . ILE A 1 107 ? 1.558   7.206   10.400  1.00 11.32 ? 106 ILE A CA  1 
ATOM   956  C  C   . ILE A 1 107 ? 0.095   7.555   10.465  1.00 11.37 ? 106 ILE A C   1 
ATOM   957  O  O   . ILE A 1 107 ? -0.489  8.045   9.492   1.00 10.57 ? 106 ILE A O   1 
ATOM   958  C  CB  . ILE A 1 107 ? 2.381   8.408   10.883  1.00 24.60 ? 106 ILE A CB  1 
ATOM   959  C  CG1 . ILE A 1 107 ? 2.134   9.600   9.980   1.00 15.97 ? 106 ILE A CG1 1 
ATOM   960  C  CG2 . ILE A 1 107 ? 3.862   8.050   11.005  1.00 15.15 ? 106 ILE A CG2 1 
ATOM   961  C  CD1 . ILE A 1 107 ? 2.553   10.914  10.625  1.00 20.93 ? 106 ILE A CD1 1 
ATOM   962  N  N   . LYS A 1 108 ? -0.500  7.301   11.634  1.00 11.53 ? 107 LYS A N   1 
ATOM   963  C  CA  . LYS A 1 108 ? -1.909  7.559   11.886  1.00 11.55 ? 107 LYS A CA  1 
ATOM   964  C  C   . LYS A 1 108 ? -2.012  8.731   12.849  1.00 13.69 ? 107 LYS A C   1 
ATOM   965  O  O   . LYS A 1 108 ? -1.395  8.727   13.899  1.00 16.09 ? 107 LYS A O   1 
ATOM   966  C  CB  . LYS A 1 108 ? -2.583  6.333   12.509  1.00 12.94 ? 107 LYS A CB  1 
ATOM   967  C  CG  . LYS A 1 108 ? -4.062  6.463   12.714  1.00 20.33 ? 107 LYS A CG  1 
ATOM   968  C  CD  . LYS A 1 108 ? -4.595  5.160   13.308  1.00 18.77 ? 107 LYS A CD  1 
ATOM   969  C  CE  . LYS A 1 108 ? -6.061  5.260   13.654  1.00 25.18 ? 107 LYS A CE  1 
ATOM   970  N  NZ  . LYS A 1 108 ? -6.561  3.924   14.108  1.00 30.21 ? 107 LYS A NZ  1 
ATOM   971  N  N   . THR A 1 109 ? -2.756  9.740   12.464  1.00 11.58 ? 108 THR A N   1 
ATOM   972  C  CA  . THR A 1 109 ? -3.058  10.855  13.357  1.00 11.59 ? 108 THR A CA  1 
ATOM   973  C  C   . THR A 1 109 ? -4.552  11.056  13.441  1.00 13.18 ? 108 THR A C   1 
ATOM   974  O  O   . THR A 1 109 ? -5.323  10.282  12.891  1.00 14.91 ? 108 THR A O   1 
ATOM   975  C  CB  . THR A 1 109 ? -2.470  12.157  12.822  1.00 12.20 ? 108 THR A CB  1 
ATOM   976  O  OG1 . THR A 1 109 ? -3.215  12.581  11.676  1.00 13.10 ? 108 THR A OG1 1 
ATOM   977  C  CG2 . THR A 1 109 ? -0.980  11.960  12.453  1.00 12.76 ? 108 THR A CG2 1 
ATOM   978  N  N   . LYS A 1 110 ? -4.997  12.123  14.091  1.00 13.56 ? 109 LYS A N   1 
ATOM   979  C  CA  . LYS A 1 110 ? -6.439  12.326  14.180  1.00 10.99 ? 109 LYS A CA  1 
ATOM   980  C  C   . LYS A 1 110 ? -7.090  12.673  12.833  1.00 13.56 ? 109 LYS A C   1 
ATOM   981  O  O   . LYS A 1 110 ? -8.321  12.670  12.704  1.00 16.03 ? 109 LYS A O   1 
ATOM   982  C  CB  . LYS A 1 110 ? -6.756  13.380  15.245  1.00 15.46 ? 109 LYS A CB  1 
ATOM   983  C  CG  . LYS A 1 110 ? -6.164  13.101  16.610  1.00 16.61 ? 109 LYS A CG  1 
ATOM   984  C  CD  . LYS A 1 110 ? -6.580  14.221  17.577  1.00 27.35 ? 109 LYS A CD  1 
ATOM   985  C  CE  . LYS A 1 110 ? -6.121  13.941  19.004  1.00 32.02 ? 109 LYS A CE  1 
ATOM   986  N  NZ  . LYS A 1 110 ? -4.658  13.669  19.041  1.00 61.20 ? 109 LYS A NZ  1 
ATOM   987  N  N   . VAL A 1 111 ? -6.299  12.960  11.805  1.00 11.50 ? 110 VAL A N   1 
ATOM   988  C  CA  . VAL A 1 111 ? -6.914  13.316  10.536  1.00 12.51 ? 110 VAL A CA  1 
ATOM   989  C  C   . VAL A 1 111 ? -6.830  12.160  9.548   1.00 9.06  ? 110 VAL A C   1 
ATOM   990  O  O   . VAL A 1 111 ? -7.316  12.272  8.434   1.00 13.61 ? 110 VAL A O   1 
ATOM   991  C  CB  . VAL A 1 111 ? -6.311  14.593  9.897   1.00 12.25 ? 110 VAL A CB  1 
ATOM   992  C  CG1 . VAL A 1 111 ? -6.646  15.815  10.760  1.00 16.52 ? 110 VAL A CG1 1 
ATOM   993  C  CG2 . VAL A 1 111 ? -4.796  14.456  9.645   1.00 13.40 ? 110 VAL A CG2 1 
ATOM   994  N  N   . GLY A 1 112 ? -6.237  11.054  9.967   1.00 10.44 ? 111 GLY A N   1 
ATOM   995  C  CA  . GLY A 1 112 ? -6.067  9.898   9.085   1.00 9.73  ? 111 GLY A CA  1 
ATOM   996  C  C   . GLY A 1 112 ? -4.607  9.478   8.962   1.00 8.79  ? 111 GLY A C   1 
ATOM   997  O  O   . GLY A 1 112 ? -3.845  9.560   9.922   1.00 12.40 ? 111 GLY A O   1 
ATOM   998  N  N   . TRP A 1 113 ? -4.217  8.978   7.786   1.00 8.62  ? 112 TRP A N   1 
ATOM   999  C  CA  . TRP A 1 113 ? -2.871  8.426   7.644   1.00 9.59  ? 112 TRP A CA  1 
ATOM   1000 C  C   . TRP A 1 113 ? -2.007  9.230   6.655   1.00 8.35  ? 112 TRP A C   1 
ATOM   1001 O  O   . TRP A 1 113 ? -2.525  9.890   5.741   1.00 9.77  ? 112 TRP A O   1 
ATOM   1002 C  CB  . TRP A 1 113 ? -2.922  6.993   7.132   1.00 10.50 ? 112 TRP A CB  1 
ATOM   1003 C  CG  . TRP A 1 113 ? -3.457  5.950   8.105   1.00 8.68  ? 112 TRP A CG  1 
ATOM   1004 C  CD1 . TRP A 1 113 ? -4.756  5.669   8.344   1.00 11.49 ? 112 TRP A CD1 1 
ATOM   1005 C  CD2 . TRP A 1 113 ? -2.690  5.052   8.905   1.00 9.07  ? 112 TRP A CD2 1 
ATOM   1006 N  NE1 . TRP A 1 113 ? -4.862  4.616   9.247   1.00 11.76 ? 112 TRP A NE1 1 
ATOM   1007 C  CE2 . TRP A 1 113 ? -3.608  4.228   9.600   1.00 10.25 ? 112 TRP A CE2 1 
ATOM   1008 C  CE3 . TRP A 1 113 ? -1.315  4.844   9.092   1.00 8.88  ? 112 TRP A CE3 1 
ATOM   1009 C  CZ2 . TRP A 1 113 ? -3.200  3.209   10.461  1.00 11.18 ? 112 TRP A CZ2 1 
ATOM   1010 C  CZ3 . TRP A 1 113 ? -0.896  3.825   9.976   1.00 9.57  ? 112 TRP A CZ3 1 
ATOM   1011 C  CH2 . TRP A 1 113 ? -1.857  3.014   10.641  1.00 11.61 ? 112 TRP A CH2 1 
ATOM   1012 N  N   . LEU A 1 114 ? -0.694  9.092   6.810   1.00 9.87  ? 113 LEU A N   1 
ATOM   1013 C  CA  . LEU A 1 114 ? 0.292   9.636   5.862   1.00 9.92  ? 113 LEU A CA  1 
ATOM   1014 C  C   . LEU A 1 114 ? 1.335   8.568   5.594   1.00 12.86 ? 113 LEU A C   1 
ATOM   1015 O  O   . LEU A 1 114 ? 1.661   7.783   6.470   1.00 12.40 ? 113 LEU A O   1 
ATOM   1016 C  CB  . LEU A 1 114 ? 1.066   10.810  6.431   1.00 17.60 ? 113 LEU A CB  1 
ATOM   1017 C  CG  . LEU A 1 114 ? 0.695   12.281  6.471   1.00 27.86 ? 113 LEU A CG  1 
ATOM   1018 C  CD1 . LEU A 1 114 ? 1.983   12.999  7.008   1.00 19.53 ? 113 LEU A CD1 1 
ATOM   1019 C  CD2 . LEU A 1 114 ? 0.203   12.844  5.116   1.00 16.34 ? 113 LEU A CD2 1 
ATOM   1020 N  N   . LEU A 1 115 ? 1.920   8.622   4.406   1.00 9.30  ? 114 LEU A N   1 
ATOM   1021 C  CA  . LEU A 1 115 ? 2.990   7.722   3.987   1.00 7.91  ? 114 LEU A CA  1 
ATOM   1022 C  C   . LEU A 1 115 ? 4.187   8.584   3.609   1.00 7.77  ? 114 LEU A C   1 
ATOM   1023 O  O   . LEU A 1 115 ? 4.053   9.502   2.764   1.00 9.56  ? 114 LEU A O   1 
ATOM   1024 C  CB  . LEU A 1 115 ? 2.551   6.904   2.792   1.00 8.32  ? 114 LEU A CB  1 
ATOM   1025 C  CG  . LEU A 1 115 ? 3.609   5.991   2.184   1.00 8.31  ? 114 LEU A CG  1 
ATOM   1026 C  CD1 . LEU A 1 115 ? 4.101   4.939   3.194   1.00 9.14  ? 114 LEU A CD1 1 
ATOM   1027 C  CD2 . LEU A 1 115 ? 3.021   5.307   0.920   1.00 10.70 ? 114 LEU A CD2 1 
ATOM   1028 N  N   . MET A 1 116 ? 5.339   8.290   4.196   1.00 8.94  ? 115 MET A N   1 
ATOM   1029 C  CA  . MET A 1 116 ? 6.562   9.022   3.932   1.00 8.06  ? 115 MET A CA  1 
ATOM   1030 C  C   . MET A 1 116 ? 7.700   8.064   3.647   1.00 11.03 ? 115 MET A C   1 
ATOM   1031 O  O   . MET A 1 116 ? 7.665   6.921   4.085   1.00 9.17  ? 115 MET A O   1 
ATOM   1032 C  CB  . MET A 1 116 ? 6.940   9.876   5.137   1.00 11.01 ? 115 MET A CB  1 
ATOM   1033 C  CG  . MET A 1 116 ? 5.905   10.956  5.447   1.00 15.33 ? 115 MET A CG  1 
ATOM   1034 S  SD  . MET A 1 116 ? 6.326   11.843  6.956   0.65 19.84 ? 115 MET A SD  1 
ATOM   1035 C  CE  . MET A 1 116 ? 8.001   12.090  6.524   1.00 21.67 ? 115 MET A CE  1 
ATOM   1036 N  N   . LYS A 1 117 ? 8.727   8.544   2.927   1.00 10.37 ? 116 LYS A N   1 
ATOM   1037 C  CA  . LYS A 1 117 ? 9.902   7.780   2.545   1.00 11.83 ? 116 LYS A CA  1 
ATOM   1038 C  C   . LYS A 1 117 ? 11.163  8.314   3.263   1.00 13.37 ? 116 LYS A C   1 
ATOM   1039 O  O   . LYS A 1 117 ? 11.384  9.528   3.269   1.00 16.16 ? 116 LYS A O   1 
ATOM   1040 C  CB  . LYS A 1 117 ? 10.102  7.898   1.016   1.00 12.34 ? 116 LYS A CB  1 
ATOM   1041 C  CG  . LYS A 1 117 ? 11.335  7.099   0.490   1.00 10.36 ? 116 LYS A CG  1 
ATOM   1042 C  CD  . LYS A 1 117 ? 11.433  7.205   -1.004  1.00 10.09 ? 116 LYS A CD  1 
ATOM   1043 C  CE  . LYS A 1 117 ? 12.700  6.636   -1.581  1.00 11.86 ? 116 LYS A CE  1 
ATOM   1044 N  NZ  . LYS A 1 117 ? 12.943  5.210   -1.226  1.00 18.71 ? 116 LYS A NZ  1 
ATOM   1045 N  N   A ALA A 1 118 ? 12.015  7.430   3.808   0.86 12.36 ? 117 ALA A N   1 
ATOM   1046 C  CA  A ALA A 1 118 ? 13.349  7.836   4.331   0.86 8.05  ? 117 ALA A CA  1 
ATOM   1047 C  C   A ALA A 1 118 ? 14.296  8.300   3.233   0.86 13.24 ? 117 ALA A C   1 
ATOM   1048 O  O   A ALA A 1 118 ? 14.310  7.791   2.110   0.86 13.20 ? 117 ALA A O   1 
ATOM   1049 C  CB  A ALA A 1 118 ? 13.972  6.668   5.068   0.86 15.00 ? 117 ALA A CB  1 
ATOM   1050 O  OXT A ALA A 1 118 ? 15.167  9.193   3.445   0.86 14.36 ? 117 ALA A OXT 1 
HETATM 1051 ZN ZN  . ZN  B 2 .   ? -8.306  0.780   -5.299  0.68 14.40 ? 200 ZN  A ZN  1 
HETATM 1052 P  P   . PO4 C 3 .   ? -10.269 -0.942  -3.510  0.76 11.89 ? 118 PO4 A P   1 
HETATM 1053 O  O1  . PO4 C 3 .   ? -10.492 -2.029  -4.528  0.76 14.34 ? 118 PO4 A O1  1 
HETATM 1054 O  O2  . PO4 C 3 .   ? -11.559 -0.615  -2.807  0.76 17.51 ? 118 PO4 A O2  1 
HETATM 1055 O  O3  . PO4 C 3 .   ? -9.196  -1.382  -2.502  0.76 12.38 ? 118 PO4 A O3  1 
HETATM 1056 O  O4  . PO4 C 3 .   ? -9.776  0.299   -4.201  0.76 13.28 ? 118 PO4 A O4  1 
HETATM 1057 C  C1  A PEG D 4 .   ? 13.620  -9.738  -9.008  0.35 31.98 ? 119 PEG A C1  1 
HETATM 1058 C  C1  B PEG D 4 .   ? 12.688  -7.896  -8.703  0.65 47.91 ? 119 PEG A C1  1 
HETATM 1059 O  O1  A PEG D 4 .   ? 13.158  -10.982 -9.149  0.35 7.63  ? 119 PEG A O1  1 
HETATM 1060 O  O1  B PEG D 4 .   ? 11.787  -7.661  -7.739  0.65 12.15 ? 119 PEG A O1  1 
HETATM 1061 C  C2  A PEG D 4 .   ? 12.546  -8.691  -9.296  0.35 42.45 ? 119 PEG A C2  1 
HETATM 1062 C  C2  B PEG D 4 .   ? 12.374  -7.135  -9.992  0.65 33.44 ? 119 PEG A C2  1 
HETATM 1063 O  O2  A PEG D 4 .   ? 13.065  -7.640  -10.187 0.35 12.68 ? 119 PEG A O2  1 
HETATM 1064 O  O2  B PEG D 4 .   ? 13.582  -6.651  -10.671 0.65 18.16 ? 119 PEG A O2  1 
HETATM 1065 C  C3  A PEG D 4 .   ? 13.964  -6.742  -9.737  0.35 40.21 ? 119 PEG A C3  1 
HETATM 1066 C  C3  B PEG D 4 .   ? 13.929  -5.333  -10.715 0.65 17.04 ? 119 PEG A C3  1 
HETATM 1067 C  C4  A PEG D 4 .   ? 14.182  -5.704  -10.790 0.35 30.64 ? 119 PEG A C4  1 
HETATM 1068 C  C4  B PEG D 4 .   ? 14.721  -5.097  -11.982 0.65 24.71 ? 119 PEG A C4  1 
HETATM 1069 O  O4  A PEG D 4 .   ? 14.388  -6.418  -11.972 0.35 10.67 ? 119 PEG A O4  1 
HETATM 1070 O  O4  B PEG D 4 .   ? 14.572  -3.774  -12.441 0.65 30.73 ? 119 PEG A O4  1 
HETATM 1071 O  O   . HOH E 5 .   ? 9.309   -13.293 -2.204  1.00 18.02 ? 120 HOH A O   1 
HETATM 1072 O  O   . HOH E 5 .   ? 13.079  -10.060 2.782   1.00 16.99 ? 121 HOH A O   1 
HETATM 1073 O  O   . HOH E 5 .   ? -0.362  -13.415 -0.092  1.00 23.70 ? 122 HOH A O   1 
HETATM 1074 O  O   . HOH E 5 .   ? -9.661  -10.190 4.193   1.00 21.21 ? 123 HOH A O   1 
HETATM 1075 O  O   . HOH E 5 .   ? -3.094  -0.593  11.694  1.00 21.15 ? 124 HOH A O   1 
HETATM 1076 O  O   . HOH E 5 .   ? -4.321  1.151   13.435  1.00 19.45 ? 125 HOH A O   1 
HETATM 1077 O  O   . HOH E 5 .   ? -8.453  8.513   -4.995  1.00 26.38 ? 126 HOH A O   1 
HETATM 1078 O  O   . HOH E 5 .   ? 4.937   -14.121 1.667   1.00 18.57 ? 127 HOH A O   1 
HETATM 1079 O  O   . HOH E 5 .   ? -14.568 -1.951  -15.019 1.00 23.90 ? 128 HOH A O   1 
HETATM 1080 O  O   . HOH E 5 .   ? -3.454  11.220  -8.732  1.00 21.88 ? 129 HOH A O   1 
HETATM 1081 O  O   . HOH E 5 .   ? -14.459 -7.897  -15.204 1.00 19.59 ? 130 HOH A O   1 
HETATM 1082 O  O   . HOH E 5 .   ? 8.089   -14.462 -0.116  1.00 24.15 ? 131 HOH A O   1 
HETATM 1083 O  O   . HOH E 5 .   ? 0.393   12.241  15.963  1.00 20.80 ? 132 HOH A O   1 
HETATM 1084 O  O   . HOH E 5 .   ? -5.475  -5.785  11.529  1.00 20.71 ? 133 HOH A O   1 
HETATM 1085 O  O   . HOH E 5 .   ? -10.015 0.569   -16.146 1.00 22.44 ? 134 HOH A O   1 
HETATM 1086 O  O   . HOH E 5 .   ? 11.138  -9.893  4.468   1.00 20.74 ? 135 HOH A O   1 
HETATM 1087 O  O   . HOH E 5 .   ? -6.462  -10.309 10.547  1.00 18.98 ? 136 HOH A O   1 
HETATM 1088 O  O   . HOH E 5 .   ? 4.516   16.738  -2.785  1.00 24.50 ? 137 HOH A O   1 
HETATM 1089 O  O   . HOH E 5 .   ? 0.426   -14.152 6.445   1.00 33.64 ? 138 HOH A O   1 
HETATM 1090 O  O   . HOH E 5 .   ? 5.366   7.321   -7.468  1.00 30.21 ? 139 HOH A O   1 
HETATM 1091 O  O   . HOH E 5 .   ? -2.512  14.909  5.536   1.00 23.98 ? 140 HOH A O   1 
HETATM 1092 O  O   A HOH E 5 .   ? 3.179   -11.307 6.991   0.49 14.78 ? 141 HOH A O   1 
HETATM 1093 O  O   B HOH E 5 .   ? 3.151   -10.360 7.990   0.51 20.49 ? 141 HOH A O   1 
HETATM 1094 O  O   . HOH E 5 .   ? 14.910  -12.575 0.422   1.00 27.09 ? 142 HOH A O   1 
HETATM 1095 O  O   . HOH E 5 .   ? 1.803   -9.570  10.891  1.00 31.75 ? 143 HOH A O   1 
HETATM 1096 O  O   . HOH E 5 .   ? 3.554   4.568   17.899  1.00 27.67 ? 144 HOH A O   1 
HETATM 1097 O  O   . HOH E 5 .   ? 0.433   9.543   15.581  1.00 24.16 ? 145 HOH A O   1 
HETATM 1098 O  O   . HOH E 5 .   ? 2.518   7.938   14.681  1.00 17.81 ? 146 HOH A O   1 
HETATM 1099 O  O   . HOH E 5 .   ? -12.518 -7.106  4.692   1.00 25.20 ? 147 HOH A O   1 
HETATM 1100 O  O   . HOH E 5 .   ? 9.094   5.345   -3.637  1.00 19.45 ? 148 HOH A O   1 
HETATM 1101 O  O   A HOH E 5 .   ? -0.664  -10.057 13.792  0.68 21.75 ? 149 HOH A O   1 
HETATM 1102 O  O   B HOH E 5 .   ? 1.331   -9.805  12.948  0.32 15.13 ? 149 HOH A O   1 
HETATM 1103 O  O   . HOH E 5 .   ? -10.241 -8.787  8.135   1.00 29.61 ? 150 HOH A O   1 
HETATM 1104 O  O   . HOH E 5 .   ? -7.294  -7.679  10.367  1.00 21.03 ? 151 HOH A O   1 
HETATM 1105 O  O   . HOH E 5 .   ? 6.537   3.991   -12.369 1.00 26.59 ? 152 HOH A O   1 
HETATM 1106 O  O   . HOH E 5 .   ? 14.583  2.143   -7.344  1.00 25.94 ? 153 HOH A O   1 
HETATM 1107 O  O   . HOH E 5 .   ? -4.388  0.102   -14.002 1.00 29.63 ? 154 HOH A O   1 
HETATM 1108 O  O   . HOH E 5 .   ? -10.306 -10.563 6.396   1.00 27.29 ? 155 HOH A O   1 
HETATM 1109 O  O   . HOH E 5 .   ? -8.851  5.852   -13.282 1.00 25.53 ? 156 HOH A O   1 
HETATM 1110 O  O   . HOH E 5 .   ? 2.794   6.821   -8.631  1.00 31.99 ? 157 HOH A O   1 
HETATM 1111 O  O   . HOH E 5 .   ? 13.340  -3.702  14.252  1.00 29.04 ? 158 HOH A O   1 
HETATM 1112 O  O   . HOH E 5 .   ? -0.911  6.384   -14.577 1.00 24.84 ? 159 HOH A O   1 
HETATM 1113 O  O   . HOH E 5 .   ? -9.368  10.301  -3.376  1.00 27.46 ? 160 HOH A O   1 
HETATM 1114 O  O   . HOH E 5 .   ? -8.728  11.580  -5.806  1.00 31.49 ? 161 HOH A O   1 
HETATM 1115 O  O   . HOH E 5 .   ? 12.309  -0.533  15.874  1.00 42.43 ? 162 HOH A O   1 
HETATM 1116 O  O   . HOH E 5 .   ? -3.844  13.792  -8.394  1.00 25.90 ? 163 HOH A O   1 
HETATM 1117 O  O   . HOH E 5 .   ? -17.644 9.327   -12.132 1.00 40.82 ? 164 HOH A O   1 
HETATM 1118 O  O   . HOH E 5 .   ? -6.440  -15.492 10.068  1.00 34.48 ? 165 HOH A O   1 
HETATM 1119 O  O   . HOH E 5 .   ? -3.113  0.260   -18.236 1.00 40.20 ? 166 HOH A O   1 
HETATM 1120 O  O   . HOH E 5 .   ? -0.835  11.420  -9.571  1.00 32.95 ? 167 HOH A O   1 
HETATM 1121 O  O   . HOH E 5 .   ? -9.058  -5.399  10.547  1.00 29.06 ? 168 HOH A O   1 
HETATM 1122 O  O   . HOH E 5 .   ? -12.397 -6.774  1.445   1.00 34.51 ? 169 HOH A O   1 
HETATM 1123 O  O   . HOH E 5 .   ? -3.885  -2.862  12.663  1.00 25.05 ? 170 HOH A O   1 
HETATM 1124 O  O   A HOH E 5 .   ? -3.056  14.219  15.482  0.42 21.98 ? 171 HOH A O   1 
HETATM 1125 O  O   B HOH E 5 .   ? -4.574  -10.950 -14.960 0.58 17.61 ? 171 HOH A O   1 
HETATM 1126 O  O   . HOH E 5 .   ? 16.239  15.910  1.075   1.00 27.67 ? 172 HOH A O   1 
HETATM 1127 O  O   . HOH E 5 .   ? 7.788   18.336  8.185   1.00 37.01 ? 173 HOH A O   1 
HETATM 1128 O  O   . HOH E 5 .   ? -4.804  -0.255  -16.621 1.00 31.73 ? 174 HOH A O   1 
HETATM 1129 O  O   . HOH E 5 .   ? 5.210   -14.516 5.623   1.00 29.44 ? 175 HOH A O   1 
HETATM 1130 O  O   . HOH E 5 .   ? -16.147 -6.183  -16.788 1.00 24.29 ? 176 HOH A O   1 
HETATM 1131 O  O   . HOH E 5 .   ? -13.459 -2.431  -2.717  1.00 27.81 ? 177 HOH A O   1 
HETATM 1132 O  O   . HOH E 5 .   ? -6.741  3.240   -18.144 1.00 15.15 ? 178 HOH A O   1 
HETATM 1133 O  O   . HOH E 5 .   ? 12.824  -5.947  -5.751  1.00 19.17 ? 179 HOH A O   1 
HETATM 1134 O  O   . HOH E 5 .   ? -6.125  13.429  -2.261  1.00 26.53 ? 180 HOH A O   1 
HETATM 1135 O  O   . HOH E 5 .   ? 5.535   -1.482  19.561  1.00 25.63 ? 181 HOH A O   1 
HETATM 1136 O  O   . HOH E 5 .   ? 9.138   -6.539  -7.901  1.00 34.91 ? 182 HOH A O   1 
HETATM 1137 O  O   A HOH E 5 .   ? 5.510   16.620  1.252   0.54 17.53 ? 183 HOH A O   1 
HETATM 1138 O  O   B HOH E 5 .   ? 4.807   16.684  0.230   0.46 9.95  ? 183 HOH A O   1 
HETATM 1139 O  O   . HOH E 5 .   ? -12.282 -7.306  7.189   1.00 28.13 ? 184 HOH A O   1 
HETATM 1140 O  O   . HOH E 5 .   ? 18.386  8.303   5.638   1.00 28.55 ? 185 HOH A O   1 
HETATM 1141 O  O   . HOH E 5 .   ? 12.741  4.150   -4.004  1.00 25.39 ? 186 HOH A O   1 
HETATM 1142 O  O   . HOH E 5 .   ? -16.308 4.874   -0.766  1.00 22.14 ? 187 HOH A O   1 
HETATM 1143 O  O   . HOH E 5 .   ? -12.020 -13.594 4.514   1.00 28.33 ? 188 HOH A O   1 
HETATM 1144 O  O   . HOH E 5 .   ? -19.073 1.030   -11.140 1.00 28.27 ? 189 HOH A O   1 
HETATM 1145 O  O   . HOH E 5 .   ? 3.406   6.519   -11.449 1.00 34.73 ? 190 HOH A O   1 
HETATM 1146 O  O   . HOH E 5 .   ? 9.629   17.755  -3.053  1.00 24.75 ? 191 HOH A O   1 
HETATM 1147 O  O   . HOH E 5 .   ? 16.347  -1.205  7.609   1.00 32.02 ? 192 HOH A O   1 
HETATM 1148 O  O   . HOH E 5 .   ? -5.335  4.017   16.604  1.00 36.76 ? 193 HOH A O   1 
HETATM 1149 O  O   . HOH E 5 .   ? 16.881  -3.468  0.696   1.00 38.30 ? 194 HOH A O   1 
HETATM 1150 O  O   . HOH E 5 .   ? -6.616  8.608   14.867  1.00 40.83 ? 195 HOH A O   1 
HETATM 1151 O  O   A HOH E 5 .   ? -11.900 9.684   -2.357  0.56 22.59 ? 196 HOH A O   1 
HETATM 1152 O  O   B HOH E 5 .   ? -10.793 9.054   -1.972  0.44 32.26 ? 196 HOH A O   1 
HETATM 1153 O  O   . HOH E 5 .   ? 6.035   -5.860  -9.611  1.00 21.58 ? 197 HOH A O   1 
HETATM 1154 O  O   . HOH E 5 .   ? -6.651  14.169  4.864   1.00 43.23 ? 198 HOH A O   1 
HETATM 1155 O  O   . HOH E 5 .   ? -11.829 2.492   -6.294  1.00 26.89 ? 199 HOH A O   1 
HETATM 1156 O  O   . HOH E 5 .   ? 8.866   13.820  4.949   1.00 64.39 ? 201 HOH A O   1 
HETATM 1157 O  O   . HOH E 5 .   ? 3.479   -12.727 -4.519  1.00 33.59 ? 202 HOH A O   1 
HETATM 1158 O  O   . HOH E 5 .   ? 2.931   -13.743 -1.964  1.00 22.96 ? 203 HOH A O   1 
HETATM 1159 O  O   . HOH E 5 .   ? -6.717  9.597   -6.859  1.00 26.47 ? 204 HOH A O   1 
HETATM 1160 O  O   . HOH E 5 .   ? -1.015  0.623   19.804  1.00 46.81 ? 205 HOH A O   1 
HETATM 1161 O  O   . HOH E 5 .   ? 9.201   5.574   -8.139  1.00 35.31 ? 206 HOH A O   1 
HETATM 1162 O  O   . HOH E 5 .   ? -13.956 2.162   -7.944  1.00 33.73 ? 207 HOH A O   1 
HETATM 1163 O  O   . HOH E 5 .   ? -2.112  12.646  16.416  1.00 31.28 ? 208 HOH A O   1 
HETATM 1164 O  O   . HOH E 5 .   ? -8.692  11.612  -1.786  1.00 30.47 ? 209 HOH A O   1 
HETATM 1165 O  O   . HOH E 5 .   ? 12.557  4.091   -7.441  1.00 33.63 ? 210 HOH A O   1 
HETATM 1166 O  O   . HOH E 5 .   ? 8.264   -8.910  -6.836  1.00 23.44 ? 211 HOH A O   1 
HETATM 1167 O  O   . HOH E 5 .   ? 14.234  5.880   8.461   1.00 26.50 ? 212 HOH A O   1 
HETATM 1168 O  O   . HOH E 5 .   ? -8.411  5.717   16.444  1.00 36.34 ? 213 HOH A O   1 
HETATM 1169 O  O   . HOH E 5 .   ? -5.393  -4.890  -15.617 1.00 28.38 ? 214 HOH A O   1 
HETATM 1170 O  O   . HOH E 5 .   ? -4.193  -18.244 -4.812  1.00 37.28 ? 215 HOH A O   1 
HETATM 1171 O  O   . HOH E 5 .   ? -5.797  -16.420 3.540   1.00 35.82 ? 216 HOH A O   1 
HETATM 1172 O  O   . HOH E 5 .   ? 4.488   -5.284  -12.164 1.00 40.26 ? 217 HOH A O   1 
HETATM 1173 O  O   . HOH E 5 .   ? -0.384  3.096   -16.327 1.00 37.13 ? 218 HOH A O   1 
HETATM 1174 O  O   . HOH E 5 .   ? -8.543  -12.754 4.586   1.00 34.65 ? 219 HOH A O   1 
HETATM 1175 O  O   . HOH E 5 .   ? -4.509  -7.157  -16.885 1.00 32.92 ? 220 HOH A O   1 
HETATM 1176 O  O   . HOH E 5 .   ? 15.457  -11.913 3.823   1.00 35.99 ? 221 HOH A O   1 
HETATM 1177 O  O   . HOH E 5 .   ? -12.921 5.935   -7.176  1.00 34.78 ? 222 HOH A O   1 
HETATM 1178 O  O   . HOH E 5 .   ? 11.492  -1.310  -12.605 1.00 40.31 ? 223 HOH A O   1 
HETATM 1179 O  O   . HOH E 5 .   ? 17.021  2.097   -2.892  1.00 24.79 ? 224 HOH A O   1 
HETATM 1180 O  O   . HOH E 5 .   ? 3.242   6.907   16.969  1.00 29.58 ? 225 HOH A O   1 
HETATM 1181 O  O   A HOH E 5 .   ? 1.892   12.866  -6.518  0.46 15.90 ? 226 HOH A O   1 
HETATM 1182 O  O   B HOH E 5 .   ? 0.914   11.200  -8.158  0.54 26.27 ? 226 HOH A O   1 
HETATM 1183 O  O   . HOH E 5 .   ? -5.054  17.611  -6.823  1.00 36.33 ? 227 HOH A O   1 
HETATM 1184 O  O   . HOH E 5 .   ? 15.404  3.205   10.752  1.00 37.34 ? 228 HOH A O   1 
HETATM 1185 O  O   . HOH E 5 .   ? 3.495   0.417   -13.774 1.00 41.51 ? 229 HOH A O   1 
HETATM 1186 O  O   . HOH E 5 .   ? -4.831  -17.731 2.196   1.00 49.00 ? 230 HOH A O   1 
HETATM 1187 O  O   . HOH E 5 .   ? 15.938  -1.872  -12.421 1.00 47.02 ? 231 HOH A O   1 
HETATM 1188 O  O   . HOH E 5 .   ? 16.654  0.943   10.464  1.00 36.88 ? 232 HOH A O   1 
HETATM 1189 O  O   . HOH E 5 .   ? 1.537   -15.469 4.255   0.55 23.76 ? 233 HOH A O   1 
HETATM 1190 O  O   A HOH E 5 .   ? 7.209   -0.657  17.296  0.53 15.82 ? 234 HOH A O   1 
HETATM 1191 O  O   B HOH E 5 .   ? 7.728   -2.135  17.150  0.47 10.57 ? 234 HOH A O   1 
HETATM 1192 O  O   . HOH E 5 .   ? 5.095   -15.349 -0.972  1.00 34.05 ? 235 HOH A O   1 
HETATM 1193 O  O   . HOH E 5 .   ? -1.649  -18.943 8.623   1.00 39.19 ? 236 HOH A O   1 
HETATM 1194 O  O   . HOH E 5 .   ? -2.875  10.566  -10.797 1.00 44.96 ? 237 HOH A O   1 
HETATM 1195 O  O   . HOH E 5 .   ? -8.218  -12.544 9.756   1.00 38.16 ? 238 HOH A O   1 
HETATM 1196 O  O   . HOH E 5 .   ? -8.732  -6.851  -18.316 1.00 31.95 ? 239 HOH A O   1 
HETATM 1197 O  O   . HOH E 5 .   ? 13.061  17.175  0.904   1.00 55.47 ? 240 HOH A O   1 
HETATM 1198 O  O   . HOH E 5 .   ? 13.024  6.277   14.129  1.00 52.65 ? 241 HOH A O   1 
HETATM 1199 O  O   . HOH E 5 .   ? 17.703  -7.939  7.025   1.00 38.56 ? 242 HOH A O   1 
HETATM 1200 O  O   . HOH E 5 .   ? 8.197   -2.570  -10.439 1.00 36.31 ? 243 HOH A O   1 
HETATM 1201 O  O   . HOH E 5 .   ? -17.718 -3.673  -16.064 1.00 32.12 ? 244 HOH A O   1 
HETATM 1202 O  O   . HOH E 5 .   ? -8.273  -16.715 -0.668  1.00 17.09 ? 245 HOH A O   1 
HETATM 1203 O  O   . HOH E 5 .   ? 11.090  17.130  -0.534  1.00 36.81 ? 246 HOH A O   1 
HETATM 1204 O  O   . HOH E 5 .   ? 16.418  7.913   7.511   1.00 33.37 ? 247 HOH A O   1 
HETATM 1205 O  O   . HOH E 5 .   ? -4.711  -18.958 -2.431  1.00 36.13 ? 248 HOH A O   1 
HETATM 1206 O  O   . HOH E 5 .   ? 17.375  11.702  6.601   1.00 35.25 ? 249 HOH A O   1 
HETATM 1207 O  O   . HOH E 5 .   ? 17.347  -1.744  10.200  1.00 51.72 ? 250 HOH A O   1 
HETATM 1208 O  O   A HOH E 5 .   ? -5.872  -13.710 4.138   0.67 13.51 ? 251 HOH A O   1 
HETATM 1209 O  O   B HOH E 5 .   ? -6.784  -14.171 3.265   0.33 11.39 ? 251 HOH A O   1 
HETATM 1210 O  O   A HOH E 5 .   ? -5.604  -18.697 7.666   0.56 19.94 ? 252 HOH A O   1 
HETATM 1211 O  O   B HOH E 5 .   ? -4.991  -19.207 6.274   0.44 17.17 ? 252 HOH A O   1 
HETATM 1212 O  O   . HOH E 5 .   ? 11.868  4.598   16.638  1.00 47.11 ? 253 HOH A O   1 
HETATM 1213 O  O   . HOH E 5 .   ? -4.391  -13.200 -7.337  1.00 17.68 ? 254 HOH A O   1 
HETATM 1214 O  O   . HOH E 5 .   ? 14.849  11.089  5.547   1.00 26.99 ? 255 HOH A O   1 
HETATM 1215 O  O   . HOH E 5 .   ? -9.111  -13.555 7.437   1.00 48.68 ? 256 HOH A O   1 
HETATM 1216 O  O   . HOH E 5 .   ? -5.864  12.091  6.204   1.00 25.95 ? 257 HOH A O   1 
HETATM 1217 O  O   . HOH E 5 .   ? -3.425  12.413  6.666   1.00 16.18 ? 258 HOH A O   1 
HETATM 1218 O  O   . HOH E 5 .   ? 9.900   4.939   17.693  1.00 39.49 ? 259 HOH A O   1 
HETATM 1219 O  O   . HOH E 5 .   ? 8.888   11.049  1.958   1.00 17.41 ? 260 HOH A O   1 
HETATM 1220 O  O   . HOH E 5 .   ? -20.864 -6.101  -12.761 1.00 28.87 ? 261 HOH A O   1 
HETATM 1221 O  O   . HOH E 5 .   ? -2.323  -13.756 -5.863  1.00 33.52 ? 262 HOH A O   1 
HETATM 1222 O  O   . HOH E 5 .   ? 6.213   15.894  -4.546  1.00 48.51 ? 263 HOH A O   1 
HETATM 1223 O  O   . HOH E 5 .   ? -2.433  2.736   -19.079 1.00 37.88 ? 264 HOH A O   1 
HETATM 1224 O  O   . HOH E 5 .   ? 4.007   16.261  -6.802  1.00 35.46 ? 265 HOH A O   1 
HETATM 1225 O  O   . HOH E 5 .   ? 11.217  4.006   -10.046 1.00 51.61 ? 266 HOH A O   1 
HETATM 1226 O  O   A HOH E 5 .   ? -8.449  0.942   -18.186 0.70 23.97 ? 267 HOH A O   1 
HETATM 1227 O  O   B HOH E 5 .   ? -7.260  0.534   -17.780 0.30 16.03 ? 267 HOH A O   1 
HETATM 1228 O  O   . HOH E 5 .   ? 0.361   -15.368 1.466   1.00 46.15 ? 268 HOH A O   1 
HETATM 1229 O  O   . HOH E 5 .   ? -0.388  -16.173 -7.140  1.00 50.78 ? 269 HOH A O   1 
HETATM 1230 O  O   . HOH E 5 .   ? 11.332  11.731  4.624   1.00 24.91 ? 270 HOH A O   1 
HETATM 1231 O  O   . HOH E 5 .   ? 2.532   4.721   -13.551 1.00 39.85 ? 271 HOH A O   1 
HETATM 1232 O  O   . HOH E 5 .   ? -2.634  -18.624 6.209   1.00 39.48 ? 272 HOH A O   1 
HETATM 1233 O  O   . HOH E 5 .   ? -7.950  -1.529  8.125   1.00 33.08 ? 273 HOH A O   1 
HETATM 1234 O  O   A HOH E 5 .   ? -14.546 2.598   -4.572  0.54 31.96 ? 274 HOH A O   1 
HETATM 1235 O  O   B HOH E 5 .   ? -13.234 1.013   -3.959  0.46 12.63 ? 274 HOH A O   1 
HETATM 1236 O  O   . HOH E 5 .   ? -16.078 1.584   -6.503  1.00 29.46 ? 275 HOH A O   1 
HETATM 1237 O  O   . HOH E 5 .   ? 11.975  -7.286  10.391  1.00 57.31 ? 276 HOH A O   1 
HETATM 1238 O  O   . HOH E 5 .   ? 14.767  4.578   -4.435  1.00 50.22 ? 277 HOH A O   1 
HETATM 1239 O  O   . HOH E 5 .   ? -8.813  -2.226  0.528   1.00 11.68 ? 278 HOH A O   1 
HETATM 1240 O  O   . HOH E 5 .   ? 11.797  -10.503 6.485   1.00 43.91 ? 279 HOH A O   1 
HETATM 1241 O  O   . HOH E 5 .   ? 7.482   2.076   17.648  1.00 29.73 ? 280 HOH A O   1 
HETATM 1242 O  O   . HOH E 5 .   ? 1.734   9.366   -8.944  1.00 41.81 ? 281 HOH A O   1 
HETATM 1243 O  O   . HOH E 5 .   ? -13.382 -3.729  -0.111  1.00 29.31 ? 282 HOH A O   1 
HETATM 1244 O  O   . HOH E 5 .   ? 3.720   -13.026 5.119   0.71 38.16 ? 283 HOH A O   1 
HETATM 1245 O  O   . HOH E 5 .   ? 18.892  -9.825  5.881   1.00 36.97 ? 284 HOH A O   1 
HETATM 1246 O  O   . HOH E 5 .   ? 4.850   -11.926 -6.477  1.00 43.06 ? 285 HOH A O   1 
HETATM 1247 O  O   . HOH E 5 .   ? 10.757  -5.318  -12.604 1.00 38.09 ? 286 HOH A O   1 
HETATM 1248 O  O   . HOH E 5 .   ? 13.823  5.101   1.676   1.00 15.20 ? 287 HOH A O   1 
HETATM 1249 O  O   . HOH E 5 .   ? -6.556  13.792  -4.777  1.00 36.08 ? 288 HOH A O   1 
HETATM 1250 O  O   . HOH E 5 .   ? -0.964  -15.153 -1.560  1.00 38.10 ? 289 HOH A O   1 
HETATM 1251 O  O   . HOH E 5 .   ? 2.050   -4.812  -14.193 1.00 39.73 ? 290 HOH A O   1 
HETATM 1252 O  O   . HOH E 5 .   ? 1.269   -15.613 -3.082  1.00 35.95 ? 291 HOH A O   1 
HETATM 1253 O  O   . HOH E 5 .   ? -2.574  -15.290 -8.337  1.00 21.65 ? 292 HOH A O   1 
HETATM 1254 O  O   C HOH E 5 .   ? 17.876  9.807   3.389   0.83 11.97 ? 293 HOH A O   1 
HETATM 1255 O  O   . HOH E 5 .   ? 14.469  -3.602  -3.325  1.00 8.72  ? 294 HOH A O   1 
HETATM 1256 O  O   . HOH E 5 .   ? -6.697  -2.845  5.645   1.00 10.12 ? 295 HOH A O   1 
HETATM 1257 O  O   . HOH E 5 .   ? -7.853  6.843   6.553   1.00 10.44 ? 296 HOH A O   1 
HETATM 1258 O  O   . HOH E 5 .   ? -6.411  9.069   5.758   1.00 11.87 ? 297 HOH A O   1 
HETATM 1259 O  O   . HOH E 5 .   ? 3.878   -9.173  -3.941  1.00 11.54 ? 298 HOH A O   1 
HETATM 1260 O  O   . HOH E 5 .   ? -2.188  11.742  9.257   1.00 11.99 ? 299 HOH A O   1 
HETATM 1261 O  O   . HOH E 5 .   ? -6.335  -2.042  -6.749  1.00 11.88 ? 300 HOH A O   1 
HETATM 1262 O  O   . HOH E 5 .   ? -4.924  -0.823  6.808   1.00 11.24 ? 301 HOH A O   1 
HETATM 1263 O  O   . HOH E 5 .   ? -0.687  -1.108  13.005  1.00 14.46 ? 302 HOH A O   1 
HETATM 1264 O  O   . HOH E 5 .   ? -14.710 10.111  -12.212 1.00 16.05 ? 303 HOH A O   1 
HETATM 1265 O  O   . HOH E 5 .   ? -8.546  -3.471  -5.960  1.00 12.91 ? 304 HOH A O   1 
HETATM 1266 O  O   . HOH E 5 .   ? 11.710  -8.304  -3.012  1.00 12.15 ? 305 HOH A O   1 
HETATM 1267 O  O   . HOH E 5 .   ? -1.875  -7.229  -7.377  1.00 11.79 ? 306 HOH A O   1 
HETATM 1268 O  O   . HOH E 5 .   ? 0.608   -11.910 8.135   1.00 23.43 ? 307 HOH A O   1 
HETATM 1269 O  O   . HOH E 5 .   ? 2.605   4.819   -6.638  1.00 19.51 ? 308 HOH A O   1 
HETATM 1270 O  O   A HOH E 5 .   ? -1.043  9.382   -2.022  0.61 7.95  ? 309 HOH A O   1 
HETATM 1271 O  O   B HOH E 5 .   ? -1.571  10.240  -2.059  0.39 9.69  ? 309 HOH A O   1 
HETATM 1272 O  O   . HOH E 5 .   ? 13.951  -9.606  -1.610  1.00 18.66 ? 310 HOH A O   1 
HETATM 1273 O  O   . HOH E 5 .   ? -6.187  -15.754 0.936   1.00 14.96 ? 311 HOH A O   1 
HETATM 1274 O  O   . HOH E 5 .   ? 2.145   -9.326  -6.100  1.00 13.50 ? 312 HOH A O   1 
HETATM 1275 O  O   . HOH E 5 .   ? 3.931   -7.844  9.301   1.00 18.19 ? 313 HOH A O   1 
HETATM 1276 O  O   . HOH E 5 .   ? 2.837   -7.311  11.915  1.00 14.67 ? 314 HOH A O   1 
HETATM 1277 O  O   . HOH E 5 .   ? 15.349  -1.850  0.022   1.00 17.01 ? 315 HOH A O   1 
HETATM 1278 O  O   A HOH E 5 .   ? 8.447   -8.238  7.684   0.53 11.52 ? 316 HOH A O   1 
HETATM 1279 O  O   B HOH E 5 .   ? 9.090   -8.626  8.449   0.47 13.46 ? 316 HOH A O   1 
HETATM 1280 O  O   . HOH E 5 .   ? -8.924  13.968  6.932   1.00 17.60 ? 317 HOH A O   1 
HETATM 1281 O  O   . HOH E 5 .   ? -10.915 -4.600  7.140   1.00 17.51 ? 318 HOH A O   1 
HETATM 1282 O  O   . HOH E 5 .   ? -6.550  2.302   12.219  1.00 16.73 ? 319 HOH A O   1 
HETATM 1283 O  O   . HOH E 5 .   ? -9.389  -12.459 -3.068  1.00 22.00 ? 320 HOH A O   1 
HETATM 1284 O  O   A HOH E 5 .   ? -1.176  13.641  -0.503  0.59 10.19 ? 321 HOH A O   1 
HETATM 1285 O  O   B HOH E 5 .   ? -1.230  13.010  -1.341  0.41 12.33 ? 321 HOH A O   1 
HETATM 1286 O  O   . HOH E 5 .   ? -4.607  -0.411  9.478   1.00 17.04 ? 322 HOH A O   1 
HETATM 1287 O  O   . HOH E 5 .   ? -7.931  -13.483 -4.460  1.00 23.81 ? 323 HOH A O   1 
HETATM 1288 O  O   . HOH E 5 .   ? -14.682 3.189   -10.716 1.00 24.96 ? 324 HOH A O   1 
HETATM 1289 O  O   A HOH E 5 .   ? -7.341  0.121   -1.000  0.51 19.61 ? 325 HOH A O   1 
HETATM 1290 O  O   B HOH E 5 .   ? -8.149  0.727   -1.312  0.49 8.82  ? 325 HOH A O   1 
HETATM 1291 O  O   . HOH E 5 .   ? -9.806  -9.863  -0.960  1.00 16.48 ? 326 HOH A O   1 
HETATM 1292 O  O   . HOH E 5 .   ? -0.319  -15.321 -9.491  1.00 29.75 ? 327 HOH A O   1 
# 
loop_
_atom_site_anisotrop.id 
_atom_site_anisotrop.type_symbol 
_atom_site_anisotrop.pdbx_label_atom_id 
_atom_site_anisotrop.pdbx_label_alt_id 
_atom_site_anisotrop.pdbx_label_comp_id 
_atom_site_anisotrop.pdbx_label_asym_id 
_atom_site_anisotrop.pdbx_label_seq_id 
_atom_site_anisotrop.pdbx_PDB_ins_code 
_atom_site_anisotrop.U[1][1] 
_atom_site_anisotrop.U[2][2] 
_atom_site_anisotrop.U[3][3] 
_atom_site_anisotrop.U[1][2] 
_atom_site_anisotrop.U[1][3] 
_atom_site_anisotrop.U[2][3] 
_atom_site_anisotrop.pdbx_auth_seq_id 
_atom_site_anisotrop.pdbx_auth_comp_id 
_atom_site_anisotrop.pdbx_auth_asym_id 
_atom_site_anisotrop.pdbx_auth_atom_id 
16   S  SD A MET A 2   ? 0.2758 0.3711 0.3646 0.0015  -0.0806 -0.0185 1   MET A SD 
17   S  SD B MET A 2   ? 0.3884 0.4288 0.3331 -0.0130 -0.0096 -0.0724 1   MET A SD 
224  S  SD . MET A 23  ? 0.1394 0.1214 0.1504 0.0058  -0.0015 0.0003  22  MET A SD 
584  S  SD . MET A 67  ? 0.1851 0.2733 0.2512 -0.0111 -0.0467 0.0030  66  MET A SD 
889  S  SD A MET A 100 ? 0.0913 0.1011 0.1494 0.0195  -0.0242 -0.0149 99  MET A SD 
890  S  SD B MET A 100 ? 0.1527 0.2379 0.2949 0.0166  -0.1097 0.0219  99  MET A SD 
1034 S  SD . MET A 116 ? 0.3101 0.2164 0.2275 0.0927  -0.0963 -0.1083 115 MET A SD 
1051 ZN ZN . ZN  B .   ? 0.1502 0.1823 0.2147 -0.0060 -0.0255 0.0216  200 ZN  A ZN 
# 
